data_5X7B
# 
_entry.id   5X7B 
# 
_audit_conform.dict_name       mmcif_pdbx.dic 
_audit_conform.dict_version    5.397 
_audit_conform.dict_location   http://mmcif.pdb.org/dictionaries/ascii/mmcif_pdbx.dic 
# 
loop_
_database_2.database_id 
_database_2.database_code 
_database_2.pdbx_database_accession 
_database_2.pdbx_DOI 
PDB   5X7B         pdb_00005x7b 10.2210/pdb5x7b/pdb 
WWPDB D_1300002901 ?            ?                   
# 
loop_
_pdbx_audit_revision_history.ordinal 
_pdbx_audit_revision_history.data_content_type 
_pdbx_audit_revision_history.major_revision 
_pdbx_audit_revision_history.minor_revision 
_pdbx_audit_revision_history.revision_date 
1 'Structure model' 1 0 2017-09-13 
2 'Structure model' 1 1 2017-10-18 
3 'Structure model' 1 2 2023-11-22 
4 'Structure model' 1 3 2024-10-23 
# 
_pdbx_audit_revision_details.ordinal             1 
_pdbx_audit_revision_details.revision_ordinal    1 
_pdbx_audit_revision_details.data_content_type   'Structure model' 
_pdbx_audit_revision_details.provider            repository 
_pdbx_audit_revision_details.type                'Initial release' 
_pdbx_audit_revision_details.description         ? 
_pdbx_audit_revision_details.details             ? 
# 
loop_
_pdbx_audit_revision_group.ordinal 
_pdbx_audit_revision_group.revision_ordinal 
_pdbx_audit_revision_group.data_content_type 
_pdbx_audit_revision_group.group 
1 2 'Structure model' 'Database references'    
2 3 'Structure model' 'Data collection'        
3 3 'Structure model' 'Database references'    
4 3 'Structure model' 'Refinement description' 
5 4 'Structure model' 'Structure summary'      
# 
loop_
_pdbx_audit_revision_category.ordinal 
_pdbx_audit_revision_category.revision_ordinal 
_pdbx_audit_revision_category.data_content_type 
_pdbx_audit_revision_category.category 
1 2 'Structure model' citation                      
2 2 'Structure model' citation_author               
3 3 'Structure model' chem_comp_atom                
4 3 'Structure model' chem_comp_bond                
5 3 'Structure model' database_2                    
6 3 'Structure model' pdbx_initial_refinement_model 
7 4 'Structure model' pdbx_entry_details            
8 4 'Structure model' pdbx_modification_feature     
# 
loop_
_pdbx_audit_revision_item.ordinal 
_pdbx_audit_revision_item.revision_ordinal 
_pdbx_audit_revision_item.data_content_type 
_pdbx_audit_revision_item.item 
1  2 'Structure model' '_citation.country'                   
2  2 'Structure model' '_citation.journal_abbrev'            
3  2 'Structure model' '_citation.journal_id_CSD'            
4  2 'Structure model' '_citation.journal_id_ISSN'           
5  2 'Structure model' '_citation.journal_volume'            
6  2 'Structure model' '_citation.page_first'                
7  2 'Structure model' '_citation.page_last'                 
8  2 'Structure model' '_citation.pdbx_database_id_DOI'      
9  2 'Structure model' '_citation.pdbx_database_id_PubMed'   
10 2 'Structure model' '_citation.title'                     
11 2 'Structure model' '_citation.year'                      
12 3 'Structure model' '_database_2.pdbx_DOI'                
13 3 'Structure model' '_database_2.pdbx_database_accession' 
# 
_pdbx_database_status.status_code                     REL 
_pdbx_database_status.status_code_sf                  REL 
_pdbx_database_status.status_code_mr                  ? 
_pdbx_database_status.entry_id                        5X7B 
_pdbx_database_status.recvd_initial_deposition_date   2017-02-24 
_pdbx_database_status.SG_entry                        N 
_pdbx_database_status.deposit_site                    PDBJ 
_pdbx_database_status.process_site                    PDBJ 
_pdbx_database_status.status_code_cs                  ? 
_pdbx_database_status.methods_development_category    ? 
_pdbx_database_status.pdb_format_compatible           Y 
_pdbx_database_status.status_code_nmr_data            ? 
# 
_pdbx_database_related.content_type   unspecified 
_pdbx_database_related.db_id          5X7C 
_pdbx_database_related.db_name        PDB 
_pdbx_database_related.details        . 
# 
loop_
_audit_author.name 
_audit_author.pdbx_ordinal 
_audit_author.identifier_ORCID 
'Senda, M.' 1 ? 
'Senda, T.' 2 ? 
# 
_citation.abstract                  ? 
_citation.abstract_id_CAS           ? 
_citation.book_id_ISBN              ? 
_citation.book_publisher            ? 
_citation.book_publisher_city       ? 
_citation.book_title                ? 
_citation.coordinate_linkage        ? 
_citation.country                   US 
_citation.database_id_Medline       ? 
_citation.details                   ? 
_citation.id                        primary 
_citation.journal_abbrev            'Cell Rep' 
_citation.journal_id_ASTM           ? 
_citation.journal_id_CSD            ? 
_citation.journal_id_ISSN           2211-1247 
_citation.journal_full              ? 
_citation.journal_issue             ? 
_citation.journal_volume            20 
_citation.language                  ? 
_citation.page_first                2876 
_citation.page_last                 2890 
_citation.title                     
;Differential Mechanisms for SHP2 Binding and Activation Are Exploited by Geographically Distinct Helicobacter pylori CagA Oncoproteins.
;
_citation.year                      2017 
_citation.database_id_CSD           ? 
_citation.pdbx_database_id_DOI      10.1016/j.celrep.2017.08.080 
_citation.pdbx_database_id_PubMed   28930683 
_citation.unpublished_flag          ? 
# 
loop_
_citation_author.citation_id 
_citation_author.name 
_citation_author.ordinal 
_citation_author.identifier_ORCID 
primary 'Hayashi, T.'    1  ? 
primary 'Senda, M.'      2  ? 
primary 'Suzuki, N.'     3  ? 
primary 'Nishikawa, H.'  4  ? 
primary 'Ben, C.'        5  ? 
primary 'Tang, C.'       6  ? 
primary 'Nagase, L.'     7  ? 
primary 'Inoue, K.'      8  ? 
primary 'Senda, T.'      9  ? 
primary 'Hatakeyama, M.' 10 ? 
# 
loop_
_entity.id 
_entity.type 
_entity.src_method 
_entity.pdbx_description 
_entity.formula_weight 
_entity.pdbx_number_of_molecules 
_entity.pdbx_ec 
_entity.pdbx_mutation 
_entity.pdbx_fragment 
_entity.details 
1 polymer man 'Tyrosine-protein phosphatase non-receptor type 11' 24818.900 1 3.1.3.48 ? 'SH2 (UNP RESIDUES 1-220)' ? 
2 polymer syn CagA                                                1512.551  2 ?        ? 'UNP RESIDUES 959-971'     ? 
3 water   nat water                                               18.015    2 ?        ? ?                          ? 
# 
_entity_name_com.entity_id   1 
_entity_name_com.name        'Protein-tyrosine phosphatase 1D,PTP-1D,Protein-tyrosine phosphatase 2C,PTP-2C,SH-PTP2,Shp2,SH-PTP3' 
# 
loop_
_entity_poly.entity_id 
_entity_poly.type 
_entity_poly.nstd_linkage 
_entity_poly.nstd_monomer 
_entity_poly.pdbx_seq_one_letter_code 
_entity_poly.pdbx_seq_one_letter_code_can 
_entity_poly.pdbx_strand_id 
_entity_poly.pdbx_target_identifier 
1 'polypeptide(L)' no no  
;MTSRRWFHPNITGVEAENLLLTRGVDGSFLARPSKSNPGDFTLSVRRNGAVTHIKIQNTGDYYDLYGGEKFATLAELVQY
YMEHHGQLKEKNGDVIELKYPLNCADPTSERWFHGHLSGKEAEKLLTEKGKHGSFLVRESQSHPGDFVLSVRTGDDKGES
NDGKSKVTHVMIRCQELKYDVGGGERFDSLTDLVEHYKKNPMVETLGTVLQLKQPLNTTR
;
;MTSRRWFHPNITGVEAENLLLTRGVDGSFLARPSKSNPGDFTLSVRRNGAVTHIKIQNTGDYYDLYGGEKFATLAELVQY
YMEHHGQLKEKNGDVIELKYPLNCADPTSERWFHGHLSGKEAEKLLTEKGKHGSFLVRESQSHPGDFVLSVRTGDDKGES
NDGKSKVTHVMIRCQELKYDVGGGERFDSLTDLVEHYKKNPMVETLGTVLQLKQPLNTTR
;
A   ? 
2 'polypeptide(L)' no yes 'VSPEPI(PTR)ATIDDL' VSPEPIYATIDDL L,N ? 
# 
_pdbx_entity_nonpoly.entity_id   3 
_pdbx_entity_nonpoly.name        water 
_pdbx_entity_nonpoly.comp_id     HOH 
# 
loop_
_entity_poly_seq.entity_id 
_entity_poly_seq.num 
_entity_poly_seq.mon_id 
_entity_poly_seq.hetero 
1 1   MET n 
1 2   THR n 
1 3   SER n 
1 4   ARG n 
1 5   ARG n 
1 6   TRP n 
1 7   PHE n 
1 8   HIS n 
1 9   PRO n 
1 10  ASN n 
1 11  ILE n 
1 12  THR n 
1 13  GLY n 
1 14  VAL n 
1 15  GLU n 
1 16  ALA n 
1 17  GLU n 
1 18  ASN n 
1 19  LEU n 
1 20  LEU n 
1 21  LEU n 
1 22  THR n 
1 23  ARG n 
1 24  GLY n 
1 25  VAL n 
1 26  ASP n 
1 27  GLY n 
1 28  SER n 
1 29  PHE n 
1 30  LEU n 
1 31  ALA n 
1 32  ARG n 
1 33  PRO n 
1 34  SER n 
1 35  LYS n 
1 36  SER n 
1 37  ASN n 
1 38  PRO n 
1 39  GLY n 
1 40  ASP n 
1 41  PHE n 
1 42  THR n 
1 43  LEU n 
1 44  SER n 
1 45  VAL n 
1 46  ARG n 
1 47  ARG n 
1 48  ASN n 
1 49  GLY n 
1 50  ALA n 
1 51  VAL n 
1 52  THR n 
1 53  HIS n 
1 54  ILE n 
1 55  LYS n 
1 56  ILE n 
1 57  GLN n 
1 58  ASN n 
1 59  THR n 
1 60  GLY n 
1 61  ASP n 
1 62  TYR n 
1 63  TYR n 
1 64  ASP n 
1 65  LEU n 
1 66  TYR n 
1 67  GLY n 
1 68  GLY n 
1 69  GLU n 
1 70  LYS n 
1 71  PHE n 
1 72  ALA n 
1 73  THR n 
1 74  LEU n 
1 75  ALA n 
1 76  GLU n 
1 77  LEU n 
1 78  VAL n 
1 79  GLN n 
1 80  TYR n 
1 81  TYR n 
1 82  MET n 
1 83  GLU n 
1 84  HIS n 
1 85  HIS n 
1 86  GLY n 
1 87  GLN n 
1 88  LEU n 
1 89  LYS n 
1 90  GLU n 
1 91  LYS n 
1 92  ASN n 
1 93  GLY n 
1 94  ASP n 
1 95  VAL n 
1 96  ILE n 
1 97  GLU n 
1 98  LEU n 
1 99  LYS n 
1 100 TYR n 
1 101 PRO n 
1 102 LEU n 
1 103 ASN n 
1 104 CYS n 
1 105 ALA n 
1 106 ASP n 
1 107 PRO n 
1 108 THR n 
1 109 SER n 
1 110 GLU n 
1 111 ARG n 
1 112 TRP n 
1 113 PHE n 
1 114 HIS n 
1 115 GLY n 
1 116 HIS n 
1 117 LEU n 
1 118 SER n 
1 119 GLY n 
1 120 LYS n 
1 121 GLU n 
1 122 ALA n 
1 123 GLU n 
1 124 LYS n 
1 125 LEU n 
1 126 LEU n 
1 127 THR n 
1 128 GLU n 
1 129 LYS n 
1 130 GLY n 
1 131 LYS n 
1 132 HIS n 
1 133 GLY n 
1 134 SER n 
1 135 PHE n 
1 136 LEU n 
1 137 VAL n 
1 138 ARG n 
1 139 GLU n 
1 140 SER n 
1 141 GLN n 
1 142 SER n 
1 143 HIS n 
1 144 PRO n 
1 145 GLY n 
1 146 ASP n 
1 147 PHE n 
1 148 VAL n 
1 149 LEU n 
1 150 SER n 
1 151 VAL n 
1 152 ARG n 
1 153 THR n 
1 154 GLY n 
1 155 ASP n 
1 156 ASP n 
1 157 LYS n 
1 158 GLY n 
1 159 GLU n 
1 160 SER n 
1 161 ASN n 
1 162 ASP n 
1 163 GLY n 
1 164 LYS n 
1 165 SER n 
1 166 LYS n 
1 167 VAL n 
1 168 THR n 
1 169 HIS n 
1 170 VAL n 
1 171 MET n 
1 172 ILE n 
1 173 ARG n 
1 174 CYS n 
1 175 GLN n 
1 176 GLU n 
1 177 LEU n 
1 178 LYS n 
1 179 TYR n 
1 180 ASP n 
1 181 VAL n 
1 182 GLY n 
1 183 GLY n 
1 184 GLY n 
1 185 GLU n 
1 186 ARG n 
1 187 PHE n 
1 188 ASP n 
1 189 SER n 
1 190 LEU n 
1 191 THR n 
1 192 ASP n 
1 193 LEU n 
1 194 VAL n 
1 195 GLU n 
1 196 HIS n 
1 197 TYR n 
1 198 LYS n 
1 199 LYS n 
1 200 ASN n 
1 201 PRO n 
1 202 MET n 
1 203 VAL n 
1 204 GLU n 
1 205 THR n 
1 206 LEU n 
1 207 GLY n 
1 208 THR n 
1 209 VAL n 
1 210 LEU n 
1 211 GLN n 
1 212 LEU n 
1 213 LYS n 
1 214 GLN n 
1 215 PRO n 
1 216 LEU n 
1 217 ASN n 
1 218 THR n 
1 219 THR n 
1 220 ARG n 
2 1   VAL n 
2 2   SER n 
2 3   PRO n 
2 4   GLU n 
2 5   PRO n 
2 6   ILE n 
2 7   PTR n 
2 8   ALA n 
2 9   THR n 
2 10  ILE n 
2 11  ASP n 
2 12  ASP n 
2 13  LEU n 
# 
_entity_src_gen.entity_id                          1 
_entity_src_gen.pdbx_src_id                        1 
_entity_src_gen.pdbx_alt_source_flag               sample 
_entity_src_gen.pdbx_seq_type                      'Biological sequence' 
_entity_src_gen.pdbx_beg_seq_num                   1 
_entity_src_gen.pdbx_end_seq_num                   220 
_entity_src_gen.gene_src_common_name               Human 
_entity_src_gen.gene_src_genus                     ? 
_entity_src_gen.pdbx_gene_src_gene                 'PTPN11, PTP2C, SHPTP2' 
_entity_src_gen.gene_src_species                   ? 
_entity_src_gen.gene_src_strain                    ? 
_entity_src_gen.gene_src_tissue                    ? 
_entity_src_gen.gene_src_tissue_fraction           ? 
_entity_src_gen.gene_src_details                   ? 
_entity_src_gen.pdbx_gene_src_fragment             ? 
_entity_src_gen.pdbx_gene_src_scientific_name      'Homo sapiens' 
_entity_src_gen.pdbx_gene_src_ncbi_taxonomy_id     9606 
_entity_src_gen.pdbx_gene_src_variant              ? 
_entity_src_gen.pdbx_gene_src_cell_line            ? 
_entity_src_gen.pdbx_gene_src_atcc                 ? 
_entity_src_gen.pdbx_gene_src_organ                ? 
_entity_src_gen.pdbx_gene_src_organelle            ? 
_entity_src_gen.pdbx_gene_src_cell                 ? 
_entity_src_gen.pdbx_gene_src_cellular_location    ? 
_entity_src_gen.host_org_common_name               ? 
_entity_src_gen.pdbx_host_org_scientific_name      
;Escherichia coli 'BL21-Gold(DE3)pLysS AG'
;
_entity_src_gen.pdbx_host_org_ncbi_taxonomy_id     866768 
_entity_src_gen.host_org_genus                     ? 
_entity_src_gen.pdbx_host_org_gene                 ? 
_entity_src_gen.pdbx_host_org_organ                ? 
_entity_src_gen.host_org_species                   ? 
_entity_src_gen.pdbx_host_org_tissue               ? 
_entity_src_gen.pdbx_host_org_tissue_fraction      ? 
_entity_src_gen.pdbx_host_org_strain               ? 
_entity_src_gen.pdbx_host_org_variant              ? 
_entity_src_gen.pdbx_host_org_cell_line            ? 
_entity_src_gen.pdbx_host_org_atcc                 ? 
_entity_src_gen.pdbx_host_org_culture_collection   ? 
_entity_src_gen.pdbx_host_org_cell                 ? 
_entity_src_gen.pdbx_host_org_organelle            ? 
_entity_src_gen.pdbx_host_org_cellular_location    ? 
_entity_src_gen.pdbx_host_org_vector_type          ? 
_entity_src_gen.pdbx_host_org_vector               ? 
_entity_src_gen.host_org_details                   ? 
_entity_src_gen.expression_system_id               ? 
_entity_src_gen.plasmid_name                       ? 
_entity_src_gen.plasmid_details                    ? 
_entity_src_gen.pdbx_description                   ? 
# 
_pdbx_entity_src_syn.entity_id              2 
_pdbx_entity_src_syn.pdbx_src_id            1 
_pdbx_entity_src_syn.pdbx_alt_source_flag   sample 
_pdbx_entity_src_syn.pdbx_beg_seq_num       1 
_pdbx_entity_src_syn.pdbx_end_seq_num       13 
_pdbx_entity_src_syn.organism_scientific    'Helicobacter pylori' 
_pdbx_entity_src_syn.organism_common_name   ? 
_pdbx_entity_src_syn.ncbi_taxonomy_id       210 
_pdbx_entity_src_syn.details                ? 
# 
loop_
_chem_comp.id 
_chem_comp.type 
_chem_comp.mon_nstd_flag 
_chem_comp.name 
_chem_comp.pdbx_synonyms 
_chem_comp.formula 
_chem_comp.formula_weight 
ALA 'L-peptide linking' y ALANINE           ?                 'C3 H7 N O2'     89.093  
ARG 'L-peptide linking' y ARGININE          ?                 'C6 H15 N4 O2 1' 175.209 
ASN 'L-peptide linking' y ASPARAGINE        ?                 'C4 H8 N2 O3'    132.118 
ASP 'L-peptide linking' y 'ASPARTIC ACID'   ?                 'C4 H7 N O4'     133.103 
CYS 'L-peptide linking' y CYSTEINE          ?                 'C3 H7 N O2 S'   121.158 
GLN 'L-peptide linking' y GLUTAMINE         ?                 'C5 H10 N2 O3'   146.144 
GLU 'L-peptide linking' y 'GLUTAMIC ACID'   ?                 'C5 H9 N O4'     147.129 
GLY 'peptide linking'   y GLYCINE           ?                 'C2 H5 N O2'     75.067  
HIS 'L-peptide linking' y HISTIDINE         ?                 'C6 H10 N3 O2 1' 156.162 
HOH non-polymer         . WATER             ?                 'H2 O'           18.015  
ILE 'L-peptide linking' y ISOLEUCINE        ?                 'C6 H13 N O2'    131.173 
LEU 'L-peptide linking' y LEUCINE           ?                 'C6 H13 N O2'    131.173 
LYS 'L-peptide linking' y LYSINE            ?                 'C6 H15 N2 O2 1' 147.195 
MET 'L-peptide linking' y METHIONINE        ?                 'C5 H11 N O2 S'  149.211 
PHE 'L-peptide linking' y PHENYLALANINE     ?                 'C9 H11 N O2'    165.189 
PRO 'L-peptide linking' y PROLINE           ?                 'C5 H9 N O2'     115.130 
PTR 'L-peptide linking' n O-PHOSPHOTYROSINE PHOSPHONOTYROSINE 'C9 H12 N O6 P'  261.168 
SER 'L-peptide linking' y SERINE            ?                 'C3 H7 N O3'     105.093 
THR 'L-peptide linking' y THREONINE         ?                 'C4 H9 N O3'     119.119 
TRP 'L-peptide linking' y TRYPTOPHAN        ?                 'C11 H12 N2 O2'  204.225 
TYR 'L-peptide linking' y TYROSINE          ?                 'C9 H11 N O3'    181.189 
VAL 'L-peptide linking' y VALINE            ?                 'C5 H11 N O2'    117.146 
# 
loop_
_pdbx_poly_seq_scheme.asym_id 
_pdbx_poly_seq_scheme.entity_id 
_pdbx_poly_seq_scheme.seq_id 
_pdbx_poly_seq_scheme.mon_id 
_pdbx_poly_seq_scheme.ndb_seq_num 
_pdbx_poly_seq_scheme.pdb_seq_num 
_pdbx_poly_seq_scheme.auth_seq_num 
_pdbx_poly_seq_scheme.pdb_mon_id 
_pdbx_poly_seq_scheme.auth_mon_id 
_pdbx_poly_seq_scheme.pdb_strand_id 
_pdbx_poly_seq_scheme.pdb_ins_code 
_pdbx_poly_seq_scheme.hetero 
A 1 1   MET 1   1   ?   ?   ?   A . n 
A 1 2   THR 2   2   ?   ?   ?   A . n 
A 1 3   SER 3   3   3   SER SER A . n 
A 1 4   ARG 4   4   4   ARG ARG A . n 
A 1 5   ARG 5   5   5   ARG ARG A . n 
A 1 6   TRP 6   6   6   TRP TRP A . n 
A 1 7   PHE 7   7   7   PHE PHE A . n 
A 1 8   HIS 8   8   8   HIS HIS A . n 
A 1 9   PRO 9   9   9   PRO PRO A . n 
A 1 10  ASN 10  10  10  ASN ASN A . n 
A 1 11  ILE 11  11  11  ILE ILE A . n 
A 1 12  THR 12  12  12  THR THR A . n 
A 1 13  GLY 13  13  13  GLY GLY A . n 
A 1 14  VAL 14  14  14  VAL VAL A . n 
A 1 15  GLU 15  15  15  GLU GLU A . n 
A 1 16  ALA 16  16  16  ALA ALA A . n 
A 1 17  GLU 17  17  17  GLU GLU A . n 
A 1 18  ASN 18  18  18  ASN ASN A . n 
A 1 19  LEU 19  19  19  LEU LEU A . n 
A 1 20  LEU 20  20  20  LEU LEU A . n 
A 1 21  LEU 21  21  21  LEU LEU A . n 
A 1 22  THR 22  22  22  THR THR A . n 
A 1 23  ARG 23  23  23  ARG ARG A . n 
A 1 24  GLY 24  24  24  GLY GLY A . n 
A 1 25  VAL 25  25  25  VAL VAL A . n 
A 1 26  ASP 26  26  26  ASP ASP A . n 
A 1 27  GLY 27  27  27  GLY GLY A . n 
A 1 28  SER 28  28  28  SER SER A . n 
A 1 29  PHE 29  29  29  PHE PHE A . n 
A 1 30  LEU 30  30  30  LEU LEU A . n 
A 1 31  ALA 31  31  31  ALA ALA A . n 
A 1 32  ARG 32  32  32  ARG ARG A . n 
A 1 33  PRO 33  33  33  PRO PRO A . n 
A 1 34  SER 34  34  34  SER SER A . n 
A 1 35  LYS 35  35  35  LYS LYS A . n 
A 1 36  SER 36  36  36  SER SER A . n 
A 1 37  ASN 37  37  37  ASN ASN A . n 
A 1 38  PRO 38  38  38  PRO PRO A . n 
A 1 39  GLY 39  39  39  GLY GLY A . n 
A 1 40  ASP 40  40  40  ASP ASP A . n 
A 1 41  PHE 41  41  41  PHE PHE A . n 
A 1 42  THR 42  42  42  THR THR A . n 
A 1 43  LEU 43  43  43  LEU LEU A . n 
A 1 44  SER 44  44  44  SER SER A . n 
A 1 45  VAL 45  45  45  VAL VAL A . n 
A 1 46  ARG 46  46  46  ARG ARG A . n 
A 1 47  ARG 47  47  47  ARG ARG A . n 
A 1 48  ASN 48  48  48  ASN ASN A . n 
A 1 49  GLY 49  49  49  GLY GLY A . n 
A 1 50  ALA 50  50  50  ALA ALA A . n 
A 1 51  VAL 51  51  51  VAL VAL A . n 
A 1 52  THR 52  52  52  THR THR A . n 
A 1 53  HIS 53  53  53  HIS HIS A . n 
A 1 54  ILE 54  54  54  ILE ILE A . n 
A 1 55  LYS 55  55  55  LYS LYS A . n 
A 1 56  ILE 56  56  56  ILE ILE A . n 
A 1 57  GLN 57  57  57  GLN GLN A . n 
A 1 58  ASN 58  58  58  ASN ASN A . n 
A 1 59  THR 59  59  59  THR THR A . n 
A 1 60  GLY 60  60  60  GLY GLY A . n 
A 1 61  ASP 61  61  61  ASP ASP A . n 
A 1 62  TYR 62  62  62  TYR TYR A . n 
A 1 63  TYR 63  63  63  TYR TYR A . n 
A 1 64  ASP 64  64  64  ASP ASP A . n 
A 1 65  LEU 65  65  65  LEU LEU A . n 
A 1 66  TYR 66  66  66  TYR TYR A . n 
A 1 67  GLY 67  67  67  GLY GLY A . n 
A 1 68  GLY 68  68  68  GLY GLY A . n 
A 1 69  GLU 69  69  69  GLU GLU A . n 
A 1 70  LYS 70  70  70  LYS LYS A . n 
A 1 71  PHE 71  71  71  PHE PHE A . n 
A 1 72  ALA 72  72  72  ALA ALA A . n 
A 1 73  THR 73  73  73  THR THR A . n 
A 1 74  LEU 74  74  74  LEU LEU A . n 
A 1 75  ALA 75  75  75  ALA ALA A . n 
A 1 76  GLU 76  76  76  GLU GLU A . n 
A 1 77  LEU 77  77  77  LEU LEU A . n 
A 1 78  VAL 78  78  78  VAL VAL A . n 
A 1 79  GLN 79  79  79  GLN GLN A . n 
A 1 80  TYR 80  80  80  TYR TYR A . n 
A 1 81  TYR 81  81  81  TYR TYR A . n 
A 1 82  MET 82  82  82  MET MET A . n 
A 1 83  GLU 83  83  83  GLU GLU A . n 
A 1 84  HIS 84  84  84  HIS HIS A . n 
A 1 85  HIS 85  85  85  HIS HIS A . n 
A 1 86  GLY 86  86  86  GLY GLY A . n 
A 1 87  GLN 87  87  87  GLN GLN A . n 
A 1 88  LEU 88  88  88  LEU LEU A . n 
A 1 89  LYS 89  89  89  LYS LYS A . n 
A 1 90  GLU 90  90  90  GLU GLU A . n 
A 1 91  LYS 91  91  91  LYS LYS A . n 
A 1 92  ASN 92  92  92  ASN ASN A . n 
A 1 93  GLY 93  93  93  GLY GLY A . n 
A 1 94  ASP 94  94  94  ASP ASP A . n 
A 1 95  VAL 95  95  95  VAL VAL A . n 
A 1 96  ILE 96  96  96  ILE ILE A . n 
A 1 97  GLU 97  97  97  GLU GLU A . n 
A 1 98  LEU 98  98  98  LEU LEU A . n 
A 1 99  LYS 99  99  99  LYS LYS A . n 
A 1 100 TYR 100 100 100 TYR TYR A . n 
A 1 101 PRO 101 101 101 PRO PRO A . n 
A 1 102 LEU 102 102 102 LEU LEU A . n 
A 1 103 ASN 103 103 103 ASN ASN A . n 
A 1 104 CYS 104 104 104 CYS CYS A . n 
A 1 105 ALA 105 105 105 ALA ALA A . n 
A 1 106 ASP 106 106 106 ASP ASP A . n 
A 1 107 PRO 107 107 107 PRO PRO A . n 
A 1 108 THR 108 108 108 THR THR A . n 
A 1 109 SER 109 109 109 SER SER A . n 
A 1 110 GLU 110 110 110 GLU GLU A . n 
A 1 111 ARG 111 111 111 ARG ARG A . n 
A 1 112 TRP 112 112 112 TRP TRP A . n 
A 1 113 PHE 113 113 113 PHE PHE A . n 
A 1 114 HIS 114 114 114 HIS HIS A . n 
A 1 115 GLY 115 115 115 GLY GLY A . n 
A 1 116 HIS 116 116 116 HIS HIS A . n 
A 1 117 LEU 117 117 117 LEU LEU A . n 
A 1 118 SER 118 118 118 SER SER A . n 
A 1 119 GLY 119 119 119 GLY GLY A . n 
A 1 120 LYS 120 120 120 LYS LYS A . n 
A 1 121 GLU 121 121 121 GLU GLU A . n 
A 1 122 ALA 122 122 122 ALA ALA A . n 
A 1 123 GLU 123 123 123 GLU GLU A . n 
A 1 124 LYS 124 124 124 LYS LYS A . n 
A 1 125 LEU 125 125 125 LEU LEU A . n 
A 1 126 LEU 126 126 126 LEU LEU A . n 
A 1 127 THR 127 127 127 THR THR A . n 
A 1 128 GLU 128 128 128 GLU GLU A . n 
A 1 129 LYS 129 129 129 LYS LYS A . n 
A 1 130 GLY 130 130 130 GLY GLY A . n 
A 1 131 LYS 131 131 131 LYS LYS A . n 
A 1 132 HIS 132 132 132 HIS HIS A . n 
A 1 133 GLY 133 133 133 GLY GLY A . n 
A 1 134 SER 134 134 134 SER SER A . n 
A 1 135 PHE 135 135 135 PHE PHE A . n 
A 1 136 LEU 136 136 136 LEU LEU A . n 
A 1 137 VAL 137 137 137 VAL VAL A . n 
A 1 138 ARG 138 138 138 ARG ARG A . n 
A 1 139 GLU 139 139 139 GLU GLU A . n 
A 1 140 SER 140 140 140 SER SER A . n 
A 1 141 GLN 141 141 141 GLN GLN A . n 
A 1 142 SER 142 142 142 SER SER A . n 
A 1 143 HIS 143 143 143 HIS HIS A . n 
A 1 144 PRO 144 144 144 PRO PRO A . n 
A 1 145 GLY 145 145 145 GLY GLY A . n 
A 1 146 ASP 146 146 146 ASP ASP A . n 
A 1 147 PHE 147 147 147 PHE PHE A . n 
A 1 148 VAL 148 148 148 VAL VAL A . n 
A 1 149 LEU 149 149 149 LEU LEU A . n 
A 1 150 SER 150 150 150 SER SER A . n 
A 1 151 VAL 151 151 151 VAL VAL A . n 
A 1 152 ARG 152 152 152 ARG ARG A . n 
A 1 153 THR 153 153 153 THR THR A . n 
A 1 154 GLY 154 154 ?   ?   ?   A . n 
A 1 155 ASP 155 155 ?   ?   ?   A . n 
A 1 156 ASP 156 156 ?   ?   ?   A . n 
A 1 157 LYS 157 157 ?   ?   ?   A . n 
A 1 158 GLY 158 158 ?   ?   ?   A . n 
A 1 159 GLU 159 159 ?   ?   ?   A . n 
A 1 160 SER 160 160 ?   ?   ?   A . n 
A 1 161 ASN 161 161 ?   ?   ?   A . n 
A 1 162 ASP 162 162 ?   ?   ?   A . n 
A 1 163 GLY 163 163 ?   ?   ?   A . n 
A 1 164 LYS 164 164 ?   ?   ?   A . n 
A 1 165 SER 165 165 ?   ?   ?   A . n 
A 1 166 LYS 166 166 166 LYS LYS A . n 
A 1 167 VAL 167 167 167 VAL VAL A . n 
A 1 168 THR 168 168 168 THR THR A . n 
A 1 169 HIS 169 169 169 HIS HIS A . n 
A 1 170 VAL 170 170 170 VAL VAL A . n 
A 1 171 MET 171 171 171 MET MET A . n 
A 1 172 ILE 172 172 172 ILE ILE A . n 
A 1 173 ARG 173 173 173 ARG ARG A . n 
A 1 174 CYS 174 174 174 CYS CYS A . n 
A 1 175 GLN 175 175 175 GLN GLN A . n 
A 1 176 GLU 176 176 176 GLU GLU A . n 
A 1 177 LEU 177 177 177 LEU LEU A . n 
A 1 178 LYS 178 178 178 LYS LYS A . n 
A 1 179 TYR 179 179 179 TYR TYR A . n 
A 1 180 ASP 180 180 180 ASP ASP A . n 
A 1 181 VAL 181 181 181 VAL VAL A . n 
A 1 182 GLY 182 182 182 GLY GLY A . n 
A 1 183 GLY 183 183 183 GLY GLY A . n 
A 1 184 GLY 184 184 184 GLY GLY A . n 
A 1 185 GLU 185 185 185 GLU GLU A . n 
A 1 186 ARG 186 186 186 ARG ARG A . n 
A 1 187 PHE 187 187 187 PHE PHE A . n 
A 1 188 ASP 188 188 188 ASP ASP A . n 
A 1 189 SER 189 189 189 SER SER A . n 
A 1 190 LEU 190 190 190 LEU LEU A . n 
A 1 191 THR 191 191 191 THR THR A . n 
A 1 192 ASP 192 192 192 ASP ASP A . n 
A 1 193 LEU 193 193 193 LEU LEU A . n 
A 1 194 VAL 194 194 194 VAL VAL A . n 
A 1 195 GLU 195 195 195 GLU GLU A . n 
A 1 196 HIS 196 196 196 HIS HIS A . n 
A 1 197 TYR 197 197 197 TYR TYR A . n 
A 1 198 LYS 198 198 198 LYS LYS A . n 
A 1 199 LYS 199 199 199 LYS LYS A . n 
A 1 200 ASN 200 200 200 ASN ASN A . n 
A 1 201 PRO 201 201 201 PRO PRO A . n 
A 1 202 MET 202 202 202 MET MET A . n 
A 1 203 VAL 203 203 203 VAL VAL A . n 
A 1 204 GLU 204 204 204 GLU GLU A . n 
A 1 205 THR 205 205 205 THR THR A . n 
A 1 206 LEU 206 206 206 LEU LEU A . n 
A 1 207 GLY 207 207 207 GLY GLY A . n 
A 1 208 THR 208 208 208 THR THR A . n 
A 1 209 VAL 209 209 209 VAL VAL A . n 
A 1 210 LEU 210 210 210 LEU LEU A . n 
A 1 211 GLN 211 211 211 GLN GLN A . n 
A 1 212 LEU 212 212 212 LEU LEU A . n 
A 1 213 LYS 213 213 213 LYS LYS A . n 
A 1 214 GLN 214 214 214 GLN GLN A . n 
A 1 215 PRO 215 215 215 PRO PRO A . n 
A 1 216 LEU 216 216 216 LEU LEU A . n 
A 1 217 ASN 217 217 217 ASN ASN A . n 
A 1 218 THR 218 218 218 THR THR A . n 
A 1 219 THR 219 219 219 THR THR A . n 
A 1 220 ARG 220 220 220 ARG ARG A . n 
B 2 1   VAL 1   966 ?   ?   ?   L . n 
B 2 2   SER 2   967 ?   ?   ?   L . n 
B 2 3   PRO 3   968 ?   ?   ?   L . n 
B 2 4   GLU 4   969 ?   ?   ?   L . n 
B 2 5   PRO 5   970 970 PRO PRO L . n 
B 2 6   ILE 6   971 971 ILE ILE L . n 
B 2 7   PTR 7   972 972 PTR PTR L . n 
B 2 8   ALA 8   973 973 ALA ALA L . n 
B 2 9   THR 9   974 974 THR THR L . n 
B 2 10  ILE 10  975 975 ILE ILE L . n 
B 2 11  ASP 11  976 976 ASP ASP L . n 
B 2 12  ASP 12  977 ?   ?   ?   L . n 
B 2 13  LEU 13  978 ?   ?   ?   L . n 
C 2 1   VAL 1   966 ?   ?   ?   N . n 
C 2 2   SER 2   967 ?   ?   ?   N . n 
C 2 3   PRO 3   968 ?   ?   ?   N . n 
C 2 4   GLU 4   969 ?   ?   ?   N . n 
C 2 5   PRO 5   970 ?   ?   ?   N . n 
C 2 6   ILE 6   971 971 ILE ILE N . n 
C 2 7   PTR 7   972 972 PTR PTR N . n 
C 2 8   ALA 8   973 973 ALA ALA N . n 
C 2 9   THR 9   974 974 THR THR N . n 
C 2 10  ILE 10  975 975 ILE ILE N . n 
C 2 11  ASP 11  976 976 ASP ASP N . n 
C 2 12  ASP 12  977 977 ASP ASP N . n 
C 2 13  LEU 13  978 ?   ?   ?   N . n 
# 
loop_
_pdbx_nonpoly_scheme.asym_id 
_pdbx_nonpoly_scheme.entity_id 
_pdbx_nonpoly_scheme.mon_id 
_pdbx_nonpoly_scheme.ndb_seq_num 
_pdbx_nonpoly_scheme.pdb_seq_num 
_pdbx_nonpoly_scheme.auth_seq_num 
_pdbx_nonpoly_scheme.pdb_mon_id 
_pdbx_nonpoly_scheme.auth_mon_id 
_pdbx_nonpoly_scheme.pdb_strand_id 
_pdbx_nonpoly_scheme.pdb_ins_code 
D 3 HOH 1 301 2 HOH HOH A . 
D 3 HOH 2 302 1 HOH HOH A . 
# 
loop_
_pdbx_unobs_or_zero_occ_atoms.id 
_pdbx_unobs_or_zero_occ_atoms.PDB_model_num 
_pdbx_unobs_or_zero_occ_atoms.polymer_flag 
_pdbx_unobs_or_zero_occ_atoms.occupancy_flag 
_pdbx_unobs_or_zero_occ_atoms.auth_asym_id 
_pdbx_unobs_or_zero_occ_atoms.auth_comp_id 
_pdbx_unobs_or_zero_occ_atoms.auth_seq_id 
_pdbx_unobs_or_zero_occ_atoms.PDB_ins_code 
_pdbx_unobs_or_zero_occ_atoms.auth_atom_id 
_pdbx_unobs_or_zero_occ_atoms.label_alt_id 
_pdbx_unobs_or_zero_occ_atoms.label_asym_id 
_pdbx_unobs_or_zero_occ_atoms.label_comp_id 
_pdbx_unobs_or_zero_occ_atoms.label_seq_id 
_pdbx_unobs_or_zero_occ_atoms.label_atom_id 
1   1 Y 1 A ARG 4   ? CG  ? A ARG 4   CG  
2   1 Y 1 A ARG 4   ? CD  ? A ARG 4   CD  
3   1 Y 1 A ARG 4   ? NE  ? A ARG 4   NE  
4   1 Y 1 A ARG 4   ? CZ  ? A ARG 4   CZ  
5   1 Y 1 A ARG 4   ? NH1 ? A ARG 4   NH1 
6   1 Y 1 A ARG 4   ? NH2 ? A ARG 4   NH2 
7   1 Y 1 A ARG 5   ? CG  ? A ARG 5   CG  
8   1 Y 1 A ARG 5   ? CD  ? A ARG 5   CD  
9   1 Y 1 A ARG 5   ? NE  ? A ARG 5   NE  
10  1 Y 1 A ARG 5   ? CZ  ? A ARG 5   CZ  
11  1 Y 1 A ARG 5   ? NH1 ? A ARG 5   NH1 
12  1 Y 1 A ARG 5   ? NH2 ? A ARG 5   NH2 
13  1 Y 1 A GLU 15  ? CG  ? A GLU 15  CG  
14  1 Y 1 A GLU 15  ? CD  ? A GLU 15  CD  
15  1 Y 1 A GLU 15  ? OE1 ? A GLU 15  OE1 
16  1 Y 1 A GLU 15  ? OE2 ? A GLU 15  OE2 
17  1 Y 1 A ARG 47  ? CG  ? A ARG 47  CG  
18  1 Y 1 A ARG 47  ? CD  ? A ARG 47  CD  
19  1 Y 1 A ARG 47  ? NE  ? A ARG 47  NE  
20  1 Y 1 A ARG 47  ? CZ  ? A ARG 47  CZ  
21  1 Y 1 A ARG 47  ? NH1 ? A ARG 47  NH1 
22  1 Y 1 A ARG 47  ? NH2 ? A ARG 47  NH2 
23  1 Y 1 A ASN 48  ? CG  ? A ASN 48  CG  
24  1 Y 1 A ASN 48  ? OD1 ? A ASN 48  OD1 
25  1 Y 1 A ASN 48  ? ND2 ? A ASN 48  ND2 
26  1 Y 1 A LYS 55  ? CG  ? A LYS 55  CG  
27  1 Y 1 A LYS 55  ? CD  ? A LYS 55  CD  
28  1 Y 1 A LYS 55  ? CE  ? A LYS 55  CE  
29  1 Y 1 A LYS 55  ? NZ  ? A LYS 55  NZ  
30  1 Y 1 A LYS 70  ? CG  ? A LYS 70  CG  
31  1 Y 1 A LYS 70  ? CD  ? A LYS 70  CD  
32  1 Y 1 A LYS 70  ? CE  ? A LYS 70  CE  
33  1 Y 1 A LYS 70  ? NZ  ? A LYS 70  NZ  
34  1 Y 1 A LYS 89  ? CG  ? A LYS 89  CG  
35  1 Y 1 A LYS 89  ? CD  ? A LYS 89  CD  
36  1 Y 1 A LYS 89  ? CE  ? A LYS 89  CE  
37  1 Y 1 A LYS 89  ? NZ  ? A LYS 89  NZ  
38  1 Y 1 A LYS 91  ? CG  ? A LYS 91  CG  
39  1 Y 1 A LYS 91  ? CD  ? A LYS 91  CD  
40  1 Y 1 A LYS 91  ? CE  ? A LYS 91  CE  
41  1 Y 1 A LYS 91  ? NZ  ? A LYS 91  NZ  
42  1 Y 1 A ASN 92  ? CG  ? A ASN 92  CG  
43  1 Y 1 A ASN 92  ? OD1 ? A ASN 92  OD1 
44  1 Y 1 A ASN 92  ? ND2 ? A ASN 92  ND2 
45  1 Y 1 A LYS 120 ? CG  ? A LYS 120 CG  
46  1 Y 1 A LYS 120 ? CD  ? A LYS 120 CD  
47  1 Y 1 A LYS 120 ? CE  ? A LYS 120 CE  
48  1 Y 1 A LYS 120 ? NZ  ? A LYS 120 NZ  
49  1 Y 1 A GLU 123 ? CG  ? A GLU 123 CG  
50  1 Y 1 A GLU 123 ? CD  ? A GLU 123 CD  
51  1 Y 1 A GLU 123 ? OE1 ? A GLU 123 OE1 
52  1 Y 1 A GLU 123 ? OE2 ? A GLU 123 OE2 
53  1 Y 1 A LYS 124 ? CG  ? A LYS 124 CG  
54  1 Y 1 A LYS 124 ? CD  ? A LYS 124 CD  
55  1 Y 1 A LYS 124 ? CE  ? A LYS 124 CE  
56  1 Y 1 A LYS 124 ? NZ  ? A LYS 124 NZ  
57  1 Y 1 A LYS 129 ? CG  ? A LYS 129 CG  
58  1 Y 1 A LYS 129 ? CD  ? A LYS 129 CD  
59  1 Y 1 A LYS 129 ? CE  ? A LYS 129 CE  
60  1 Y 1 A LYS 129 ? NZ  ? A LYS 129 NZ  
61  1 Y 1 A LYS 131 ? CG  ? A LYS 131 CG  
62  1 Y 1 A LYS 131 ? CD  ? A LYS 131 CD  
63  1 Y 1 A LYS 131 ? CE  ? A LYS 131 CE  
64  1 Y 1 A LYS 131 ? NZ  ? A LYS 131 NZ  
65  1 Y 1 A LYS 166 ? CG  ? A LYS 166 CG  
66  1 Y 1 A LYS 166 ? CD  ? A LYS 166 CD  
67  1 Y 1 A LYS 166 ? CE  ? A LYS 166 CE  
68  1 Y 1 A LYS 166 ? NZ  ? A LYS 166 NZ  
69  1 Y 1 A ARG 173 ? CG  ? A ARG 173 CG  
70  1 Y 1 A ARG 173 ? CD  ? A ARG 173 CD  
71  1 Y 1 A ARG 173 ? NE  ? A ARG 173 NE  
72  1 Y 1 A ARG 173 ? CZ  ? A ARG 173 CZ  
73  1 Y 1 A ARG 173 ? NH1 ? A ARG 173 NH1 
74  1 Y 1 A ARG 173 ? NH2 ? A ARG 173 NH2 
75  1 Y 1 A GLN 175 ? CG  ? A GLN 175 CG  
76  1 Y 1 A GLN 175 ? CD  ? A GLN 175 CD  
77  1 Y 1 A GLN 175 ? OE1 ? A GLN 175 OE1 
78  1 Y 1 A GLN 175 ? NE2 ? A GLN 175 NE2 
79  1 Y 1 A GLU 176 ? CG  ? A GLU 176 CG  
80  1 Y 1 A GLU 176 ? CD  ? A GLU 176 CD  
81  1 Y 1 A GLU 176 ? OE1 ? A GLU 176 OE1 
82  1 Y 1 A GLU 176 ? OE2 ? A GLU 176 OE2 
83  1 Y 1 A LEU 177 ? CG  ? A LEU 177 CG  
84  1 Y 1 A LEU 177 ? CD1 ? A LEU 177 CD1 
85  1 Y 1 A LEU 177 ? CD2 ? A LEU 177 CD2 
86  1 Y 1 A LYS 178 ? CG  ? A LYS 178 CG  
87  1 Y 1 A LYS 178 ? CD  ? A LYS 178 CD  
88  1 Y 1 A LYS 178 ? CE  ? A LYS 178 CE  
89  1 Y 1 A LYS 178 ? NZ  ? A LYS 178 NZ  
90  1 Y 1 A ARG 186 ? CG  ? A ARG 186 CG  
91  1 Y 1 A ARG 186 ? CD  ? A ARG 186 CD  
92  1 Y 1 A ARG 186 ? NE  ? A ARG 186 NE  
93  1 Y 1 A ARG 186 ? CZ  ? A ARG 186 CZ  
94  1 Y 1 A ARG 186 ? NH1 ? A ARG 186 NH1 
95  1 Y 1 A ARG 186 ? NH2 ? A ARG 186 NH2 
96  1 Y 1 A ASP 188 ? CG  ? A ASP 188 CG  
97  1 Y 1 A ASP 188 ? OD1 ? A ASP 188 OD1 
98  1 Y 1 A ASP 188 ? OD2 ? A ASP 188 OD2 
99  1 Y 1 A LYS 198 ? CG  ? A LYS 198 CG  
100 1 Y 1 A LYS 198 ? CD  ? A LYS 198 CD  
101 1 Y 1 A LYS 198 ? CE  ? A LYS 198 CE  
102 1 Y 1 A LYS 198 ? NZ  ? A LYS 198 NZ  
103 1 Y 1 A LYS 199 ? CG  ? A LYS 199 CG  
104 1 Y 1 A LYS 199 ? CD  ? A LYS 199 CD  
105 1 Y 1 A LYS 199 ? CE  ? A LYS 199 CE  
106 1 Y 1 A LYS 199 ? NZ  ? A LYS 199 NZ  
107 1 Y 1 A LYS 213 ? CG  ? A LYS 213 CG  
108 1 Y 1 A LYS 213 ? CD  ? A LYS 213 CD  
109 1 Y 1 A LYS 213 ? CE  ? A LYS 213 CE  
110 1 Y 1 A LYS 213 ? NZ  ? A LYS 213 NZ  
111 1 Y 1 A ARG 220 ? CG  ? A ARG 220 CG  
112 1 Y 1 A ARG 220 ? CD  ? A ARG 220 CD  
113 1 Y 1 A ARG 220 ? NE  ? A ARG 220 NE  
114 1 Y 1 A ARG 220 ? CZ  ? A ARG 220 CZ  
115 1 Y 1 A ARG 220 ? NH1 ? A ARG 220 NH1 
116 1 Y 1 A ARG 220 ? NH2 ? A ARG 220 NH2 
117 1 Y 1 L ILE 971 ? CG1 ? B ILE 6   CG1 
118 1 Y 1 L ILE 971 ? CG2 ? B ILE 6   CG2 
119 1 Y 1 L ILE 971 ? CD1 ? B ILE 6   CD1 
120 1 Y 1 L THR 974 ? OG1 ? B THR 9   OG1 
121 1 Y 1 L THR 974 ? CG2 ? B THR 9   CG2 
122 1 Y 1 L ILE 975 ? CG1 ? B ILE 10  CG1 
123 1 Y 1 L ILE 975 ? CG2 ? B ILE 10  CG2 
124 1 Y 1 L ILE 975 ? CD1 ? B ILE 10  CD1 
125 1 Y 1 L ASP 976 ? CG  ? B ASP 11  CG  
126 1 Y 1 L ASP 976 ? OD1 ? B ASP 11  OD1 
127 1 Y 1 L ASP 976 ? OD2 ? B ASP 11  OD2 
128 1 Y 1 N ILE 971 ? CG1 ? C ILE 6   CG1 
129 1 Y 1 N ILE 971 ? CG2 ? C ILE 6   CG2 
130 1 Y 1 N ILE 971 ? CD1 ? C ILE 6   CD1 
131 1 Y 1 N ASP 976 ? CG  ? C ASP 11  CG  
132 1 Y 1 N ASP 976 ? OD1 ? C ASP 11  OD1 
133 1 Y 1 N ASP 976 ? OD2 ? C ASP 11  OD2 
134 1 Y 1 N ASP 977 ? CG  ? C ASP 12  CG  
135 1 Y 1 N ASP 977 ? OD1 ? C ASP 12  OD1 
136 1 Y 1 N ASP 977 ? OD2 ? C ASP 12  OD2 
# 
loop_
_software.citation_id 
_software.classification 
_software.compiler_name 
_software.compiler_version 
_software.contact_author 
_software.contact_author_email 
_software.date 
_software.description 
_software.dependencies 
_software.hardware 
_software.language 
_software.location 
_software.mods 
_software.name 
_software.os 
_software.os_version 
_software.type 
_software.version 
_software.pdbx_ordinal 
? refinement       ? ? ? ? ? ? ? ? ? ? ? PHENIX ? ? ? 1.10.1_2155 1 
? 'data reduction' ? ? ? ? ? ? ? ? ? ? ? XDS    ? ? ? .           2 
? 'data scaling'   ? ? ? ? ? ? ? ? ? ? ? XSCALE ? ? ? .           3 
? phasing          ? ? ? ? ? ? ? ? ? ? ? MOLREP ? ? ? .           4 
# 
_cell.angle_alpha                  90.00 
_cell.angle_alpha_esd              ? 
_cell.angle_beta                   90.00 
_cell.angle_beta_esd               ? 
_cell.angle_gamma                  90.00 
_cell.angle_gamma_esd              ? 
_cell.entry_id                     5X7B 
_cell.details                      ? 
_cell.formula_units_Z              ? 
_cell.length_a                     80.483 
_cell.length_a_esd                 ? 
_cell.length_b                     101.493 
_cell.length_b_esd                 ? 
_cell.length_c                     29.945 
_cell.length_c_esd                 ? 
_cell.volume                       ? 
_cell.volume_esd                   ? 
_cell.Z_PDB                        8 
_cell.reciprocal_angle_alpha       ? 
_cell.reciprocal_angle_beta        ? 
_cell.reciprocal_angle_gamma       ? 
_cell.reciprocal_angle_alpha_esd   ? 
_cell.reciprocal_angle_beta_esd    ? 
_cell.reciprocal_angle_gamma_esd   ? 
_cell.reciprocal_length_a          ? 
_cell.reciprocal_length_b          ? 
_cell.reciprocal_length_c          ? 
_cell.reciprocal_length_a_esd      ? 
_cell.reciprocal_length_b_esd      ? 
_cell.reciprocal_length_c_esd      ? 
_cell.pdbx_unique_axis             ? 
# 
_symmetry.entry_id                         5X7B 
_symmetry.cell_setting                     ? 
_symmetry.Int_Tables_number                18 
_symmetry.space_group_name_Hall            ? 
_symmetry.space_group_name_H-M             'P 21 21 2' 
_symmetry.pdbx_full_space_group_name_H-M   ? 
# 
_exptl.absorpt_coefficient_mu     ? 
_exptl.absorpt_correction_T_max   ? 
_exptl.absorpt_correction_T_min   ? 
_exptl.absorpt_correction_type    ? 
_exptl.absorpt_process_details    ? 
_exptl.entry_id                   5X7B 
_exptl.crystals_number            1 
_exptl.details                    ? 
_exptl.method                     'X-RAY DIFFRACTION' 
_exptl.method_details             ? 
# 
_exptl_crystal.colour                      ? 
_exptl_crystal.density_diffrn              ? 
_exptl_crystal.density_Matthews            2.20 
_exptl_crystal.density_method              ? 
_exptl_crystal.density_percent_sol         43.99 
_exptl_crystal.description                 ? 
_exptl_crystal.F_000                       ? 
_exptl_crystal.id                          1 
_exptl_crystal.preparation                 ? 
_exptl_crystal.size_max                    ? 
_exptl_crystal.size_mid                    ? 
_exptl_crystal.size_min                    ? 
_exptl_crystal.size_rad                    ? 
_exptl_crystal.colour_lustre               ? 
_exptl_crystal.colour_modifier             ? 
_exptl_crystal.colour_primary              ? 
_exptl_crystal.density_meas                ? 
_exptl_crystal.density_meas_esd            ? 
_exptl_crystal.density_meas_gt             ? 
_exptl_crystal.density_meas_lt             ? 
_exptl_crystal.density_meas_temp           ? 
_exptl_crystal.density_meas_temp_esd       ? 
_exptl_crystal.density_meas_temp_gt        ? 
_exptl_crystal.density_meas_temp_lt        ? 
_exptl_crystal.pdbx_crystal_image_url      ? 
_exptl_crystal.pdbx_crystal_image_format   ? 
_exptl_crystal.pdbx_mosaicity              ? 
_exptl_crystal.pdbx_mosaicity_esd          ? 
# 
_exptl_crystal_grow.apparatus       ? 
_exptl_crystal_grow.atmosphere      ? 
_exptl_crystal_grow.crystal_id      1 
_exptl_crystal_grow.details         ? 
_exptl_crystal_grow.method          'VAPOR DIFFUSION, SITTING DROP' 
_exptl_crystal_grow.method_ref      ? 
_exptl_crystal_grow.pH              ? 
_exptl_crystal_grow.pressure        ? 
_exptl_crystal_grow.pressure_esd    ? 
_exptl_crystal_grow.seeding         ? 
_exptl_crystal_grow.seeding_ref     ? 
_exptl_crystal_grow.temp            293 
_exptl_crystal_grow.temp_details    ? 
_exptl_crystal_grow.temp_esd        ? 
_exptl_crystal_grow.time            ? 
_exptl_crystal_grow.pdbx_details    '29%(w/v) PEG4000, 0.1 M Tris-HCl, 0.13 M sodium acetate' 
_exptl_crystal_grow.pdbx_pH_range   ? 
# 
_diffrn.ambient_environment    ? 
_diffrn.ambient_temp           95 
_diffrn.ambient_temp_details   ? 
_diffrn.ambient_temp_esd       ? 
_diffrn.crystal_id             1 
_diffrn.crystal_support        ? 
_diffrn.crystal_treatment      ? 
_diffrn.details                ? 
_diffrn.id                     1 
_diffrn.ambient_pressure       ? 
_diffrn.ambient_pressure_esd   ? 
_diffrn.ambient_pressure_gt    ? 
_diffrn.ambient_pressure_lt    ? 
_diffrn.ambient_temp_gt        ? 
_diffrn.ambient_temp_lt        ? 
# 
_diffrn_detector.details                      ? 
_diffrn_detector.detector                     'AREA DETECTOR' 
_diffrn_detector.diffrn_id                    1 
_diffrn_detector.type                         'DECTRIS PILATUS3 S 6M' 
_diffrn_detector.area_resol_mean              ? 
_diffrn_detector.dtime                        ? 
_diffrn_detector.pdbx_frames_total            ? 
_diffrn_detector.pdbx_collection_time_total   ? 
_diffrn_detector.pdbx_collection_date         2014-12-10 
# 
_diffrn_radiation.collimation                      ? 
_diffrn_radiation.diffrn_id                        1 
_diffrn_radiation.filter_edge                      ? 
_diffrn_radiation.inhomogeneity                    ? 
_diffrn_radiation.monochromator                    Si111 
_diffrn_radiation.polarisn_norm                    ? 
_diffrn_radiation.polarisn_ratio                   ? 
_diffrn_radiation.probe                            ? 
_diffrn_radiation.type                             ? 
_diffrn_radiation.xray_symbol                      ? 
_diffrn_radiation.wavelength_id                    1 
_diffrn_radiation.pdbx_monochromatic_or_laue_m_l   M 
_diffrn_radiation.pdbx_wavelength_list             ? 
_diffrn_radiation.pdbx_wavelength                  ? 
_diffrn_radiation.pdbx_diffrn_protocol             'SINGLE WAVELENGTH' 
_diffrn_radiation.pdbx_analyzer                    ? 
_diffrn_radiation.pdbx_scattering_type             x-ray 
# 
_diffrn_radiation_wavelength.id           1 
_diffrn_radiation_wavelength.wavelength   0.98 
_diffrn_radiation_wavelength.wt           1.0 
# 
_diffrn_source.current                     ? 
_diffrn_source.details                     ? 
_diffrn_source.diffrn_id                   1 
_diffrn_source.power                       ? 
_diffrn_source.size                        ? 
_diffrn_source.source                      SYNCHROTRON 
_diffrn_source.target                      ? 
_diffrn_source.type                        'PHOTON FACTORY BEAMLINE BL-17A' 
_diffrn_source.voltage                     ? 
_diffrn_source.take-off_angle              ? 
_diffrn_source.pdbx_wavelength_list        0.98 
_diffrn_source.pdbx_wavelength             ? 
_diffrn_source.pdbx_synchrotron_beamline   BL-17A 
_diffrn_source.pdbx_synchrotron_site       'Photon Factory' 
# 
_reflns.B_iso_Wilson_estimate            ? 
_reflns.entry_id                         5X7B 
_reflns.data_reduction_details           ? 
_reflns.data_reduction_method            ? 
_reflns.d_resolution_high                2.45 
_reflns.d_resolution_low                 63.06 
_reflns.details                          ? 
_reflns.limit_h_max                      ? 
_reflns.limit_h_min                      ? 
_reflns.limit_k_max                      ? 
_reflns.limit_k_min                      ? 
_reflns.limit_l_max                      ? 
_reflns.limit_l_min                      ? 
_reflns.number_all                       ? 
_reflns.number_obs                       17333 
_reflns.observed_criterion               ? 
_reflns.observed_criterion_F_max         ? 
_reflns.observed_criterion_F_min         ? 
_reflns.observed_criterion_I_max         ? 
_reflns.observed_criterion_I_min         ? 
_reflns.observed_criterion_sigma_F       ? 
_reflns.observed_criterion_sigma_I       ? 
_reflns.percent_possible_obs             99.5 
_reflns.R_free_details                   ? 
_reflns.Rmerge_F_all                     ? 
_reflns.Rmerge_F_obs                     ? 
_reflns.Friedel_coverage                 ? 
_reflns.number_gt                        ? 
_reflns.threshold_expression             ? 
_reflns.pdbx_redundancy                  3.5 
_reflns.pdbx_Rmerge_I_obs                0.028 
_reflns.pdbx_Rmerge_I_all                ? 
_reflns.pdbx_Rsym_value                  ? 
_reflns.pdbx_netI_over_av_sigmaI         ? 
_reflns.pdbx_netI_over_sigmaI            28.9 
_reflns.pdbx_res_netI_over_av_sigmaI_2   ? 
_reflns.pdbx_res_netI_over_sigmaI_2      ? 
_reflns.pdbx_chi_squared                 ? 
_reflns.pdbx_scaling_rejects             ? 
_reflns.pdbx_d_res_high_opt              ? 
_reflns.pdbx_d_res_low_opt               ? 
_reflns.pdbx_d_res_opt_method            ? 
_reflns.phase_calculation_details        ? 
_reflns.pdbx_Rrim_I_all                  ? 
_reflns.pdbx_Rpim_I_all                  ? 
_reflns.pdbx_d_opt                       ? 
_reflns.pdbx_number_measured_all         ? 
_reflns.pdbx_diffrn_id                   1 
_reflns.pdbx_ordinal                     1 
_reflns.pdbx_CC_half                     ? 
_reflns.pdbx_R_split                     ? 
# 
_reflns_shell.d_res_high                  2.45 
_reflns_shell.d_res_low                   2.58 
_reflns_shell.meanI_over_sigI_all         ? 
_reflns_shell.meanI_over_sigI_obs         3.3 
_reflns_shell.number_measured_all         ? 
_reflns_shell.number_measured_obs         ? 
_reflns_shell.number_possible             ? 
_reflns_shell.number_unique_all           ? 
_reflns_shell.number_unique_obs           2457 
_reflns_shell.percent_possible_all        99.2 
_reflns_shell.percent_possible_obs        ? 
_reflns_shell.Rmerge_F_all                ? 
_reflns_shell.Rmerge_F_obs                ? 
_reflns_shell.Rmerge_I_all                ? 
_reflns_shell.Rmerge_I_obs                0.383 
_reflns_shell.meanI_over_sigI_gt          ? 
_reflns_shell.meanI_over_uI_all           ? 
_reflns_shell.meanI_over_uI_gt            ? 
_reflns_shell.number_measured_gt          ? 
_reflns_shell.number_unique_gt            ? 
_reflns_shell.percent_possible_gt         ? 
_reflns_shell.Rmerge_F_gt                 ? 
_reflns_shell.Rmerge_I_gt                 ? 
_reflns_shell.pdbx_redundancy             3.5 
_reflns_shell.pdbx_Rsym_value             ? 
_reflns_shell.pdbx_chi_squared            ? 
_reflns_shell.pdbx_netI_over_sigmaI_all   ? 
_reflns_shell.pdbx_netI_over_sigmaI_obs   ? 
_reflns_shell.pdbx_Rrim_I_all             ? 
_reflns_shell.pdbx_Rpim_I_all             ? 
_reflns_shell.pdbx_rejects                ? 
_reflns_shell.pdbx_ordinal                1 
_reflns_shell.pdbx_diffrn_id              1 
_reflns_shell.pdbx_CC_half                ? 
_reflns_shell.pdbx_R_split                ? 
# 
_refine.aniso_B[1][1]                            ? 
_refine.aniso_B[1][2]                            ? 
_refine.aniso_B[1][3]                            ? 
_refine.aniso_B[2][2]                            ? 
_refine.aniso_B[2][3]                            ? 
_refine.aniso_B[3][3]                            ? 
_refine.B_iso_max                                ? 
_refine.B_iso_mean                               ? 
_refine.B_iso_min                                ? 
_refine.correlation_coeff_Fo_to_Fc               ? 
_refine.correlation_coeff_Fo_to_Fc_free          ? 
_refine.details                                  ? 
_refine.diff_density_max                         ? 
_refine.diff_density_max_esd                     ? 
_refine.diff_density_min                         ? 
_refine.diff_density_min_esd                     ? 
_refine.diff_density_rms                         ? 
_refine.diff_density_rms_esd                     ? 
_refine.entry_id                                 5X7B 
_refine.pdbx_refine_id                           'X-RAY DIFFRACTION' 
_refine.ls_abs_structure_details                 ? 
_refine.ls_abs_structure_Flack                   ? 
_refine.ls_abs_structure_Flack_esd               ? 
_refine.ls_abs_structure_Rogers                  ? 
_refine.ls_abs_structure_Rogers_esd              ? 
_refine.ls_d_res_high                            2.450 
_refine.ls_d_res_low                             50.746 
_refine.ls_extinction_coef                       ? 
_refine.ls_extinction_coef_esd                   ? 
_refine.ls_extinction_expression                 ? 
_refine.ls_extinction_method                     ? 
_refine.ls_goodness_of_fit_all                   ? 
_refine.ls_goodness_of_fit_all_esd               ? 
_refine.ls_goodness_of_fit_obs                   ? 
_refine.ls_goodness_of_fit_obs_esd               ? 
_refine.ls_hydrogen_treatment                    ? 
_refine.ls_matrix_type                           ? 
_refine.ls_number_constraints                    ? 
_refine.ls_number_parameters                     ? 
_refine.ls_number_reflns_all                     ? 
_refine.ls_number_reflns_obs                     17330 
_refine.ls_number_reflns_R_free                  858 
_refine.ls_number_reflns_R_work                  ? 
_refine.ls_number_restraints                     ? 
_refine.ls_percent_reflns_obs                    99.52 
_refine.ls_percent_reflns_R_free                 4.95 
_refine.ls_R_factor_all                          ? 
_refine.ls_R_factor_obs                          0.2279 
_refine.ls_R_factor_R_free                       0.2780 
_refine.ls_R_factor_R_free_error                 ? 
_refine.ls_R_factor_R_free_error_details         ? 
_refine.ls_R_factor_R_work                       0.2252 
_refine.ls_R_Fsqd_factor_obs                     ? 
_refine.ls_R_I_factor_obs                        ? 
_refine.ls_redundancy_reflns_all                 ? 
_refine.ls_redundancy_reflns_obs                 ? 
_refine.ls_restrained_S_all                      ? 
_refine.ls_restrained_S_obs                      ? 
_refine.ls_shift_over_esd_max                    ? 
_refine.ls_shift_over_esd_mean                   ? 
_refine.ls_structure_factor_coef                 ? 
_refine.ls_weighting_details                     ? 
_refine.ls_weighting_scheme                      ? 
_refine.ls_wR_factor_all                         ? 
_refine.ls_wR_factor_obs                         ? 
_refine.ls_wR_factor_R_free                      ? 
_refine.ls_wR_factor_R_work                      ? 
_refine.occupancy_max                            ? 
_refine.occupancy_min                            ? 
_refine.solvent_model_details                    ? 
_refine.solvent_model_param_bsol                 ? 
_refine.solvent_model_param_ksol                 ? 
_refine.ls_R_factor_gt                           ? 
_refine.ls_goodness_of_fit_gt                    ? 
_refine.ls_goodness_of_fit_ref                   ? 
_refine.ls_shift_over_su_max                     ? 
_refine.ls_shift_over_su_max_lt                  ? 
_refine.ls_shift_over_su_mean                    ? 
_refine.ls_shift_over_su_mean_lt                 ? 
_refine.pdbx_ls_sigma_I                          ? 
_refine.pdbx_ls_sigma_F                          1.36 
_refine.pdbx_ls_sigma_Fsqd                       ? 
_refine.pdbx_data_cutoff_high_absF               ? 
_refine.pdbx_data_cutoff_high_rms_absF           ? 
_refine.pdbx_data_cutoff_low_absF                ? 
_refine.pdbx_isotropic_thermal_model             ? 
_refine.pdbx_ls_cross_valid_method               'FREE R-VALUE' 
_refine.pdbx_method_to_determine_struct          'MOLECULAR REPLACEMENT' 
_refine.pdbx_starting_model                      5X94 
_refine.pdbx_stereochemistry_target_values       ? 
_refine.pdbx_R_Free_selection_details            ? 
_refine.pdbx_stereochem_target_val_spec_case     ? 
_refine.pdbx_overall_ESU_R                       ? 
_refine.pdbx_overall_ESU_R_Free                  ? 
_refine.pdbx_solvent_vdw_probe_radii             1.11 
_refine.pdbx_solvent_ion_probe_radii             ? 
_refine.pdbx_solvent_shrinkage_radii             0.90 
_refine.pdbx_real_space_R                        ? 
_refine.pdbx_density_correlation                 ? 
_refine.pdbx_pd_number_of_powder_patterns        ? 
_refine.pdbx_pd_number_of_points                 ? 
_refine.pdbx_pd_meas_number_of_points            ? 
_refine.pdbx_pd_proc_ls_prof_R_factor            ? 
_refine.pdbx_pd_proc_ls_prof_wR_factor           ? 
_refine.pdbx_pd_Marquardt_correlation_coeff      ? 
_refine.pdbx_pd_Fsqrd_R_factor                   ? 
_refine.pdbx_pd_ls_matrix_band_width             ? 
_refine.pdbx_overall_phase_error                 31.81 
_refine.pdbx_overall_SU_R_free_Cruickshank_DPI   ? 
_refine.pdbx_overall_SU_R_free_Blow_DPI          ? 
_refine.pdbx_overall_SU_R_Blow_DPI               ? 
_refine.pdbx_TLS_residual_ADP_flag               ? 
_refine.pdbx_diffrn_id                           1 
_refine.overall_SU_B                             ? 
_refine.overall_SU_ML                            0.37 
_refine.overall_SU_R_Cruickshank_DPI             ? 
_refine.overall_SU_R_free                        ? 
_refine.overall_FOM_free_R_set                   ? 
_refine.overall_FOM_work_R_set                   ? 
_refine.pdbx_average_fsc_overall                 ? 
_refine.pdbx_average_fsc_work                    ? 
_refine.pdbx_average_fsc_free                    ? 
# 
_refine_hist.pdbx_refine_id                   'X-RAY DIFFRACTION' 
_refine_hist.cycle_id                         LAST 
_refine_hist.pdbx_number_atoms_protein        1631 
_refine_hist.pdbx_number_atoms_nucleic_acid   0 
_refine_hist.pdbx_number_atoms_ligand         0 
_refine_hist.number_atoms_solvent             2 
_refine_hist.number_atoms_total               1633 
_refine_hist.d_res_high                       2.450 
_refine_hist.d_res_low                        50.746 
# 
loop_
_refine_ls_restr.pdbx_refine_id 
_refine_ls_restr.criterion 
_refine_ls_restr.dev_ideal 
_refine_ls_restr.dev_ideal_target 
_refine_ls_restr.number 
_refine_ls_restr.rejects 
_refine_ls_restr.type 
_refine_ls_restr.weight 
_refine_ls_restr.pdbx_restraint_function 
'X-RAY DIFFRACTION' ? 0.008  ? 1668 ? f_bond_d           ? ? 
'X-RAY DIFFRACTION' ? 1.061  ? 2281 ? f_angle_d          ? ? 
'X-RAY DIFFRACTION' ? 13.351 ? 951  ? f_dihedral_angle_d ? ? 
'X-RAY DIFFRACTION' ? 0.054  ? 260  ? f_chiral_restr     ? ? 
'X-RAY DIFFRACTION' ? 0.006  ? 296  ? f_plane_restr      ? ? 
# 
loop_
_refine_ls_shell.pdbx_refine_id 
_refine_ls_shell.d_res_high 
_refine_ls_shell.d_res_low 
_refine_ls_shell.number_reflns_all 
_refine_ls_shell.number_reflns_obs 
_refine_ls_shell.number_reflns_R_free 
_refine_ls_shell.number_reflns_R_work 
_refine_ls_shell.percent_reflns_obs 
_refine_ls_shell.percent_reflns_R_free 
_refine_ls_shell.R_factor_all 
_refine_ls_shell.R_factor_obs 
_refine_ls_shell.R_factor_R_free 
_refine_ls_shell.R_factor_R_free_error 
_refine_ls_shell.R_factor_R_work 
_refine_ls_shell.redundancy_reflns_all 
_refine_ls_shell.redundancy_reflns_obs 
_refine_ls_shell.wR_factor_all 
_refine_ls_shell.wR_factor_obs 
_refine_ls_shell.wR_factor_R_free 
_refine_ls_shell.wR_factor_R_work 
_refine_ls_shell.pdbx_total_number_of_bins_used 
_refine_ls_shell.pdbx_phase_error 
_refine_ls_shell.pdbx_fsc_work 
_refine_ls_shell.pdbx_fsc_free 
'X-RAY DIFFRACTION' 2.4500 2.6035  . . 144 2720 99.00  . . . 0.3748 . 0.3058 . . . . . . . . . . 
'X-RAY DIFFRACTION' 2.6035 2.8045  . . 136 2758 99.00  . . . 0.3838 . 0.2904 . . . . . . . . . . 
'X-RAY DIFFRACTION' 2.8045 3.0867  . . 148 2761 100.00 . . . 0.3639 . 0.2842 . . . . . . . . . . 
'X-RAY DIFFRACTION' 3.0867 3.5333  . . 142 2712 100.00 . . . 0.3233 . 0.2432 . . . . . . . . . . 
'X-RAY DIFFRACTION' 3.5333 4.4511  . . 142 2770 100.00 . . . 0.2511 . 0.2004 . . . . . . . . . . 
'X-RAY DIFFRACTION' 4.4511 50.7574 . . 146 2751 99.00  . . . 0.2293 . 0.1977 . . . . . . . . . . 
# 
_struct.entry_id                     5X7B 
_struct.title                        'Crystal structure of SHP2_SH2-CagA EPIYA_C peptide complex' 
_struct.pdbx_model_details           ? 
_struct.pdbx_formula_weight          ? 
_struct.pdbx_formula_weight_method   ? 
_struct.pdbx_model_type_details      ? 
_struct.pdbx_CASP_flag               N 
# 
_struct_keywords.entry_id        5X7B 
_struct_keywords.text            
'Helicobacter pylori CagA, SH2 domain-containing protein tyrosine phosphatase 2 (SHP2), CagA polymorphism, HYDROLASE' 
_struct_keywords.pdbx_keywords   HYDROLASE 
# 
loop_
_struct_asym.id 
_struct_asym.pdbx_blank_PDB_chainid_flag 
_struct_asym.pdbx_modified 
_struct_asym.entity_id 
_struct_asym.details 
A N N 1 ? 
B N N 2 ? 
C N N 2 ? 
D N N 3 ? 
# 
loop_
_struct_ref.id 
_struct_ref.db_name 
_struct_ref.db_code 
_struct_ref.pdbx_db_accession 
_struct_ref.pdbx_db_isoform 
_struct_ref.entity_id 
_struct_ref.pdbx_seq_one_letter_code 
_struct_ref.pdbx_align_begin 
1 UNP PTN11_HUMAN  Q06124 ? 1 
;MTSRRWFHPNITGVEAENLLLTRGVDGSFLARPSKSNPGDFTLSVRRNGAVTHIKIQNTGDYYDLYGGEKFATLAELVQY
YMEHHGQLKEKNGDVIELKYPLNCADPTSERWFHGHLSGKEAEKLLTEKGKHGSFLVRESQSHPGDFVLSVRTGDDKGES
NDGKSKVTHVMIRCQELKYDVGGGERFDSLTDLVEHYKKNPMVETLGTVLQLKQPLNTTR
;
1   
2 UNP Q9RF15_HELPX Q9RF15 ? 2 VSPEPIYATIDDL 959 
# 
loop_
_struct_ref_seq.align_id 
_struct_ref_seq.ref_id 
_struct_ref_seq.pdbx_PDB_id_code 
_struct_ref_seq.pdbx_strand_id 
_struct_ref_seq.seq_align_beg 
_struct_ref_seq.pdbx_seq_align_beg_ins_code 
_struct_ref_seq.seq_align_end 
_struct_ref_seq.pdbx_seq_align_end_ins_code 
_struct_ref_seq.pdbx_db_accession 
_struct_ref_seq.db_align_beg 
_struct_ref_seq.pdbx_db_align_beg_ins_code 
_struct_ref_seq.db_align_end 
_struct_ref_seq.pdbx_db_align_end_ins_code 
_struct_ref_seq.pdbx_auth_seq_align_beg 
_struct_ref_seq.pdbx_auth_seq_align_end 
1 1 5X7B A 1 ? 220 ? Q06124 1   ? 220 ? 1   220 
2 2 5X7B L 1 ? 13  ? Q9RF15 959 ? 971 ? 966 978 
3 2 5X7B N 1 ? 13  ? Q9RF15 959 ? 971 ? 966 978 
# 
_pdbx_struct_assembly.id                   1 
_pdbx_struct_assembly.details              author_and_software_defined_assembly 
_pdbx_struct_assembly.method_details       PISA 
_pdbx_struct_assembly.oligomeric_details   trimeric 
_pdbx_struct_assembly.oligomeric_count     3 
# 
loop_
_pdbx_struct_assembly_prop.biol_id 
_pdbx_struct_assembly_prop.type 
_pdbx_struct_assembly_prop.value 
_pdbx_struct_assembly_prop.details 
1 'ABSA (A^2)' 1710  ? 
1 MORE         -19   ? 
1 'SSA (A^2)'  11060 ? 
# 
_pdbx_struct_assembly_gen.assembly_id       1 
_pdbx_struct_assembly_gen.oper_expression   1 
_pdbx_struct_assembly_gen.asym_id_list      A,B,C,D 
# 
_pdbx_struct_assembly_auth_evidence.id                     1 
_pdbx_struct_assembly_auth_evidence.assembly_id            1 
_pdbx_struct_assembly_auth_evidence.experimental_support   'gel filtration' 
_pdbx_struct_assembly_auth_evidence.details                ? 
# 
_pdbx_struct_oper_list.id                   1 
_pdbx_struct_oper_list.type                 'identity operation' 
_pdbx_struct_oper_list.name                 1_555 
_pdbx_struct_oper_list.symmetry_operation   x,y,z 
_pdbx_struct_oper_list.matrix[1][1]         1.0000000000 
_pdbx_struct_oper_list.matrix[1][2]         0.0000000000 
_pdbx_struct_oper_list.matrix[1][3]         0.0000000000 
_pdbx_struct_oper_list.vector[1]            0.0000000000 
_pdbx_struct_oper_list.matrix[2][1]         0.0000000000 
_pdbx_struct_oper_list.matrix[2][2]         1.0000000000 
_pdbx_struct_oper_list.matrix[2][3]         0.0000000000 
_pdbx_struct_oper_list.vector[2]            0.0000000000 
_pdbx_struct_oper_list.matrix[3][1]         0.0000000000 
_pdbx_struct_oper_list.matrix[3][2]         0.0000000000 
_pdbx_struct_oper_list.matrix[3][3]         1.0000000000 
_pdbx_struct_oper_list.vector[3]            0.0000000000 
# 
loop_
_struct_conf.conf_type_id 
_struct_conf.id 
_struct_conf.pdbx_PDB_helix_id 
_struct_conf.beg_label_comp_id 
_struct_conf.beg_label_asym_id 
_struct_conf.beg_label_seq_id 
_struct_conf.pdbx_beg_PDB_ins_code 
_struct_conf.end_label_comp_id 
_struct_conf.end_label_asym_id 
_struct_conf.end_label_seq_id 
_struct_conf.pdbx_end_PDB_ins_code 
_struct_conf.beg_auth_comp_id 
_struct_conf.beg_auth_asym_id 
_struct_conf.beg_auth_seq_id 
_struct_conf.end_auth_comp_id 
_struct_conf.end_auth_asym_id 
_struct_conf.end_auth_seq_id 
_struct_conf.pdbx_PDB_helix_class 
_struct_conf.details 
_struct_conf.pdbx_PDB_helix_length 
HELX_P HELX_P1 AA1 THR A 12  ? GLY A 24  ? THR A 12  GLY A 24  1 ? 13 
HELX_P HELX_P2 AA2 THR A 73  ? HIS A 84  ? THR A 73  HIS A 84  1 ? 12 
HELX_P HELX_P3 AA3 SER A 118 ? GLU A 128 ? SER A 118 GLU A 128 1 ? 11 
HELX_P HELX_P4 AA4 SER A 189 ? ASN A 200 ? SER A 189 ASN A 200 1 ? 12 
# 
_struct_conf_type.id          HELX_P 
_struct_conf_type.criteria    ? 
_struct_conf_type.reference   ? 
# 
loop_
_struct_conn.id 
_struct_conn.conn_type_id 
_struct_conn.pdbx_leaving_atom_flag 
_struct_conn.pdbx_PDB_id 
_struct_conn.ptnr1_label_asym_id 
_struct_conn.ptnr1_label_comp_id 
_struct_conn.ptnr1_label_seq_id 
_struct_conn.ptnr1_label_atom_id 
_struct_conn.pdbx_ptnr1_label_alt_id 
_struct_conn.pdbx_ptnr1_PDB_ins_code 
_struct_conn.pdbx_ptnr1_standard_comp_id 
_struct_conn.ptnr1_symmetry 
_struct_conn.ptnr2_label_asym_id 
_struct_conn.ptnr2_label_comp_id 
_struct_conn.ptnr2_label_seq_id 
_struct_conn.ptnr2_label_atom_id 
_struct_conn.pdbx_ptnr2_label_alt_id 
_struct_conn.pdbx_ptnr2_PDB_ins_code 
_struct_conn.ptnr1_auth_asym_id 
_struct_conn.ptnr1_auth_comp_id 
_struct_conn.ptnr1_auth_seq_id 
_struct_conn.ptnr2_auth_asym_id 
_struct_conn.ptnr2_auth_comp_id 
_struct_conn.ptnr2_auth_seq_id 
_struct_conn.ptnr2_symmetry 
_struct_conn.pdbx_ptnr3_label_atom_id 
_struct_conn.pdbx_ptnr3_label_seq_id 
_struct_conn.pdbx_ptnr3_label_comp_id 
_struct_conn.pdbx_ptnr3_label_asym_id 
_struct_conn.pdbx_ptnr3_label_alt_id 
_struct_conn.pdbx_ptnr3_PDB_ins_code 
_struct_conn.details 
_struct_conn.pdbx_dist_value 
_struct_conn.pdbx_value_order 
_struct_conn.pdbx_role 
covale1 covale both ? B ILE 6 C ? ? ? 1_555 B PTR 7 N ? ? L ILE 971 L PTR 972 1_555 ? ? ? ? ? ? ? 1.339 ? ? 
covale2 covale both ? B PTR 7 C ? ? ? 1_555 B ALA 8 N ? ? L PTR 972 L ALA 973 1_555 ? ? ? ? ? ? ? 1.332 ? ? 
covale3 covale both ? C ILE 6 C ? ? ? 1_555 C PTR 7 N ? ? N ILE 971 N PTR 972 1_555 ? ? ? ? ? ? ? 1.330 ? ? 
covale4 covale both ? C PTR 7 C ? ? ? 1_555 C ALA 8 N ? ? N PTR 972 N ALA 973 1_555 ? ? ? ? ? ? ? 1.330 ? ? 
# 
_struct_conn_type.id          covale 
_struct_conn_type.criteria    ? 
_struct_conn_type.reference   ? 
# 
loop_
_pdbx_modification_feature.ordinal 
_pdbx_modification_feature.label_comp_id 
_pdbx_modification_feature.label_asym_id 
_pdbx_modification_feature.label_seq_id 
_pdbx_modification_feature.label_alt_id 
_pdbx_modification_feature.modified_residue_label_comp_id 
_pdbx_modification_feature.modified_residue_label_asym_id 
_pdbx_modification_feature.modified_residue_label_seq_id 
_pdbx_modification_feature.modified_residue_label_alt_id 
_pdbx_modification_feature.auth_comp_id 
_pdbx_modification_feature.auth_asym_id 
_pdbx_modification_feature.auth_seq_id 
_pdbx_modification_feature.PDB_ins_code 
_pdbx_modification_feature.symmetry 
_pdbx_modification_feature.modified_residue_auth_comp_id 
_pdbx_modification_feature.modified_residue_auth_asym_id 
_pdbx_modification_feature.modified_residue_auth_seq_id 
_pdbx_modification_feature.modified_residue_PDB_ins_code 
_pdbx_modification_feature.modified_residue_symmetry 
_pdbx_modification_feature.comp_id_linking_atom 
_pdbx_modification_feature.modified_residue_id_linking_atom 
_pdbx_modification_feature.modified_residue_id 
_pdbx_modification_feature.ref_pcm_id 
_pdbx_modification_feature.ref_comp_id 
_pdbx_modification_feature.type 
_pdbx_modification_feature.category 
1 PTR B 7 ? . . . . PTR L 972 ? 1_555 . . . . . . . TYR 1 PTR Phosphorylation 'Named protein modification' 
2 PTR C 7 ? . . . . PTR N 972 ? 1_555 . . . . . . . TYR 1 PTR Phosphorylation 'Named protein modification' 
# 
_struct_mon_prot_cis.pdbx_id                1 
_struct_mon_prot_cis.label_comp_id          PRO 
_struct_mon_prot_cis.label_seq_id           38 
_struct_mon_prot_cis.label_asym_id          A 
_struct_mon_prot_cis.label_alt_id           . 
_struct_mon_prot_cis.pdbx_PDB_ins_code      ? 
_struct_mon_prot_cis.auth_comp_id           PRO 
_struct_mon_prot_cis.auth_seq_id            38 
_struct_mon_prot_cis.auth_asym_id           A 
_struct_mon_prot_cis.pdbx_label_comp_id_2   GLY 
_struct_mon_prot_cis.pdbx_label_seq_id_2    39 
_struct_mon_prot_cis.pdbx_label_asym_id_2   A 
_struct_mon_prot_cis.pdbx_PDB_ins_code_2    ? 
_struct_mon_prot_cis.pdbx_auth_comp_id_2    GLY 
_struct_mon_prot_cis.pdbx_auth_seq_id_2     39 
_struct_mon_prot_cis.pdbx_auth_asym_id_2    A 
_struct_mon_prot_cis.pdbx_PDB_model_num     1 
_struct_mon_prot_cis.pdbx_omega_angle       -8.20 
# 
loop_
_struct_sheet.id 
_struct_sheet.type 
_struct_sheet.number_strands 
_struct_sheet.details 
AA1 ? 5 ? 
AA2 ? 3 ? 
AA3 ? 5 ? 
AA4 ? 2 ? 
# 
loop_
_struct_sheet_order.sheet_id 
_struct_sheet_order.range_id_1 
_struct_sheet_order.range_id_2 
_struct_sheet_order.offset 
_struct_sheet_order.sense 
AA1 1 2 ? anti-parallel 
AA1 2 3 ? anti-parallel 
AA1 3 4 ? anti-parallel 
AA1 4 5 ? parallel      
AA2 1 2 ? anti-parallel 
AA2 2 3 ? parallel      
AA3 1 2 ? anti-parallel 
AA3 2 3 ? anti-parallel 
AA3 3 4 ? anti-parallel 
AA3 4 5 ? parallel      
AA4 1 2 ? anti-parallel 
# 
loop_
_struct_sheet_range.sheet_id 
_struct_sheet_range.id 
_struct_sheet_range.beg_label_comp_id 
_struct_sheet_range.beg_label_asym_id 
_struct_sheet_range.beg_label_seq_id 
_struct_sheet_range.pdbx_beg_PDB_ins_code 
_struct_sheet_range.end_label_comp_id 
_struct_sheet_range.end_label_asym_id 
_struct_sheet_range.end_label_seq_id 
_struct_sheet_range.pdbx_end_PDB_ins_code 
_struct_sheet_range.beg_auth_comp_id 
_struct_sheet_range.beg_auth_asym_id 
_struct_sheet_range.beg_auth_seq_id 
_struct_sheet_range.end_auth_comp_id 
_struct_sheet_range.end_auth_asym_id 
_struct_sheet_range.end_auth_seq_id 
AA1 1 TYR A 63  ? ASP A 64  ? TYR A 63  ASP A 64  
AA1 2 ALA A 50  ? ASN A 58  ? ALA A 50  ASN A 58  
AA1 3 PHE A 41  ? ARG A 47  ? PHE A 41  ARG A 47  
AA1 4 SER A 28  ? PRO A 33  ? SER A 28  PRO A 33  
AA1 5 TYR A 100 ? PRO A 101 ? TYR A 100 PRO A 101 
AA2 1 TYR A 63  ? ASP A 64  ? TYR A 63  ASP A 64  
AA2 2 ALA A 50  ? ASN A 58  ? ALA A 50  ASN A 58  
AA2 3 PTR B 7   ? ALA B 8   ? PTR L 972 ALA L 973 
AA3 1 LYS A 178 ? ASP A 180 ? LYS A 178 ASP A 180 
AA3 2 THR A 168 ? GLN A 175 ? THR A 168 GLN A 175 
AA3 3 PHE A 147 ? VAL A 151 ? PHE A 147 VAL A 151 
AA3 4 SER A 134 ? GLU A 139 ? SER A 134 GLU A 139 
AA3 5 GLN A 214 ? PRO A 215 ? GLN A 214 PRO A 215 
AA4 1 MET A 202 ? VAL A 203 ? MET A 202 VAL A 203 
AA4 2 VAL A 209 ? LEU A 210 ? VAL A 209 LEU A 210 
# 
loop_
_pdbx_struct_sheet_hbond.sheet_id 
_pdbx_struct_sheet_hbond.range_id_1 
_pdbx_struct_sheet_hbond.range_id_2 
_pdbx_struct_sheet_hbond.range_1_label_atom_id 
_pdbx_struct_sheet_hbond.range_1_label_comp_id 
_pdbx_struct_sheet_hbond.range_1_label_asym_id 
_pdbx_struct_sheet_hbond.range_1_label_seq_id 
_pdbx_struct_sheet_hbond.range_1_PDB_ins_code 
_pdbx_struct_sheet_hbond.range_1_auth_atom_id 
_pdbx_struct_sheet_hbond.range_1_auth_comp_id 
_pdbx_struct_sheet_hbond.range_1_auth_asym_id 
_pdbx_struct_sheet_hbond.range_1_auth_seq_id 
_pdbx_struct_sheet_hbond.range_2_label_atom_id 
_pdbx_struct_sheet_hbond.range_2_label_comp_id 
_pdbx_struct_sheet_hbond.range_2_label_asym_id 
_pdbx_struct_sheet_hbond.range_2_label_seq_id 
_pdbx_struct_sheet_hbond.range_2_PDB_ins_code 
_pdbx_struct_sheet_hbond.range_2_auth_atom_id 
_pdbx_struct_sheet_hbond.range_2_auth_comp_id 
_pdbx_struct_sheet_hbond.range_2_auth_asym_id 
_pdbx_struct_sheet_hbond.range_2_auth_seq_id 
AA1 1 2 O ASP A 64  ? O ASP A 64  N GLN A 57  ? N GLN A 57  
AA1 2 3 O ALA A 50  ? O ALA A 50  N ARG A 47  ? N ARG A 47  
AA1 3 4 O THR A 42  ? O THR A 42  N ARG A 32  ? N ARG A 32  
AA1 4 5 N PHE A 29  ? N PHE A 29  O TYR A 100 ? O TYR A 100 
AA2 1 2 O ASP A 64  ? O ASP A 64  N GLN A 57  ? N GLN A 57  
AA2 2 3 N HIS A 53  ? N HIS A 53  O ALA B 8   ? O ALA L 973 
AA3 1 2 O ASP A 180 ? O ASP A 180 N ARG A 173 ? N ARG A 173 
AA3 2 3 O VAL A 170 ? O VAL A 170 N LEU A 149 ? N LEU A 149 
AA3 3 4 O SER A 150 ? O SER A 150 N LEU A 136 ? N LEU A 136 
AA3 4 5 N PHE A 135 ? N PHE A 135 O GLN A 214 ? O GLN A 214 
AA4 1 2 N MET A 202 ? N MET A 202 O LEU A 210 ? O LEU A 210 
# 
_pdbx_entry_details.entry_id                   5X7B 
_pdbx_entry_details.compound_details           ? 
_pdbx_entry_details.source_details             ? 
_pdbx_entry_details.nonpolymer_details         ? 
_pdbx_entry_details.sequence_details           ? 
_pdbx_entry_details.has_ligand_of_interest     ? 
_pdbx_entry_details.has_protein_modification   Y 
# 
loop_
_pdbx_validate_torsion.id 
_pdbx_validate_torsion.PDB_model_num 
_pdbx_validate_torsion.auth_comp_id 
_pdbx_validate_torsion.auth_asym_id 
_pdbx_validate_torsion.auth_seq_id 
_pdbx_validate_torsion.PDB_ins_code 
_pdbx_validate_torsion.label_alt_id 
_pdbx_validate_torsion.phi 
_pdbx_validate_torsion.psi 
1 1 TRP A 6   ? ? -143.40 -7.21   
2 1 LEU A 65  ? ? -106.63 41.59   
3 1 GLU A 90  ? ? -68.08  -167.34 
4 1 LEU A 117 ? ? -171.51 137.56  
5 1 LYS A 129 ? ? -161.42 2.54    
6 1 VAL A 181 ? ? -104.23 61.11   
7 1 ILE L 975 ? ? -102.86 -72.16  
# 
loop_
_pdbx_struct_mod_residue.id 
_pdbx_struct_mod_residue.label_asym_id 
_pdbx_struct_mod_residue.label_comp_id 
_pdbx_struct_mod_residue.label_seq_id 
_pdbx_struct_mod_residue.auth_asym_id 
_pdbx_struct_mod_residue.auth_comp_id 
_pdbx_struct_mod_residue.auth_seq_id 
_pdbx_struct_mod_residue.PDB_ins_code 
_pdbx_struct_mod_residue.parent_comp_id 
_pdbx_struct_mod_residue.details 
1 B PTR 7 L PTR 972 ? TYR 'modified residue' 
2 C PTR 7 N PTR 972 ? TYR 'modified residue' 
# 
loop_
_pdbx_unobs_or_zero_occ_residues.id 
_pdbx_unobs_or_zero_occ_residues.PDB_model_num 
_pdbx_unobs_or_zero_occ_residues.polymer_flag 
_pdbx_unobs_or_zero_occ_residues.occupancy_flag 
_pdbx_unobs_or_zero_occ_residues.auth_asym_id 
_pdbx_unobs_or_zero_occ_residues.auth_comp_id 
_pdbx_unobs_or_zero_occ_residues.auth_seq_id 
_pdbx_unobs_or_zero_occ_residues.PDB_ins_code 
_pdbx_unobs_or_zero_occ_residues.label_asym_id 
_pdbx_unobs_or_zero_occ_residues.label_comp_id 
_pdbx_unobs_or_zero_occ_residues.label_seq_id 
1  1 Y 1 A MET 1   ? A MET 1   
2  1 Y 1 A THR 2   ? A THR 2   
3  1 Y 1 A GLY 154 ? A GLY 154 
4  1 Y 1 A ASP 155 ? A ASP 155 
5  1 Y 1 A ASP 156 ? A ASP 156 
6  1 Y 1 A LYS 157 ? A LYS 157 
7  1 Y 1 A GLY 158 ? A GLY 158 
8  1 Y 1 A GLU 159 ? A GLU 159 
9  1 Y 1 A SER 160 ? A SER 160 
10 1 Y 1 A ASN 161 ? A ASN 161 
11 1 Y 1 A ASP 162 ? A ASP 162 
12 1 Y 1 A GLY 163 ? A GLY 163 
13 1 Y 1 A LYS 164 ? A LYS 164 
14 1 Y 1 A SER 165 ? A SER 165 
15 1 Y 1 L VAL 966 ? B VAL 1   
16 1 Y 1 L SER 967 ? B SER 2   
17 1 Y 1 L PRO 968 ? B PRO 3   
18 1 Y 1 L GLU 969 ? B GLU 4   
19 1 Y 1 L ASP 977 ? B ASP 12  
20 1 Y 1 L LEU 978 ? B LEU 13  
21 1 Y 1 N VAL 966 ? C VAL 1   
22 1 Y 1 N SER 967 ? C SER 2   
23 1 Y 1 N PRO 968 ? C PRO 3   
24 1 Y 1 N GLU 969 ? C GLU 4   
25 1 Y 1 N PRO 970 ? C PRO 5   
26 1 Y 1 N LEU 978 ? C LEU 13  
# 
loop_
_chem_comp_atom.comp_id 
_chem_comp_atom.atom_id 
_chem_comp_atom.type_symbol 
_chem_comp_atom.pdbx_aromatic_flag 
_chem_comp_atom.pdbx_stereo_config 
_chem_comp_atom.pdbx_ordinal 
ALA N    N N N 1   
ALA CA   C N S 2   
ALA C    C N N 3   
ALA O    O N N 4   
ALA CB   C N N 5   
ALA OXT  O N N 6   
ALA H    H N N 7   
ALA H2   H N N 8   
ALA HA   H N N 9   
ALA HB1  H N N 10  
ALA HB2  H N N 11  
ALA HB3  H N N 12  
ALA HXT  H N N 13  
ARG N    N N N 14  
ARG CA   C N S 15  
ARG C    C N N 16  
ARG O    O N N 17  
ARG CB   C N N 18  
ARG CG   C N N 19  
ARG CD   C N N 20  
ARG NE   N N N 21  
ARG CZ   C N N 22  
ARG NH1  N N N 23  
ARG NH2  N N N 24  
ARG OXT  O N N 25  
ARG H    H N N 26  
ARG H2   H N N 27  
ARG HA   H N N 28  
ARG HB2  H N N 29  
ARG HB3  H N N 30  
ARG HG2  H N N 31  
ARG HG3  H N N 32  
ARG HD2  H N N 33  
ARG HD3  H N N 34  
ARG HE   H N N 35  
ARG HH11 H N N 36  
ARG HH12 H N N 37  
ARG HH21 H N N 38  
ARG HH22 H N N 39  
ARG HXT  H N N 40  
ASN N    N N N 41  
ASN CA   C N S 42  
ASN C    C N N 43  
ASN O    O N N 44  
ASN CB   C N N 45  
ASN CG   C N N 46  
ASN OD1  O N N 47  
ASN ND2  N N N 48  
ASN OXT  O N N 49  
ASN H    H N N 50  
ASN H2   H N N 51  
ASN HA   H N N 52  
ASN HB2  H N N 53  
ASN HB3  H N N 54  
ASN HD21 H N N 55  
ASN HD22 H N N 56  
ASN HXT  H N N 57  
ASP N    N N N 58  
ASP CA   C N S 59  
ASP C    C N N 60  
ASP O    O N N 61  
ASP CB   C N N 62  
ASP CG   C N N 63  
ASP OD1  O N N 64  
ASP OD2  O N N 65  
ASP OXT  O N N 66  
ASP H    H N N 67  
ASP H2   H N N 68  
ASP HA   H N N 69  
ASP HB2  H N N 70  
ASP HB3  H N N 71  
ASP HD2  H N N 72  
ASP HXT  H N N 73  
CYS N    N N N 74  
CYS CA   C N R 75  
CYS C    C N N 76  
CYS O    O N N 77  
CYS CB   C N N 78  
CYS SG   S N N 79  
CYS OXT  O N N 80  
CYS H    H N N 81  
CYS H2   H N N 82  
CYS HA   H N N 83  
CYS HB2  H N N 84  
CYS HB3  H N N 85  
CYS HG   H N N 86  
CYS HXT  H N N 87  
GLN N    N N N 88  
GLN CA   C N S 89  
GLN C    C N N 90  
GLN O    O N N 91  
GLN CB   C N N 92  
GLN CG   C N N 93  
GLN CD   C N N 94  
GLN OE1  O N N 95  
GLN NE2  N N N 96  
GLN OXT  O N N 97  
GLN H    H N N 98  
GLN H2   H N N 99  
GLN HA   H N N 100 
GLN HB2  H N N 101 
GLN HB3  H N N 102 
GLN HG2  H N N 103 
GLN HG3  H N N 104 
GLN HE21 H N N 105 
GLN HE22 H N N 106 
GLN HXT  H N N 107 
GLU N    N N N 108 
GLU CA   C N S 109 
GLU C    C N N 110 
GLU O    O N N 111 
GLU CB   C N N 112 
GLU CG   C N N 113 
GLU CD   C N N 114 
GLU OE1  O N N 115 
GLU OE2  O N N 116 
GLU OXT  O N N 117 
GLU H    H N N 118 
GLU H2   H N N 119 
GLU HA   H N N 120 
GLU HB2  H N N 121 
GLU HB3  H N N 122 
GLU HG2  H N N 123 
GLU HG3  H N N 124 
GLU HE2  H N N 125 
GLU HXT  H N N 126 
GLY N    N N N 127 
GLY CA   C N N 128 
GLY C    C N N 129 
GLY O    O N N 130 
GLY OXT  O N N 131 
GLY H    H N N 132 
GLY H2   H N N 133 
GLY HA2  H N N 134 
GLY HA3  H N N 135 
GLY HXT  H N N 136 
HIS N    N N N 137 
HIS CA   C N S 138 
HIS C    C N N 139 
HIS O    O N N 140 
HIS CB   C N N 141 
HIS CG   C Y N 142 
HIS ND1  N Y N 143 
HIS CD2  C Y N 144 
HIS CE1  C Y N 145 
HIS NE2  N Y N 146 
HIS OXT  O N N 147 
HIS H    H N N 148 
HIS H2   H N N 149 
HIS HA   H N N 150 
HIS HB2  H N N 151 
HIS HB3  H N N 152 
HIS HD1  H N N 153 
HIS HD2  H N N 154 
HIS HE1  H N N 155 
HIS HE2  H N N 156 
HIS HXT  H N N 157 
HOH O    O N N 158 
HOH H1   H N N 159 
HOH H2   H N N 160 
ILE N    N N N 161 
ILE CA   C N S 162 
ILE C    C N N 163 
ILE O    O N N 164 
ILE CB   C N S 165 
ILE CG1  C N N 166 
ILE CG2  C N N 167 
ILE CD1  C N N 168 
ILE OXT  O N N 169 
ILE H    H N N 170 
ILE H2   H N N 171 
ILE HA   H N N 172 
ILE HB   H N N 173 
ILE HG12 H N N 174 
ILE HG13 H N N 175 
ILE HG21 H N N 176 
ILE HG22 H N N 177 
ILE HG23 H N N 178 
ILE HD11 H N N 179 
ILE HD12 H N N 180 
ILE HD13 H N N 181 
ILE HXT  H N N 182 
LEU N    N N N 183 
LEU CA   C N S 184 
LEU C    C N N 185 
LEU O    O N N 186 
LEU CB   C N N 187 
LEU CG   C N N 188 
LEU CD1  C N N 189 
LEU CD2  C N N 190 
LEU OXT  O N N 191 
LEU H    H N N 192 
LEU H2   H N N 193 
LEU HA   H N N 194 
LEU HB2  H N N 195 
LEU HB3  H N N 196 
LEU HG   H N N 197 
LEU HD11 H N N 198 
LEU HD12 H N N 199 
LEU HD13 H N N 200 
LEU HD21 H N N 201 
LEU HD22 H N N 202 
LEU HD23 H N N 203 
LEU HXT  H N N 204 
LYS N    N N N 205 
LYS CA   C N S 206 
LYS C    C N N 207 
LYS O    O N N 208 
LYS CB   C N N 209 
LYS CG   C N N 210 
LYS CD   C N N 211 
LYS CE   C N N 212 
LYS NZ   N N N 213 
LYS OXT  O N N 214 
LYS H    H N N 215 
LYS H2   H N N 216 
LYS HA   H N N 217 
LYS HB2  H N N 218 
LYS HB3  H N N 219 
LYS HG2  H N N 220 
LYS HG3  H N N 221 
LYS HD2  H N N 222 
LYS HD3  H N N 223 
LYS HE2  H N N 224 
LYS HE3  H N N 225 
LYS HZ1  H N N 226 
LYS HZ2  H N N 227 
LYS HZ3  H N N 228 
LYS HXT  H N N 229 
MET N    N N N 230 
MET CA   C N S 231 
MET C    C N N 232 
MET O    O N N 233 
MET CB   C N N 234 
MET CG   C N N 235 
MET SD   S N N 236 
MET CE   C N N 237 
MET OXT  O N N 238 
MET H    H N N 239 
MET H2   H N N 240 
MET HA   H N N 241 
MET HB2  H N N 242 
MET HB3  H N N 243 
MET HG2  H N N 244 
MET HG3  H N N 245 
MET HE1  H N N 246 
MET HE2  H N N 247 
MET HE3  H N N 248 
MET HXT  H N N 249 
PHE N    N N N 250 
PHE CA   C N S 251 
PHE C    C N N 252 
PHE O    O N N 253 
PHE CB   C N N 254 
PHE CG   C Y N 255 
PHE CD1  C Y N 256 
PHE CD2  C Y N 257 
PHE CE1  C Y N 258 
PHE CE2  C Y N 259 
PHE CZ   C Y N 260 
PHE OXT  O N N 261 
PHE H    H N N 262 
PHE H2   H N N 263 
PHE HA   H N N 264 
PHE HB2  H N N 265 
PHE HB3  H N N 266 
PHE HD1  H N N 267 
PHE HD2  H N N 268 
PHE HE1  H N N 269 
PHE HE2  H N N 270 
PHE HZ   H N N 271 
PHE HXT  H N N 272 
PRO N    N N N 273 
PRO CA   C N S 274 
PRO C    C N N 275 
PRO O    O N N 276 
PRO CB   C N N 277 
PRO CG   C N N 278 
PRO CD   C N N 279 
PRO OXT  O N N 280 
PRO H    H N N 281 
PRO HA   H N N 282 
PRO HB2  H N N 283 
PRO HB3  H N N 284 
PRO HG2  H N N 285 
PRO HG3  H N N 286 
PRO HD2  H N N 287 
PRO HD3  H N N 288 
PRO HXT  H N N 289 
PTR N    N N N 290 
PTR CA   C N S 291 
PTR C    C N N 292 
PTR O    O N N 293 
PTR OXT  O N N 294 
PTR CB   C N N 295 
PTR CG   C Y N 296 
PTR CD1  C Y N 297 
PTR CD2  C Y N 298 
PTR CE1  C Y N 299 
PTR CE2  C Y N 300 
PTR CZ   C Y N 301 
PTR OH   O N N 302 
PTR P    P N N 303 
PTR O1P  O N N 304 
PTR O2P  O N N 305 
PTR O3P  O N N 306 
PTR H    H N N 307 
PTR H2   H N N 308 
PTR HA   H N N 309 
PTR HXT  H N N 310 
PTR HB2  H N N 311 
PTR HB3  H N N 312 
PTR HD1  H N N 313 
PTR HD2  H N N 314 
PTR HE1  H N N 315 
PTR HE2  H N N 316 
PTR HO2P H N N 317 
PTR HO3P H N N 318 
SER N    N N N 319 
SER CA   C N S 320 
SER C    C N N 321 
SER O    O N N 322 
SER CB   C N N 323 
SER OG   O N N 324 
SER OXT  O N N 325 
SER H    H N N 326 
SER H2   H N N 327 
SER HA   H N N 328 
SER HB2  H N N 329 
SER HB3  H N N 330 
SER HG   H N N 331 
SER HXT  H N N 332 
THR N    N N N 333 
THR CA   C N S 334 
THR C    C N N 335 
THR O    O N N 336 
THR CB   C N R 337 
THR OG1  O N N 338 
THR CG2  C N N 339 
THR OXT  O N N 340 
THR H    H N N 341 
THR H2   H N N 342 
THR HA   H N N 343 
THR HB   H N N 344 
THR HG1  H N N 345 
THR HG21 H N N 346 
THR HG22 H N N 347 
THR HG23 H N N 348 
THR HXT  H N N 349 
TRP N    N N N 350 
TRP CA   C N S 351 
TRP C    C N N 352 
TRP O    O N N 353 
TRP CB   C N N 354 
TRP CG   C Y N 355 
TRP CD1  C Y N 356 
TRP CD2  C Y N 357 
TRP NE1  N Y N 358 
TRP CE2  C Y N 359 
TRP CE3  C Y N 360 
TRP CZ2  C Y N 361 
TRP CZ3  C Y N 362 
TRP CH2  C Y N 363 
TRP OXT  O N N 364 
TRP H    H N N 365 
TRP H2   H N N 366 
TRP HA   H N N 367 
TRP HB2  H N N 368 
TRP HB3  H N N 369 
TRP HD1  H N N 370 
TRP HE1  H N N 371 
TRP HE3  H N N 372 
TRP HZ2  H N N 373 
TRP HZ3  H N N 374 
TRP HH2  H N N 375 
TRP HXT  H N N 376 
TYR N    N N N 377 
TYR CA   C N S 378 
TYR C    C N N 379 
TYR O    O N N 380 
TYR CB   C N N 381 
TYR CG   C Y N 382 
TYR CD1  C Y N 383 
TYR CD2  C Y N 384 
TYR CE1  C Y N 385 
TYR CE2  C Y N 386 
TYR CZ   C Y N 387 
TYR OH   O N N 388 
TYR OXT  O N N 389 
TYR H    H N N 390 
TYR H2   H N N 391 
TYR HA   H N N 392 
TYR HB2  H N N 393 
TYR HB3  H N N 394 
TYR HD1  H N N 395 
TYR HD2  H N N 396 
TYR HE1  H N N 397 
TYR HE2  H N N 398 
TYR HH   H N N 399 
TYR HXT  H N N 400 
VAL N    N N N 401 
VAL CA   C N S 402 
VAL C    C N N 403 
VAL O    O N N 404 
VAL CB   C N N 405 
VAL CG1  C N N 406 
VAL CG2  C N N 407 
VAL OXT  O N N 408 
VAL H    H N N 409 
VAL H2   H N N 410 
VAL HA   H N N 411 
VAL HB   H N N 412 
VAL HG11 H N N 413 
VAL HG12 H N N 414 
VAL HG13 H N N 415 
VAL HG21 H N N 416 
VAL HG22 H N N 417 
VAL HG23 H N N 418 
VAL HXT  H N N 419 
# 
loop_
_chem_comp_bond.comp_id 
_chem_comp_bond.atom_id_1 
_chem_comp_bond.atom_id_2 
_chem_comp_bond.value_order 
_chem_comp_bond.pdbx_aromatic_flag 
_chem_comp_bond.pdbx_stereo_config 
_chem_comp_bond.pdbx_ordinal 
ALA N   CA   sing N N 1   
ALA N   H    sing N N 2   
ALA N   H2   sing N N 3   
ALA CA  C    sing N N 4   
ALA CA  CB   sing N N 5   
ALA CA  HA   sing N N 6   
ALA C   O    doub N N 7   
ALA C   OXT  sing N N 8   
ALA CB  HB1  sing N N 9   
ALA CB  HB2  sing N N 10  
ALA CB  HB3  sing N N 11  
ALA OXT HXT  sing N N 12  
ARG N   CA   sing N N 13  
ARG N   H    sing N N 14  
ARG N   H2   sing N N 15  
ARG CA  C    sing N N 16  
ARG CA  CB   sing N N 17  
ARG CA  HA   sing N N 18  
ARG C   O    doub N N 19  
ARG C   OXT  sing N N 20  
ARG CB  CG   sing N N 21  
ARG CB  HB2  sing N N 22  
ARG CB  HB3  sing N N 23  
ARG CG  CD   sing N N 24  
ARG CG  HG2  sing N N 25  
ARG CG  HG3  sing N N 26  
ARG CD  NE   sing N N 27  
ARG CD  HD2  sing N N 28  
ARG CD  HD3  sing N N 29  
ARG NE  CZ   sing N N 30  
ARG NE  HE   sing N N 31  
ARG CZ  NH1  sing N N 32  
ARG CZ  NH2  doub N N 33  
ARG NH1 HH11 sing N N 34  
ARG NH1 HH12 sing N N 35  
ARG NH2 HH21 sing N N 36  
ARG NH2 HH22 sing N N 37  
ARG OXT HXT  sing N N 38  
ASN N   CA   sing N N 39  
ASN N   H    sing N N 40  
ASN N   H2   sing N N 41  
ASN CA  C    sing N N 42  
ASN CA  CB   sing N N 43  
ASN CA  HA   sing N N 44  
ASN C   O    doub N N 45  
ASN C   OXT  sing N N 46  
ASN CB  CG   sing N N 47  
ASN CB  HB2  sing N N 48  
ASN CB  HB3  sing N N 49  
ASN CG  OD1  doub N N 50  
ASN CG  ND2  sing N N 51  
ASN ND2 HD21 sing N N 52  
ASN ND2 HD22 sing N N 53  
ASN OXT HXT  sing N N 54  
ASP N   CA   sing N N 55  
ASP N   H    sing N N 56  
ASP N   H2   sing N N 57  
ASP CA  C    sing N N 58  
ASP CA  CB   sing N N 59  
ASP CA  HA   sing N N 60  
ASP C   O    doub N N 61  
ASP C   OXT  sing N N 62  
ASP CB  CG   sing N N 63  
ASP CB  HB2  sing N N 64  
ASP CB  HB3  sing N N 65  
ASP CG  OD1  doub N N 66  
ASP CG  OD2  sing N N 67  
ASP OD2 HD2  sing N N 68  
ASP OXT HXT  sing N N 69  
CYS N   CA   sing N N 70  
CYS N   H    sing N N 71  
CYS N   H2   sing N N 72  
CYS CA  C    sing N N 73  
CYS CA  CB   sing N N 74  
CYS CA  HA   sing N N 75  
CYS C   O    doub N N 76  
CYS C   OXT  sing N N 77  
CYS CB  SG   sing N N 78  
CYS CB  HB2  sing N N 79  
CYS CB  HB3  sing N N 80  
CYS SG  HG   sing N N 81  
CYS OXT HXT  sing N N 82  
GLN N   CA   sing N N 83  
GLN N   H    sing N N 84  
GLN N   H2   sing N N 85  
GLN CA  C    sing N N 86  
GLN CA  CB   sing N N 87  
GLN CA  HA   sing N N 88  
GLN C   O    doub N N 89  
GLN C   OXT  sing N N 90  
GLN CB  CG   sing N N 91  
GLN CB  HB2  sing N N 92  
GLN CB  HB3  sing N N 93  
GLN CG  CD   sing N N 94  
GLN CG  HG2  sing N N 95  
GLN CG  HG3  sing N N 96  
GLN CD  OE1  doub N N 97  
GLN CD  NE2  sing N N 98  
GLN NE2 HE21 sing N N 99  
GLN NE2 HE22 sing N N 100 
GLN OXT HXT  sing N N 101 
GLU N   CA   sing N N 102 
GLU N   H    sing N N 103 
GLU N   H2   sing N N 104 
GLU CA  C    sing N N 105 
GLU CA  CB   sing N N 106 
GLU CA  HA   sing N N 107 
GLU C   O    doub N N 108 
GLU C   OXT  sing N N 109 
GLU CB  CG   sing N N 110 
GLU CB  HB2  sing N N 111 
GLU CB  HB3  sing N N 112 
GLU CG  CD   sing N N 113 
GLU CG  HG2  sing N N 114 
GLU CG  HG3  sing N N 115 
GLU CD  OE1  doub N N 116 
GLU CD  OE2  sing N N 117 
GLU OE2 HE2  sing N N 118 
GLU OXT HXT  sing N N 119 
GLY N   CA   sing N N 120 
GLY N   H    sing N N 121 
GLY N   H2   sing N N 122 
GLY CA  C    sing N N 123 
GLY CA  HA2  sing N N 124 
GLY CA  HA3  sing N N 125 
GLY C   O    doub N N 126 
GLY C   OXT  sing N N 127 
GLY OXT HXT  sing N N 128 
HIS N   CA   sing N N 129 
HIS N   H    sing N N 130 
HIS N   H2   sing N N 131 
HIS CA  C    sing N N 132 
HIS CA  CB   sing N N 133 
HIS CA  HA   sing N N 134 
HIS C   O    doub N N 135 
HIS C   OXT  sing N N 136 
HIS CB  CG   sing N N 137 
HIS CB  HB2  sing N N 138 
HIS CB  HB3  sing N N 139 
HIS CG  ND1  sing Y N 140 
HIS CG  CD2  doub Y N 141 
HIS ND1 CE1  doub Y N 142 
HIS ND1 HD1  sing N N 143 
HIS CD2 NE2  sing Y N 144 
HIS CD2 HD2  sing N N 145 
HIS CE1 NE2  sing Y N 146 
HIS CE1 HE1  sing N N 147 
HIS NE2 HE2  sing N N 148 
HIS OXT HXT  sing N N 149 
HOH O   H1   sing N N 150 
HOH O   H2   sing N N 151 
ILE N   CA   sing N N 152 
ILE N   H    sing N N 153 
ILE N   H2   sing N N 154 
ILE CA  C    sing N N 155 
ILE CA  CB   sing N N 156 
ILE CA  HA   sing N N 157 
ILE C   O    doub N N 158 
ILE C   OXT  sing N N 159 
ILE CB  CG1  sing N N 160 
ILE CB  CG2  sing N N 161 
ILE CB  HB   sing N N 162 
ILE CG1 CD1  sing N N 163 
ILE CG1 HG12 sing N N 164 
ILE CG1 HG13 sing N N 165 
ILE CG2 HG21 sing N N 166 
ILE CG2 HG22 sing N N 167 
ILE CG2 HG23 sing N N 168 
ILE CD1 HD11 sing N N 169 
ILE CD1 HD12 sing N N 170 
ILE CD1 HD13 sing N N 171 
ILE OXT HXT  sing N N 172 
LEU N   CA   sing N N 173 
LEU N   H    sing N N 174 
LEU N   H2   sing N N 175 
LEU CA  C    sing N N 176 
LEU CA  CB   sing N N 177 
LEU CA  HA   sing N N 178 
LEU C   O    doub N N 179 
LEU C   OXT  sing N N 180 
LEU CB  CG   sing N N 181 
LEU CB  HB2  sing N N 182 
LEU CB  HB3  sing N N 183 
LEU CG  CD1  sing N N 184 
LEU CG  CD2  sing N N 185 
LEU CG  HG   sing N N 186 
LEU CD1 HD11 sing N N 187 
LEU CD1 HD12 sing N N 188 
LEU CD1 HD13 sing N N 189 
LEU CD2 HD21 sing N N 190 
LEU CD2 HD22 sing N N 191 
LEU CD2 HD23 sing N N 192 
LEU OXT HXT  sing N N 193 
LYS N   CA   sing N N 194 
LYS N   H    sing N N 195 
LYS N   H2   sing N N 196 
LYS CA  C    sing N N 197 
LYS CA  CB   sing N N 198 
LYS CA  HA   sing N N 199 
LYS C   O    doub N N 200 
LYS C   OXT  sing N N 201 
LYS CB  CG   sing N N 202 
LYS CB  HB2  sing N N 203 
LYS CB  HB3  sing N N 204 
LYS CG  CD   sing N N 205 
LYS CG  HG2  sing N N 206 
LYS CG  HG3  sing N N 207 
LYS CD  CE   sing N N 208 
LYS CD  HD2  sing N N 209 
LYS CD  HD3  sing N N 210 
LYS CE  NZ   sing N N 211 
LYS CE  HE2  sing N N 212 
LYS CE  HE3  sing N N 213 
LYS NZ  HZ1  sing N N 214 
LYS NZ  HZ2  sing N N 215 
LYS NZ  HZ3  sing N N 216 
LYS OXT HXT  sing N N 217 
MET N   CA   sing N N 218 
MET N   H    sing N N 219 
MET N   H2   sing N N 220 
MET CA  C    sing N N 221 
MET CA  CB   sing N N 222 
MET CA  HA   sing N N 223 
MET C   O    doub N N 224 
MET C   OXT  sing N N 225 
MET CB  CG   sing N N 226 
MET CB  HB2  sing N N 227 
MET CB  HB3  sing N N 228 
MET CG  SD   sing N N 229 
MET CG  HG2  sing N N 230 
MET CG  HG3  sing N N 231 
MET SD  CE   sing N N 232 
MET CE  HE1  sing N N 233 
MET CE  HE2  sing N N 234 
MET CE  HE3  sing N N 235 
MET OXT HXT  sing N N 236 
PHE N   CA   sing N N 237 
PHE N   H    sing N N 238 
PHE N   H2   sing N N 239 
PHE CA  C    sing N N 240 
PHE CA  CB   sing N N 241 
PHE CA  HA   sing N N 242 
PHE C   O    doub N N 243 
PHE C   OXT  sing N N 244 
PHE CB  CG   sing N N 245 
PHE CB  HB2  sing N N 246 
PHE CB  HB3  sing N N 247 
PHE CG  CD1  doub Y N 248 
PHE CG  CD2  sing Y N 249 
PHE CD1 CE1  sing Y N 250 
PHE CD1 HD1  sing N N 251 
PHE CD2 CE2  doub Y N 252 
PHE CD2 HD2  sing N N 253 
PHE CE1 CZ   doub Y N 254 
PHE CE1 HE1  sing N N 255 
PHE CE2 CZ   sing Y N 256 
PHE CE2 HE2  sing N N 257 
PHE CZ  HZ   sing N N 258 
PHE OXT HXT  sing N N 259 
PRO N   CA   sing N N 260 
PRO N   CD   sing N N 261 
PRO N   H    sing N N 262 
PRO CA  C    sing N N 263 
PRO CA  CB   sing N N 264 
PRO CA  HA   sing N N 265 
PRO C   O    doub N N 266 
PRO C   OXT  sing N N 267 
PRO CB  CG   sing N N 268 
PRO CB  HB2  sing N N 269 
PRO CB  HB3  sing N N 270 
PRO CG  CD   sing N N 271 
PRO CG  HG2  sing N N 272 
PRO CG  HG3  sing N N 273 
PRO CD  HD2  sing N N 274 
PRO CD  HD3  sing N N 275 
PRO OXT HXT  sing N N 276 
PTR N   CA   sing N N 277 
PTR N   H    sing N N 278 
PTR N   H2   sing N N 279 
PTR CA  C    sing N N 280 
PTR CA  CB   sing N N 281 
PTR CA  HA   sing N N 282 
PTR C   O    doub N N 283 
PTR C   OXT  sing N N 284 
PTR OXT HXT  sing N N 285 
PTR CB  CG   sing N N 286 
PTR CB  HB2  sing N N 287 
PTR CB  HB3  sing N N 288 
PTR CG  CD1  doub Y N 289 
PTR CG  CD2  sing Y N 290 
PTR CD1 CE1  sing Y N 291 
PTR CD1 HD1  sing N N 292 
PTR CD2 CE2  doub Y N 293 
PTR CD2 HD2  sing N N 294 
PTR CE1 CZ   doub Y N 295 
PTR CE1 HE1  sing N N 296 
PTR CE2 CZ   sing Y N 297 
PTR CE2 HE2  sing N N 298 
PTR CZ  OH   sing N N 299 
PTR OH  P    sing N N 300 
PTR P   O1P  doub N N 301 
PTR P   O2P  sing N N 302 
PTR P   O3P  sing N N 303 
PTR O2P HO2P sing N N 304 
PTR O3P HO3P sing N N 305 
SER N   CA   sing N N 306 
SER N   H    sing N N 307 
SER N   H2   sing N N 308 
SER CA  C    sing N N 309 
SER CA  CB   sing N N 310 
SER CA  HA   sing N N 311 
SER C   O    doub N N 312 
SER C   OXT  sing N N 313 
SER CB  OG   sing N N 314 
SER CB  HB2  sing N N 315 
SER CB  HB3  sing N N 316 
SER OG  HG   sing N N 317 
SER OXT HXT  sing N N 318 
THR N   CA   sing N N 319 
THR N   H    sing N N 320 
THR N   H2   sing N N 321 
THR CA  C    sing N N 322 
THR CA  CB   sing N N 323 
THR CA  HA   sing N N 324 
THR C   O    doub N N 325 
THR C   OXT  sing N N 326 
THR CB  OG1  sing N N 327 
THR CB  CG2  sing N N 328 
THR CB  HB   sing N N 329 
THR OG1 HG1  sing N N 330 
THR CG2 HG21 sing N N 331 
THR CG2 HG22 sing N N 332 
THR CG2 HG23 sing N N 333 
THR OXT HXT  sing N N 334 
TRP N   CA   sing N N 335 
TRP N   H    sing N N 336 
TRP N   H2   sing N N 337 
TRP CA  C    sing N N 338 
TRP CA  CB   sing N N 339 
TRP CA  HA   sing N N 340 
TRP C   O    doub N N 341 
TRP C   OXT  sing N N 342 
TRP CB  CG   sing N N 343 
TRP CB  HB2  sing N N 344 
TRP CB  HB3  sing N N 345 
TRP CG  CD1  doub Y N 346 
TRP CG  CD2  sing Y N 347 
TRP CD1 NE1  sing Y N 348 
TRP CD1 HD1  sing N N 349 
TRP CD2 CE2  doub Y N 350 
TRP CD2 CE3  sing Y N 351 
TRP NE1 CE2  sing Y N 352 
TRP NE1 HE1  sing N N 353 
TRP CE2 CZ2  sing Y N 354 
TRP CE3 CZ3  doub Y N 355 
TRP CE3 HE3  sing N N 356 
TRP CZ2 CH2  doub Y N 357 
TRP CZ2 HZ2  sing N N 358 
TRP CZ3 CH2  sing Y N 359 
TRP CZ3 HZ3  sing N N 360 
TRP CH2 HH2  sing N N 361 
TRP OXT HXT  sing N N 362 
TYR N   CA   sing N N 363 
TYR N   H    sing N N 364 
TYR N   H2   sing N N 365 
TYR CA  C    sing N N 366 
TYR CA  CB   sing N N 367 
TYR CA  HA   sing N N 368 
TYR C   O    doub N N 369 
TYR C   OXT  sing N N 370 
TYR CB  CG   sing N N 371 
TYR CB  HB2  sing N N 372 
TYR CB  HB3  sing N N 373 
TYR CG  CD1  doub Y N 374 
TYR CG  CD2  sing Y N 375 
TYR CD1 CE1  sing Y N 376 
TYR CD1 HD1  sing N N 377 
TYR CD2 CE2  doub Y N 378 
TYR CD2 HD2  sing N N 379 
TYR CE1 CZ   doub Y N 380 
TYR CE1 HE1  sing N N 381 
TYR CE2 CZ   sing Y N 382 
TYR CE2 HE2  sing N N 383 
TYR CZ  OH   sing N N 384 
TYR OH  HH   sing N N 385 
TYR OXT HXT  sing N N 386 
VAL N   CA   sing N N 387 
VAL N   H    sing N N 388 
VAL N   H2   sing N N 389 
VAL CA  C    sing N N 390 
VAL CA  CB   sing N N 391 
VAL CA  HA   sing N N 392 
VAL C   O    doub N N 393 
VAL C   OXT  sing N N 394 
VAL CB  CG1  sing N N 395 
VAL CB  CG2  sing N N 396 
VAL CB  HB   sing N N 397 
VAL CG1 HG11 sing N N 398 
VAL CG1 HG12 sing N N 399 
VAL CG1 HG13 sing N N 400 
VAL CG2 HG21 sing N N 401 
VAL CG2 HG22 sing N N 402 
VAL CG2 HG23 sing N N 403 
VAL OXT HXT  sing N N 404 
# 
_pdbx_initial_refinement_model.id               1 
_pdbx_initial_refinement_model.entity_id_list   ? 
_pdbx_initial_refinement_model.type             'experimental model' 
_pdbx_initial_refinement_model.source_name      PDB 
_pdbx_initial_refinement_model.accession_code   5X94 
_pdbx_initial_refinement_model.details          ? 
# 
_atom_sites.entry_id                    5X7B 
_atom_sites.fract_transf_matrix[1][1]   0.00730949 
_atom_sites.fract_transf_matrix[1][2]   -0.00461646 
_atom_sites.fract_transf_matrix[1][3]   0.00892414 
_atom_sites.fract_transf_matrix[2][1]   0.00775709 
_atom_sites.fract_transf_matrix[2][2]   0.00059431 
_atom_sites.fract_transf_matrix[2][3]   -0.00604616 
_atom_sites.fract_transf_matrix[3][1]   0.00616710 
_atom_sites.fract_transf_matrix[3][2]   0.03093890 
_atom_sites.fract_transf_matrix[3][3]   0.01095341 
_atom_sites.fract_transf_vector[1]      0.348124 
_atom_sites.fract_transf_vector[2]      0.101704 
_atom_sites.fract_transf_vector[3]      0.733380 
# 
loop_
_atom_type.symbol 
C 
N 
O 
P 
S 
# 
loop_
_atom_site.group_PDB 
_atom_site.id 
_atom_site.type_symbol 
_atom_site.label_atom_id 
_atom_site.label_alt_id 
_atom_site.label_comp_id 
_atom_site.label_asym_id 
_atom_site.label_entity_id 
_atom_site.label_seq_id 
_atom_site.pdbx_PDB_ins_code 
_atom_site.Cartn_x 
_atom_site.Cartn_y 
_atom_site.Cartn_z 
_atom_site.occupancy 
_atom_site.B_iso_or_equiv 
_atom_site.pdbx_formal_charge 
_atom_site.auth_seq_id 
_atom_site.auth_comp_id 
_atom_site.auth_asym_id 
_atom_site.auth_atom_id 
_atom_site.pdbx_PDB_model_num 
ATOM   1    N N   . SER A 1 3   ? 1.115   -1.973  10.025  1.00 65.83 ? 3   SER A N   1 
ATOM   2    C CA  . SER A 1 3   ? 2.306   -2.437  9.299   1.00 59.62 ? 3   SER A CA  1 
ATOM   3    C C   . SER A 1 3   ? 3.020   -1.341  8.496   1.00 52.84 ? 3   SER A C   1 
ATOM   4    O O   . SER A 1 3   ? 4.080   -1.589  7.932   1.00 49.38 ? 3   SER A O   1 
ATOM   5    C CB  . SER A 1 3   ? 1.935   -3.582  8.355   1.00 59.69 ? 3   SER A CB  1 
ATOM   6    O OG  . SER A 1 3   ? 1.565   -4.755  9.065   1.00 69.42 ? 3   SER A OG  1 
ATOM   7    N N   . ARG A 1 4   ? 2.451   -0.131  8.466   1.00 56.00 ? 4   ARG A N   1 
ATOM   8    C CA  . ARG A 1 4   ? 2.908   0.890   7.524   1.00 55.47 ? 4   ARG A CA  1 
ATOM   9    C C   . ARG A 1 4   ? 4.338   1.333   7.788   1.00 53.90 ? 4   ARG A C   1 
ATOM   10   O O   . ARG A 1 4   ? 4.980   1.901   6.891   1.00 54.89 ? 4   ARG A O   1 
ATOM   11   C CB  . ARG A 1 4   ? 1.978   2.106   7.569   1.00 54.59 ? 4   ARG A CB  1 
ATOM   12   N N   . ARG A 1 5   ? 4.865   1.087   8.987   1.00 49.39 ? 5   ARG A N   1 
ATOM   13   C CA  . ARG A 1 5   ? 6.207   1.568   9.266   1.00 48.67 ? 5   ARG A CA  1 
ATOM   14   C C   . ARG A 1 5   ? 7.245   0.890   8.380   1.00 53.43 ? 5   ARG A C   1 
ATOM   15   O O   . ARG A 1 5   ? 8.300   1.481   8.125   1.00 51.73 ? 5   ARG A O   1 
ATOM   16   C CB  . ARG A 1 5   ? 6.539   1.381   10.745  1.00 56.83 ? 5   ARG A CB  1 
ATOM   17   N N   . TRP A 1 6   ? 6.954   -0.306  7.855   1.00 48.06 ? 6   TRP A N   1 
ATOM   18   C CA  . TRP A 1 6   ? 7.942   -0.993  7.033   1.00 48.91 ? 6   TRP A CA  1 
ATOM   19   C C   . TRP A 1 6   ? 7.371   -1.774  5.850   1.00 48.96 ? 6   TRP A C   1 
ATOM   20   O O   . TRP A 1 6   ? 8.161   -2.228  5.026   1.00 44.24 ? 6   TRP A O   1 
ATOM   21   C CB  . TRP A 1 6   ? 8.784   -1.942  7.916   1.00 51.35 ? 6   TRP A CB  1 
ATOM   22   C CG  . TRP A 1 6   ? 7.922   -2.839  8.713   1.00 51.01 ? 6   TRP A CG  1 
ATOM   23   C CD1 . TRP A 1 6   ? 7.353   -2.573  9.924   1.00 57.47 ? 6   TRP A CD1 1 
ATOM   24   C CD2 . TRP A 1 6   ? 7.465   -4.138  8.333   1.00 52.25 ? 6   TRP A CD2 1 
ATOM   25   N NE1 . TRP A 1 6   ? 6.570   -3.633  10.332  1.00 56.18 ? 6   TRP A NE1 1 
ATOM   26   C CE2 . TRP A 1 6   ? 6.628   -4.611  9.375   1.00 57.54 ? 6   TRP A CE2 1 
ATOM   27   C CE3 . TRP A 1 6   ? 7.682   -4.951  7.221   1.00 46.77 ? 6   TRP A CE3 1 
ATOM   28   C CZ2 . TRP A 1 6   ? 6.009   -5.860  9.329   1.00 59.25 ? 6   TRP A CZ2 1 
ATOM   29   C CZ3 . TRP A 1 6   ? 7.074   -6.198  7.181   1.00 50.59 ? 6   TRP A CZ3 1 
ATOM   30   C CH2 . TRP A 1 6   ? 6.237   -6.636  8.220   1.00 54.47 ? 6   TRP A CH2 1 
ATOM   31   N N   . PHE A 1 7   ? 6.053   -1.921  5.698   1.00 50.53 ? 7   PHE A N   1 
ATOM   32   C CA  . PHE A 1 7   ? 5.483   -2.739  4.633   1.00 43.95 ? 7   PHE A CA  1 
ATOM   33   C C   . PHE A 1 7   ? 4.779   -1.880  3.581   1.00 42.89 ? 7   PHE A C   1 
ATOM   34   O O   . PHE A 1 7   ? 3.975   -1.013  3.918   1.00 45.60 ? 7   PHE A O   1 
ATOM   35   C CB  . PHE A 1 7   ? 4.525   -3.784  5.203   1.00 46.24 ? 7   PHE A CB  1 
ATOM   36   C CG  . PHE A 1 7   ? 3.953   -4.690  4.152   1.00 48.21 ? 7   PHE A CG  1 
ATOM   37   C CD1 . PHE A 1 7   ? 4.721   -5.701  3.600   1.00 46.67 ? 7   PHE A CD1 1 
ATOM   38   C CD2 . PHE A 1 7   ? 2.654   -4.512  3.686   1.00 45.93 ? 7   PHE A CD2 1 
ATOM   39   C CE1 . PHE A 1 7   ? 4.214   -6.533  2.605   1.00 40.65 ? 7   PHE A CE1 1 
ATOM   40   C CE2 . PHE A 1 7   ? 2.144   -5.335  2.712   1.00 43.10 ? 7   PHE A CE2 1 
ATOM   41   C CZ  . PHE A 1 7   ? 2.933   -6.355  2.171   1.00 45.64 ? 7   PHE A CZ  1 
ATOM   42   N N   . HIS A 1 8   ? 5.099   -2.120  2.307   1.00 42.65 ? 8   HIS A N   1 
ATOM   43   C CA  . HIS A 1 8   ? 4.573   -1.349  1.178   1.00 40.62 ? 8   HIS A CA  1 
ATOM   44   C C   . HIS A 1 8   ? 3.798   -2.275  0.243   1.00 47.08 ? 8   HIS A C   1 
ATOM   45   O O   . HIS A 1 8   ? 4.406   -2.949  -0.610  1.00 49.84 ? 8   HIS A O   1 
ATOM   46   C CB  . HIS A 1 8   ? 5.683   -0.663  0.388   1.00 35.89 ? 8   HIS A CB  1 
ATOM   47   C CG  . HIS A 1 8   ? 6.521   0.288   1.172   1.00 41.55 ? 8   HIS A CG  1 
ATOM   48   N ND1 . HIS A 1 8   ? 6.941   1.495   0.652   1.00 44.14 ? 8   HIS A ND1 1 
ATOM   49   C CD2 . HIS A 1 8   ? 7.077   0.192   2.404   1.00 41.85 ? 8   HIS A CD2 1 
ATOM   50   C CE1 . HIS A 1 8   ? 7.703   2.110   1.540   1.00 42.55 ? 8   HIS A CE1 1 
ATOM   51   N NE2 . HIS A 1 8   ? 7.798   1.343   2.613   1.00 42.32 ? 8   HIS A NE2 1 
ATOM   52   N N   . PRO A 1 9   ? 2.464   -2.316  0.316   1.00 49.84 ? 9   PRO A N   1 
ATOM   53   C CA  . PRO A 1 9   ? 1.727   -3.359  -0.417  1.00 43.88 ? 9   PRO A CA  1 
ATOM   54   C C   . PRO A 1 9   ? 1.595   -3.146  -1.930  1.00 47.99 ? 9   PRO A C   1 
ATOM   55   O O   . PRO A 1 9   ? 1.345   -4.123  -2.648  1.00 48.88 ? 9   PRO A O   1 
ATOM   56   C CB  . PRO A 1 9   ? 0.357   -3.341  0.255   1.00 36.14 ? 9   PRO A CB  1 
ATOM   57   C CG  . PRO A 1 9   ? 0.200   -1.891  0.692   1.00 40.42 ? 9   PRO A CG  1 
ATOM   58   C CD  . PRO A 1 9   ? 1.565   -1.413  1.067   1.00 43.11 ? 9   PRO A CD  1 
ATOM   59   N N   . ASN A 1 10  ? 1.757   -1.935  -2.460  1.00 45.92 ? 10  ASN A N   1 
ATOM   60   C CA  . ASN A 1 10  ? 1.389   -1.709  -3.856  1.00 48.94 ? 10  ASN A CA  1 
ATOM   61   C C   . ASN A 1 10  ? 2.580   -1.434  -4.758  1.00 56.32 ? 10  ASN A C   1 
ATOM   62   O O   . ASN A 1 10  ? 2.396   -0.896  -5.858  1.00 58.20 ? 10  ASN A O   1 
ATOM   63   C CB  . ASN A 1 10  ? 0.395   -0.562  -3.976  1.00 47.90 ? 10  ASN A CB  1 
ATOM   64   C CG  . ASN A 1 10  ? -0.892  -0.847  -3.252  1.00 52.47 ? 10  ASN A CG  1 
ATOM   65   O OD1 . ASN A 1 10  ? -1.445  -1.948  -3.346  1.00 57.71 ? 10  ASN A OD1 1 
ATOM   66   N ND2 . ASN A 1 10  ? -1.371  0.138   -2.493  1.00 50.72 ? 10  ASN A ND2 1 
ATOM   67   N N   . ILE A 1 11  ? 3.793   -1.798  -4.339  1.00 51.05 ? 11  ILE A N   1 
ATOM   68   C CA  . ILE A 1 11  ? 4.957   -1.451  -5.138  1.00 48.69 ? 11  ILE A CA  1 
ATOM   69   C C   . ILE A 1 11  ? 5.600   -2.692  -5.713  1.00 48.29 ? 11  ILE A C   1 
ATOM   70   O O   . ILE A 1 11  ? 5.170   -3.817  -5.463  1.00 48.46 ? 11  ILE A O   1 
ATOM   71   C CB  . ILE A 1 11  ? 6.002   -0.661  -4.335  1.00 50.18 ? 11  ILE A CB  1 
ATOM   72   C CG1 . ILE A 1 11  ? 6.617   -1.546  -3.250  1.00 42.60 ? 11  ILE A CG1 1 
ATOM   73   C CG2 . ILE A 1 11  ? 5.387   0.614   -3.770  1.00 46.44 ? 11  ILE A CG2 1 
ATOM   74   C CD1 . ILE A 1 11  ? 7.752   -0.858  -2.545  1.00 45.25 ? 11  ILE A CD1 1 
ATOM   75   N N   . THR A 1 12  ? 6.661   -2.467  -6.464  1.00 55.73 ? 12  THR A N   1 
ATOM   76   C CA  . THR A 1 12  ? 7.420   -3.485  -7.150  1.00 56.02 ? 12  THR A CA  1 
ATOM   77   C C   . THR A 1 12  ? 8.875   -3.322  -6.742  1.00 54.60 ? 12  THR A C   1 
ATOM   78   O O   . THR A 1 12  ? 9.252   -2.349  -6.075  1.00 50.30 ? 12  THR A O   1 
ATOM   79   C CB  . THR A 1 12  ? 7.242   -3.342  -8.668  1.00 58.10 ? 12  THR A CB  1 
ATOM   80   O OG1 . THR A 1 12  ? 8.061   -4.304  -9.344  1.00 69.37 ? 12  THR A OG1 1 
ATOM   81   C CG2 . THR A 1 12  ? 7.616   -1.913  -9.103  1.00 55.24 ? 12  THR A CG2 1 
ATOM   82   N N   . GLY A 1 13  ? 9.697   -4.293  -7.139  1.00 55.20 ? 13  GLY A N   1 
ATOM   83   C CA  . GLY A 1 13  ? 11.130  -4.134  -6.965  1.00 49.93 ? 13  GLY A CA  1 
ATOM   84   C C   . GLY A 1 13  ? 11.637  -2.801  -7.480  1.00 51.72 ? 13  GLY A C   1 
ATOM   85   O O   . GLY A 1 13  ? 12.443  -2.139  -6.822  1.00 51.48 ? 13  GLY A O   1 
ATOM   86   N N   . VAL A 1 14  ? 11.164  -2.378  -8.659  1.00 55.40 ? 14  VAL A N   1 
ATOM   87   C CA  . VAL A 1 14  ? 11.682  -1.155  -9.264  1.00 53.74 ? 14  VAL A CA  1 
ATOM   88   C C   . VAL A 1 14  ? 11.312  0.052   -8.410  1.00 54.45 ? 14  VAL A C   1 
ATOM   89   O O   . VAL A 1 14  ? 12.172  0.884   -8.086  1.00 56.83 ? 14  VAL A O   1 
ATOM   90   C CB  . VAL A 1 14  ? 11.189  -1.008  -10.723 1.00 60.96 ? 14  VAL A CB  1 
ATOM   91   C CG1 . VAL A 1 14  ? 11.330  0.439   -11.237 1.00 44.10 ? 14  VAL A CG1 1 
ATOM   92   C CG2 . VAL A 1 14  ? 11.981  -1.937  -11.638 1.00 60.50 ? 14  VAL A CG2 1 
ATOM   93   N N   . GLU A 1 15  ? 10.033  0.160   -8.020  1.00 54.59 ? 15  GLU A N   1 
ATOM   94   C CA  . GLU A 1 15  ? 9.628   1.309   -7.213  1.00 55.97 ? 15  GLU A CA  1 
ATOM   95   C C   . GLU A 1 15  ? 10.247  1.253   -5.825  1.00 52.75 ? 15  GLU A C   1 
ATOM   96   O O   . GLU A 1 15  ? 10.574  2.306   -5.264  1.00 52.84 ? 15  GLU A O   1 
ATOM   97   C CB  . GLU A 1 15  ? 8.104   1.422   -7.121  1.00 46.80 ? 15  GLU A CB  1 
ATOM   98   N N   . ALA A 1 16  ? 10.448  0.048   -5.271  1.00 48.46 ? 16  ALA A N   1 
ATOM   99   C CA  . ALA A 1 16  ? 11.169  -0.053  -4.005  1.00 49.38 ? 16  ALA A CA  1 
ATOM   100  C C   . ALA A 1 16  ? 12.597  0.460   -4.147  1.00 50.24 ? 16  ALA A C   1 
ATOM   101  O O   . ALA A 1 16  ? 13.091  1.199   -3.284  1.00 50.31 ? 16  ALA A O   1 
ATOM   102  C CB  . ALA A 1 16  ? 11.168  -1.488  -3.493  1.00 47.78 ? 16  ALA A CB  1 
ATOM   103  N N   . GLU A 1 17  ? 13.270  0.095   -5.237  1.00 51.17 ? 17  GLU A N   1 
ATOM   104  C CA  . GLU A 1 17  ? 14.598  0.641   -5.495  1.00 59.30 ? 17  GLU A CA  1 
ATOM   105  C C   . GLU A 1 17  ? 14.579  2.162   -5.444  1.00 54.78 ? 17  GLU A C   1 
ATOM   106  O O   . GLU A 1 17  ? 15.252  2.781   -4.615  1.00 56.01 ? 17  GLU A O   1 
ATOM   107  C CB  . GLU A 1 17  ? 15.118  0.154   -6.849  1.00 60.97 ? 17  GLU A CB  1 
ATOM   108  C CG  . GLU A 1 17  ? 15.972  -1.099  -6.732  1.00 65.38 ? 17  GLU A CG  1 
ATOM   109  C CD  . GLU A 1 17  ? 16.582  -1.534  -8.043  1.00 65.77 ? 17  GLU A CD  1 
ATOM   110  O OE1 . GLU A 1 17  ? 17.174  -0.683  -8.746  1.00 68.03 ? 17  GLU A OE1 1 
ATOM   111  O OE2 . GLU A 1 17  ? 16.465  -2.736  -8.359  1.00 72.45 ? 17  GLU A OE2 1 
ATOM   112  N N   . ASN A 1 18  ? 13.785  2.770   -6.322  1.00 53.44 ? 18  ASN A N   1 
ATOM   113  C CA  . ASN A 1 18  ? 13.706  4.224   -6.375  1.00 59.28 ? 18  ASN A CA  1 
ATOM   114  C C   . ASN A 1 18  ? 13.360  4.813   -5.012  1.00 60.27 ? 18  ASN A C   1 
ATOM   115  O O   . ASN A 1 18  ? 13.994  5.781   -4.577  1.00 63.35 ? 18  ASN A O   1 
ATOM   116  C CB  . ASN A 1 18  ? 12.688  4.649   -7.437  1.00 62.36 ? 18  ASN A CB  1 
ATOM   117  C CG  . ASN A 1 18  ? 12.082  6.017   -7.152  1.00 71.09 ? 18  ASN A CG  1 
ATOM   118  O OD1 . ASN A 1 18  ? 12.666  7.054   -7.494  1.00 71.62 ? 18  ASN A OD1 1 
ATOM   119  N ND2 . ASN A 1 18  ? 10.898  6.027   -6.523  1.00 66.53 ? 18  ASN A ND2 1 
ATOM   120  N N   . LEU A 1 19  ? 12.370  4.230   -4.315  1.00 55.90 ? 19  LEU A N   1 
ATOM   121  C CA  . LEU A 1 19  ? 11.984  4.728   -2.994  1.00 55.36 ? 19  LEU A CA  1 
ATOM   122  C C   . LEU A 1 19  ? 13.144  4.656   -2.003  1.00 58.30 ? 19  LEU A C   1 
ATOM   123  O O   . LEU A 1 19  ? 13.348  5.583   -1.207  1.00 56.39 ? 19  LEU A O   1 
ATOM   124  C CB  . LEU A 1 19  ? 10.785  3.948   -2.439  1.00 54.33 ? 19  LEU A CB  1 
ATOM   125  C CG  . LEU A 1 19  ? 9.328   4.147   -2.885  1.00 52.83 ? 19  LEU A CG  1 
ATOM   126  C CD1 . LEU A 1 19  ? 8.491   3.026   -2.296  1.00 48.05 ? 19  LEU A CD1 1 
ATOM   127  C CD2 . LEU A 1 19  ? 8.760   5.484   -2.449  1.00 45.53 ? 19  LEU A CD2 1 
ATOM   128  N N   . LEU A 1 20  ? 13.907  3.562   -2.016  1.00 53.92 ? 20  LEU A N   1 
ATOM   129  C CA  . LEU A 1 20  ? 15.025  3.470   -1.084  1.00 55.34 ? 20  LEU A CA  1 
ATOM   130  C C   . LEU A 1 20  ? 16.118  4.473   -1.436  1.00 57.99 ? 20  LEU A C   1 
ATOM   131  O O   . LEU A 1 20  ? 16.732  5.067   -0.544  1.00 55.57 ? 20  LEU A O   1 
ATOM   132  C CB  . LEU A 1 20  ? 15.581  2.047   -1.067  1.00 55.30 ? 20  LEU A CB  1 
ATOM   133  C CG  . LEU A 1 20  ? 14.694  1.047   -0.339  1.00 51.80 ? 20  LEU A CG  1 
ATOM   134  C CD1 . LEU A 1 20  ? 15.080  -0.343  -0.724  1.00 46.69 ? 20  LEU A CD1 1 
ATOM   135  C CD2 . LEU A 1 20  ? 14.786  1.245   1.164   1.00 45.52 ? 20  LEU A CD2 1 
ATOM   136  N N   . LEU A 1 21  ? 16.363  4.680   -2.730  1.00 58.94 ? 21  LEU A N   1 
ATOM   137  C CA  . LEU A 1 21  ? 17.472  5.529   -3.155  1.00 62.09 ? 21  LEU A CA  1 
ATOM   138  C C   . LEU A 1 21  ? 17.168  7.017   -3.019  1.00 61.98 ? 21  LEU A C   1 
ATOM   139  O O   . LEU A 1 21  ? 18.106  7.812   -2.909  1.00 58.24 ? 21  LEU A O   1 
ATOM   140  C CB  . LEU A 1 21  ? 17.859  5.202   -4.598  1.00 55.78 ? 21  LEU A CB  1 
ATOM   141  C CG  . LEU A 1 21  ? 18.620  3.885   -4.793  1.00 58.06 ? 21  LEU A CG  1 
ATOM   142  C CD1 . LEU A 1 21  ? 18.667  3.536   -6.261  1.00 61.23 ? 21  LEU A CD1 1 
ATOM   143  C CD2 . LEU A 1 21  ? 20.022  3.969   -4.235  1.00 51.00 ? 21  LEU A CD2 1 
ATOM   144  N N   . THR A 1 22  ? 15.890  7.408   -3.004  1.00 61.79 ? 22  THR A N   1 
ATOM   145  C CA  . THR A 1 22  ? 15.504  8.813   -2.874  1.00 61.82 ? 22  THR A CA  1 
ATOM   146  C C   . THR A 1 22  ? 15.149  9.163   -1.432  1.00 59.96 ? 22  THR A C   1 
ATOM   147  O O   . THR A 1 22  ? 15.722  10.092  -0.856  1.00 61.60 ? 22  THR A O   1 
ATOM   148  C CB  . THR A 1 22  ? 14.322  9.162   -3.811  1.00 60.79 ? 22  THR A CB  1 
ATOM   149  O OG1 . THR A 1 22  ? 13.134  8.446   -3.424  1.00 62.93 ? 22  THR A OG1 1 
ATOM   150  C CG2 . THR A 1 22  ? 14.655  8.829   -5.253  1.00 58.88 ? 22  THR A CG2 1 
ATOM   151  N N   . ARG A 1 23  ? 14.218  8.424   -0.835  1.00 56.48 ? 23  ARG A N   1 
ATOM   152  C CA  . ARG A 1 23  ? 13.707  8.709   0.497   1.00 51.52 ? 23  ARG A CA  1 
ATOM   153  C C   . ARG A 1 23  ? 14.515  8.062   1.621   1.00 53.37 ? 23  ARG A C   1 
ATOM   154  O O   . ARG A 1 23  ? 14.142  8.210   2.790   1.00 58.06 ? 23  ARG A O   1 
ATOM   155  C CB  . ARG A 1 23  ? 12.256  8.230   0.622   1.00 53.76 ? 23  ARG A CB  1 
ATOM   156  C CG  . ARG A 1 23  ? 11.182  9.030   -0.119  1.00 53.12 ? 23  ARG A CG  1 
ATOM   157  C CD  . ARG A 1 23  ? 9.822   8.469   0.279   1.00 45.63 ? 23  ARG A CD  1 
ATOM   158  N NE  . ARG A 1 23  ? 9.786   8.197   1.712   1.00 52.13 ? 23  ARG A NE  1 
ATOM   159  C CZ  . ARG A 1 23  ? 9.014   7.282   2.298   1.00 53.33 ? 23  ARG A CZ  1 
ATOM   160  N NH1 . ARG A 1 23  ? 8.203   6.535   1.570   1.00 47.23 ? 23  ARG A NH1 1 
ATOM   161  N NH2 . ARG A 1 23  ? 9.069   7.108   3.617   1.00 47.21 ? 23  ARG A NH2 1 
ATOM   162  N N   . GLY A 1 24  ? 15.579  7.323   1.317   1.00 52.58 ? 24  GLY A N   1 
ATOM   163  C CA  . GLY A 1 24  ? 16.227  6.479   2.298   1.00 57.79 ? 24  GLY A CA  1 
ATOM   164  C C   . GLY A 1 24  ? 17.703  6.800   2.492   1.00 63.07 ? 24  GLY A C   1 
ATOM   165  O O   . GLY A 1 24  ? 18.246  7.751   1.924   1.00 67.43 ? 24  GLY A O   1 
ATOM   166  N N   . VAL A 1 25  ? 18.341  5.974   3.320   1.00 59.97 ? 25  VAL A N   1 
ATOM   167  C CA  . VAL A 1 25  ? 19.782  6.021   3.544   1.00 61.11 ? 25  VAL A CA  1 
ATOM   168  C C   . VAL A 1 25  ? 20.295  4.588   3.519   1.00 59.61 ? 25  VAL A C   1 
ATOM   169  O O   . VAL A 1 25  ? 19.512  3.638   3.490   1.00 59.98 ? 25  VAL A O   1 
ATOM   170  C CB  . VAL A 1 25  ? 20.151  6.722   4.873   1.00 58.76 ? 25  VAL A CB  1 
ATOM   171  C CG1 . VAL A 1 25  ? 19.546  8.136   4.928   1.00 62.69 ? 25  VAL A CG1 1 
ATOM   172  C CG2 . VAL A 1 25  ? 19.672  5.917   6.048   1.00 56.11 ? 25  VAL A CG2 1 
ATOM   173  N N   . ASP A 1 26  ? 21.623  4.428   3.493   1.00 62.51 ? 26  ASP A N   1 
ATOM   174  C CA  . ASP A 1 26  ? 22.196  3.086   3.583   1.00 58.29 ? 26  ASP A CA  1 
ATOM   175  C C   . ASP A 1 26  ? 21.746  2.457   4.894   1.00 55.26 ? 26  ASP A C   1 
ATOM   176  O O   . ASP A 1 26  ? 21.770  3.107   5.944   1.00 56.75 ? 26  ASP A O   1 
ATOM   177  C CB  . ASP A 1 26  ? 23.728  3.122   3.494   1.00 58.96 ? 26  ASP A CB  1 
ATOM   178  C CG  . ASP A 1 26  ? 24.239  3.261   2.054   1.00 67.96 ? 26  ASP A CG  1 
ATOM   179  O OD1 . ASP A 1 26  ? 23.457  3.069   1.095   1.00 67.32 ? 26  ASP A OD1 1 
ATOM   180  O OD2 . ASP A 1 26  ? 25.435  3.577   1.875   1.00 72.81 ? 26  ASP A OD2 1 
ATOM   181  N N   . GLY A 1 27  ? 21.281  1.211   4.819   1.00 52.18 ? 27  GLY A N   1 
ATOM   182  C CA  . GLY A 1 27  ? 20.651  0.537   5.933   1.00 43.55 ? 27  GLY A CA  1 
ATOM   183  C C   . GLY A 1 27  ? 19.137  0.571   5.897   1.00 47.68 ? 27  GLY A C   1 
ATOM   184  O O   . GLY A 1 27  ? 18.497  -0.149  6.671   1.00 53.64 ? 27  GLY A O   1 
ATOM   185  N N   . SER A 1 28  ? 18.554  1.402   5.036   1.00 49.81 ? 28  SER A N   1 
ATOM   186  C CA  . SER A 1 28  ? 17.105  1.479   4.892   1.00 51.73 ? 28  SER A CA  1 
ATOM   187  C C   . SER A 1 28  ? 16.564  0.243   4.189   1.00 46.70 ? 28  SER A C   1 
ATOM   188  O O   . SER A 1 28  ? 17.152  -0.261  3.230   1.00 43.39 ? 28  SER A O   1 
ATOM   189  C CB  . SER A 1 28  ? 16.702  2.721   4.094   1.00 50.31 ? 28  SER A CB  1 
ATOM   190  O OG  . SER A 1 28  ? 16.765  3.894   4.892   1.00 50.64 ? 28  SER A OG  1 
ATOM   191  N N   . PHE A 1 29  ? 15.419  -0.229  4.656   1.00 46.61 ? 29  PHE A N   1 
ATOM   192  C CA  . PHE A 1 29  ? 14.844  -1.441  4.098   1.00 48.73 ? 29  PHE A CA  1 
ATOM   193  C C   . PHE A 1 29  ? 13.327  -1.345  4.125   1.00 44.67 ? 29  PHE A C   1 
ATOM   194  O O   . PHE A 1 29  ? 12.736  -0.606  4.917   1.00 41.96 ? 29  PHE A O   1 
ATOM   195  C CB  . PHE A 1 29  ? 15.278  -2.688  4.869   1.00 38.77 ? 29  PHE A CB  1 
ATOM   196  C CG  . PHE A 1 29  ? 14.731  -2.743  6.251   1.00 39.87 ? 29  PHE A CG  1 
ATOM   197  C CD1 . PHE A 1 29  ? 15.322  -2.008  7.277   1.00 44.34 ? 29  PHE A CD1 1 
ATOM   198  C CD2 . PHE A 1 29  ? 13.629  -3.521  6.543   1.00 41.24 ? 29  PHE A CD2 1 
ATOM   199  C CE1 . PHE A 1 29  ? 14.822  -2.058  8.569   1.00 44.86 ? 29  PHE A CE1 1 
ATOM   200  C CE2 . PHE A 1 29  ? 13.102  -3.561  7.855   1.00 39.79 ? 29  PHE A CE2 1 
ATOM   201  C CZ  . PHE A 1 29  ? 13.701  -2.839  8.854   1.00 41.48 ? 29  PHE A CZ  1 
ATOM   202  N N   . LEU A 1 30  ? 12.707  -2.142  3.270   1.00 43.17 ? 30  LEU A N   1 
ATOM   203  C CA  . LEU A 1 30  ? 11.273  -2.325  3.332   1.00 43.04 ? 30  LEU A CA  1 
ATOM   204  C C   . LEU A 1 30  ? 10.955  -3.760  2.931   1.00 40.53 ? 30  LEU A C   1 
ATOM   205  O O   . LEU A 1 30  ? 11.770  -4.454  2.304   1.00 36.54 ? 30  LEU A O   1 
ATOM   206  C CB  . LEU A 1 30  ? 10.549  -1.317  2.425   1.00 41.19 ? 30  LEU A CB  1 
ATOM   207  C CG  . LEU A 1 30  ? 10.860  -1.382  0.925   1.00 38.32 ? 30  LEU A CG  1 
ATOM   208  C CD1 . LEU A 1 30  ? 10.115  -2.539  0.206   1.00 39.49 ? 30  LEU A CD1 1 
ATOM   209  C CD2 . LEU A 1 30  ? 10.519  -0.085  0.268   1.00 36.72 ? 30  LEU A CD2 1 
ATOM   210  N N   . ALA A 1 31  ? 9.745   -4.184  3.282   1.00 38.79 ? 31  ALA A N   1 
ATOM   211  C CA  . ALA A 1 31  ? 9.172   -5.417  2.777   1.00 39.52 ? 31  ALA A CA  1 
ATOM   212  C C   . ALA A 1 31  ? 8.003   -5.098  1.852   1.00 40.16 ? 31  ALA A C   1 
ATOM   213  O O   . ALA A 1 31  ? 7.372   -4.038  1.940   1.00 39.30 ? 31  ALA A O   1 
ATOM   214  C CB  . ALA A 1 31  ? 8.732   -6.340  3.910   1.00 35.46 ? 31  ALA A CB  1 
ATOM   215  N N   . ARG A 1 32  ? 7.736   -6.028  0.947   1.00 39.34 ? 32  ARG A N   1 
ATOM   216  C CA  . ARG A 1 32  ? 6.784   -5.810  -0.126  1.00 41.07 ? 32  ARG A CA  1 
ATOM   217  C C   . ARG A 1 32  ? 6.329   -7.173  -0.648  1.00 42.54 ? 32  ARG A C   1 
ATOM   218  O O   . ARG A 1 32  ? 6.981   -8.188  -0.384  1.00 46.56 ? 32  ARG A O   1 
ATOM   219  C CB  . ARG A 1 32  ? 7.416   -4.984  -1.247  1.00 43.17 ? 32  ARG A CB  1 
ATOM   220  C CG  . ARG A 1 32  ? 8.621   -5.638  -1.886  1.00 41.69 ? 32  ARG A CG  1 
ATOM   221  C CD  . ARG A 1 32  ? 9.134   -4.764  -2.973  1.00 40.75 ? 32  ARG A CD  1 
ATOM   222  N NE  . ARG A 1 32  ? 10.292  -5.342  -3.627  1.00 48.81 ? 32  ARG A NE  1 
ATOM   223  C CZ  . ARG A 1 32  ? 10.217  -6.277  -4.571  1.00 53.23 ? 32  ARG A CZ  1 
ATOM   224  N NH1 . ARG A 1 32  ? 9.039   -6.759  -4.940  1.00 48.35 ? 32  ARG A NH1 1 
ATOM   225  N NH2 . ARG A 1 32  ? 11.329  -6.747  -5.116  1.00 52.76 ? 32  ARG A NH2 1 
ATOM   226  N N   . PRO A 1 33  ? 5.200   -7.223  -1.367  1.00 49.42 ? 33  PRO A N   1 
ATOM   227  C CA  . PRO A 1 33  ? 4.796   -8.488  -2.002  1.00 52.08 ? 33  PRO A CA  1 
ATOM   228  C C   . PRO A 1 33  ? 5.828   -8.940  -3.021  1.00 49.70 ? 33  PRO A C   1 
ATOM   229  O O   . PRO A 1 33  ? 6.569   -8.133  -3.586  1.00 53.15 ? 33  PRO A O   1 
ATOM   230  C CB  . PRO A 1 33  ? 3.456   -8.141  -2.679  1.00 43.11 ? 33  PRO A CB  1 
ATOM   231  C CG  . PRO A 1 33  ? 2.960   -6.915  -1.974  1.00 47.40 ? 33  PRO A CG  1 
ATOM   232  C CD  . PRO A 1 33  ? 4.218   -6.146  -1.626  1.00 48.17 ? 33  PRO A CD  1 
ATOM   233  N N   . SER A 1 34  ? 5.892   -10.249 -3.226  1.00 50.79 ? 34  SER A N   1 
ATOM   234  C CA  . SER A 1 34  ? 6.754   -10.823 -4.254  1.00 53.33 ? 34  SER A CA  1 
ATOM   235  C C   . SER A 1 34  ? 6.061   -10.797 -5.607  1.00 51.13 ? 34  SER A C   1 
ATOM   236  O O   . SER A 1 34  ? 4.875   -11.103 -5.711  1.00 54.31 ? 34  SER A O   1 
ATOM   237  C CB  . SER A 1 34  ? 7.129   -12.266 -3.899  1.00 56.60 ? 34  SER A CB  1 
ATOM   238  O OG  . SER A 1 34  ? 8.221   -12.727 -4.678  1.00 58.59 ? 34  SER A OG  1 
ATOM   239  N N   . LYS A 1 35  ? 6.800   -10.405 -6.640  1.00 56.97 ? 35  LYS A N   1 
ATOM   240  C CA  . LYS A 1 35  ? 6.314   -10.490 -8.010  1.00 62.64 ? 35  LYS A CA  1 
ATOM   241  C C   . LYS A 1 35  ? 6.714   -11.786 -8.706  1.00 65.84 ? 35  LYS A C   1 
ATOM   242  O O   . LYS A 1 35  ? 5.991   -12.244 -9.597  1.00 68.85 ? 35  LYS A O   1 
ATOM   243  C CB  . LYS A 1 35  ? 6.831   -9.312  -8.842  1.00 65.90 ? 35  LYS A CB  1 
ATOM   244  C CG  . LYS A 1 35  ? 6.095   -9.158  -10.161 1.00 63.85 ? 35  LYS A CG  1 
ATOM   245  C CD  . LYS A 1 35  ? 6.989   -8.630  -11.247 1.00 69.08 ? 35  LYS A CD  1 
ATOM   246  C CE  . LYS A 1 35  ? 7.675   -7.359  -10.818 1.00 69.33 ? 35  LYS A CE  1 
ATOM   247  N NZ  . LYS A 1 35  ? 8.305   -6.693  -11.990 1.00 79.23 ? 35  LYS A NZ  1 
ATOM   248  N N   . SER A 1 36  ? 7.852   -12.378 -8.336  1.00 58.71 ? 36  SER A N   1 
ATOM   249  C CA  . SER A 1 36  ? 8.293   -13.621 -8.959  1.00 59.94 ? 36  SER A CA  1 
ATOM   250  C C   . SER A 1 36  ? 7.595   -14.849 -8.376  1.00 60.27 ? 36  SER A C   1 
ATOM   251  O O   . SER A 1 36  ? 7.477   -15.868 -9.065  1.00 60.83 ? 36  SER A O   1 
ATOM   252  C CB  . SER A 1 36  ? 9.806   -13.767 -8.818  1.00 54.73 ? 36  SER A CB  1 
ATOM   253  O OG  . SER A 1 36  ? 10.134  -14.016 -7.469  1.00 63.39 ? 36  SER A OG  1 
ATOM   254  N N   . ASN A 1 37  ? 7.125   -14.782 -7.135  1.00 58.58 ? 37  ASN A N   1 
ATOM   255  C CA  . ASN A 1 37  ? 6.306   -15.852 -6.565  1.00 59.73 ? 37  ASN A CA  1 
ATOM   256  C C   . ASN A 1 37  ? 5.318   -15.239 -5.590  1.00 58.23 ? 37  ASN A C   1 
ATOM   257  O O   . ASN A 1 37  ? 5.614   -15.086 -4.397  1.00 61.81 ? 37  ASN A O   1 
ATOM   258  C CB  . ASN A 1 37  ? 7.152   -16.920 -5.868  1.00 56.08 ? 37  ASN A CB  1 
ATOM   259  C CG  . ASN A 1 37  ? 6.309   -18.034 -5.293  1.00 55.90 ? 37  ASN A CG  1 
ATOM   260  O OD1 . ASN A 1 37  ? 5.218   -18.327 -5.805  1.00 59.22 ? 37  ASN A OD1 1 
ATOM   261  N ND2 . ASN A 1 37  ? 6.787   -18.655 -4.217  1.00 54.93 ? 37  ASN A ND2 1 
ATOM   262  N N   . PRO A 1 38  ? 4.124   -14.853 -6.063  1.00 59.96 ? 38  PRO A N   1 
ATOM   263  C CA  . PRO A 1 38  ? 3.085   -14.526 -5.076  1.00 57.47 ? 38  PRO A CA  1 
ATOM   264  C C   . PRO A 1 38  ? 2.541   -15.791 -4.431  1.00 60.11 ? 38  PRO A C   1 
ATOM   265  O O   . PRO A 1 38  ? 2.581   -16.836 -5.084  1.00 66.61 ? 38  PRO A O   1 
ATOM   266  C CB  . PRO A 1 38  ? 2.015   -13.819 -5.913  1.00 64.04 ? 38  PRO A CB  1 
ATOM   267  C CG  . PRO A 1 38  ? 2.279   -14.238 -7.340  1.00 58.19 ? 38  PRO A CG  1 
ATOM   268  C CD  . PRO A 1 38  ? 3.749   -14.457 -7.439  1.00 62.52 ? 38  PRO A CD  1 
ATOM   269  N N   . GLY A 1 39  ? 2.092   -15.744 -3.177  1.00 63.78 ? 39  GLY A N   1 
ATOM   270  C CA  . GLY A 1 39  ? 2.229   -14.602 -2.294  1.00 58.72 ? 39  GLY A CA  1 
ATOM   271  C C   . GLY A 1 39  ? 3.344   -14.852 -1.290  1.00 61.58 ? 39  GLY A C   1 
ATOM   272  O O   . GLY A 1 39  ? 3.123   -14.974 -0.081  1.00 59.05 ? 39  GLY A O   1 
ATOM   273  N N   . ASP A 1 40  ? 4.558   -14.990 -1.815  1.00 58.97 ? 40  ASP A N   1 
ATOM   274  C CA  . ASP A 1 40  ? 5.732   -14.722 -1.006  1.00 59.42 ? 40  ASP A CA  1 
ATOM   275  C C   . ASP A 1 40  ? 5.867   -13.216 -0.784  1.00 57.12 ? 40  ASP A C   1 
ATOM   276  O O   . ASP A 1 40  ? 5.155   -12.394 -1.378  1.00 51.36 ? 40  ASP A O   1 
ATOM   277  C CB  . ASP A 1 40  ? 6.999   -15.238 -1.680  1.00 51.32 ? 40  ASP A CB  1 
ATOM   278  C CG  . ASP A 1 40  ? 7.202   -16.714 -1.501  1.00 53.26 ? 40  ASP A CG  1 
ATOM   279  O OD1 . ASP A 1 40  ? 6.516   -17.337 -0.657  1.00 57.88 ? 40  ASP A OD1 1 
ATOM   280  O OD2 . ASP A 1 40  ? 8.084   -17.237 -2.204  1.00 51.16 ? 40  ASP A OD2 1 
ATOM   281  N N   . PHE A 1 41  ? 6.812   -12.857 0.069   1.00 54.63 ? 41  PHE A N   1 
ATOM   282  C CA  . PHE A 1 41  ? 7.150   -11.460 0.262   1.00 53.55 ? 41  PHE A CA  1 
ATOM   283  C C   . PHE A 1 41  ? 8.615   -11.256 -0.064  1.00 52.34 ? 41  PHE A C   1 
ATOM   284  O O   . PHE A 1 41  ? 9.366   -12.217 -0.272  1.00 48.68 ? 41  PHE A O   1 
ATOM   285  C CB  . PHE A 1 41  ? 6.817   -11.015 1.682   1.00 50.15 ? 41  PHE A CB  1 
ATOM   286  C CG  . PHE A 1 41  ? 5.369   -11.121 1.984   1.00 51.64 ? 41  PHE A CG  1 
ATOM   287  C CD1 . PHE A 1 41  ? 4.488   -10.123 1.572   1.00 54.08 ? 41  PHE A CD1 1 
ATOM   288  C CD2 . PHE A 1 41  ? 4.862   -12.248 2.599   1.00 52.83 ? 41  PHE A CD2 1 
ATOM   289  C CE1 . PHE A 1 41  ? 3.122   -10.223 1.817   1.00 51.33 ? 41  PHE A CE1 1 
ATOM   290  C CE2 . PHE A 1 41  ? 3.508   -12.349 2.855   1.00 52.18 ? 41  PHE A CE2 1 
ATOM   291  C CZ  . PHE A 1 41  ? 2.635   -11.333 2.462   1.00 49.55 ? 41  PHE A CZ  1 
ATOM   292  N N   . THR A 1 42  ? 9.008   -9.989  -0.125  1.00 47.47 ? 42  THR A N   1 
ATOM   293  C CA  . THR A 1 42  ? 10.374  -9.652  -0.487  1.00 46.13 ? 42  THR A CA  1 
ATOM   294  C C   . THR A 1 42  ? 10.870  -8.507  0.381   1.00 46.67 ? 42  THR A C   1 
ATOM   295  O O   . THR A 1 42  ? 10.163  -7.503  0.542   1.00 38.22 ? 42  THR A O   1 
ATOM   296  C CB  . THR A 1 42  ? 10.452  -9.275  -1.968  1.00 53.81 ? 42  THR A CB  1 
ATOM   297  O OG1 . THR A 1 42  ? 9.807   -10.299 -2.734  1.00 53.16 ? 42  THR A OG1 1 
ATOM   298  C CG2 . THR A 1 42  ? 11.911  -9.116  -2.419  1.00 53.91 ? 42  THR A CG2 1 
ATOM   299  N N   . LEU A 1 43  ? 12.075  -8.683  0.953   1.00 44.45 ? 43  LEU A N   1 
ATOM   300  C CA  . LEU A 1 43  ? 12.826  -7.613  1.598   1.00 40.57 ? 43  LEU A CA  1 
ATOM   301  C C   . LEU A 1 43  ? 13.716  -6.913  0.577   1.00 49.13 ? 43  LEU A C   1 
ATOM   302  O O   . LEU A 1 43  ? 14.627  -7.545  0.021   1.00 47.48 ? 43  LEU A O   1 
ATOM   303  C CB  . LEU A 1 43  ? 13.711  -8.150  2.713   1.00 45.14 ? 43  LEU A CB  1 
ATOM   304  C CG  . LEU A 1 43  ? 13.167  -8.386  4.105   1.00 46.34 ? 43  LEU A CG  1 
ATOM   305  C CD1 . LEU A 1 43  ? 14.224  -9.138  4.845   1.00 50.28 ? 43  LEU A CD1 1 
ATOM   306  C CD2 . LEU A 1 43  ? 12.888  -7.049  4.763   1.00 47.48 ? 43  LEU A CD2 1 
ATOM   307  N N   . SER A 1 44  ? 13.480  -5.613  0.354   1.00 40.41 ? 44  SER A N   1 
ATOM   308  C CA  . SER A 1 44  ? 14.391  -4.768  -0.418  1.00 46.47 ? 44  SER A CA  1 
ATOM   309  C C   . SER A 1 44  ? 15.230  -3.915  0.540   1.00 45.01 ? 44  SER A C   1 
ATOM   310  O O   . SER A 1 44  ? 14.675  -3.184  1.368   1.00 39.13 ? 44  SER A O   1 
ATOM   311  C CB  . SER A 1 44  ? 13.627  -3.868  -1.390  1.00 43.78 ? 44  SER A CB  1 
ATOM   312  O OG  . SER A 1 44  ? 12.697  -4.588  -2.182  1.00 49.46 ? 44  SER A OG  1 
ATOM   313  N N   . VAL A 1 45  ? 16.561  -3.976  0.393   1.00 44.71 ? 45  VAL A N   1 
ATOM   314  C CA  . VAL A 1 45  ? 17.511  -3.364  1.321   1.00 42.39 ? 45  VAL A CA  1 
ATOM   315  C C   . VAL A 1 45  ? 18.513  -2.475  0.573   1.00 46.95 ? 45  VAL A C   1 
ATOM   316  O O   . VAL A 1 45  ? 19.008  -2.838  -0.499  1.00 46.17 ? 45  VAL A O   1 
ATOM   317  C CB  . VAL A 1 45  ? 18.253  -4.446  2.123   1.00 44.24 ? 45  VAL A CB  1 
ATOM   318  C CG1 . VAL A 1 45  ? 18.982  -3.836  3.311   1.00 48.26 ? 45  VAL A CG1 1 
ATOM   319  C CG2 . VAL A 1 45  ? 17.285  -5.526  2.560   1.00 43.52 ? 45  VAL A CG2 1 
ATOM   320  N N   . ARG A 1 46  ? 18.842  -1.319  1.158   1.00 49.64 ? 46  ARG A N   1 
ATOM   321  C CA  . ARG A 1 46  ? 19.836  -0.406  0.592   1.00 51.16 ? 46  ARG A CA  1 
ATOM   322  C C   . ARG A 1 46  ? 21.184  -0.582  1.295   1.00 56.24 ? 46  ARG A C   1 
ATOM   323  O O   . ARG A 1 46  ? 21.287  -0.391  2.519   1.00 50.46 ? 46  ARG A O   1 
ATOM   324  C CB  . ARG A 1 46  ? 19.374  1.046   0.694   1.00 53.24 ? 46  ARG A CB  1 
ATOM   325  C CG  . ARG A 1 46  ? 20.418  2.029   0.198   1.00 59.83 ? 46  ARG A CG  1 
ATOM   326  C CD  . ARG A 1 46  ? 19.923  3.462   0.146   1.00 58.89 ? 46  ARG A CD  1 
ATOM   327  N NE  . ARG A 1 46  ? 21.049  4.395   0.085   1.00 62.40 ? 46  ARG A NE  1 
ATOM   328  C CZ  . ARG A 1 46  ? 20.948  5.711   -0.100  1.00 61.19 ? 46  ARG A CZ  1 
ATOM   329  N NH1 . ARG A 1 46  ? 19.755  6.295   -0.256  1.00 59.23 ? 46  ARG A NH1 1 
ATOM   330  N NH2 . ARG A 1 46  ? 22.052  6.452   -0.126  1.00 60.39 ? 46  ARG A NH2 1 
ATOM   331  N N   . ARG A 1 47  ? 22.214  -0.951  0.523   1.00 58.56 ? 47  ARG A N   1 
ATOM   332  C CA  . ARG A 1 47  ? 23.579  -1.084  1.030   1.00 64.82 ? 47  ARG A CA  1 
ATOM   333  C C   . ARG A 1 47  ? 24.504  -0.264  0.145   1.00 65.61 ? 47  ARG A C   1 
ATOM   334  O O   . ARG A 1 47  ? 24.416  -0.357  -1.084  1.00 64.96 ? 47  ARG A O   1 
ATOM   335  C CB  . ARG A 1 47  ? 24.048  -2.550  1.066   1.00 52.22 ? 47  ARG A CB  1 
ATOM   336  N N   . ASN A 1 48  ? 25.355  0.553   0.775   1.00 66.47 ? 48  ASN A N   1 
ATOM   337  C CA  . ASN A 1 48  ? 26.474  1.253   0.124   1.00 71.28 ? 48  ASN A CA  1 
ATOM   338  C C   . ASN A 1 48  ? 26.075  1.806   -1.244  1.00 71.75 ? 48  ASN A C   1 
ATOM   339  O O   . ASN A 1 48  ? 26.761  1.611   -2.252  1.00 71.23 ? 48  ASN A O   1 
ATOM   340  C CB  . ASN A 1 48  ? 27.704  0.341   0.016   1.00 67.34 ? 48  ASN A CB  1 
ATOM   341  N N   . GLY A 1 49  ? 24.925  2.485   -1.272  1.00 71.24 ? 49  GLY A N   1 
ATOM   342  C CA  . GLY A 1 49  ? 24.432  3.130   -2.471  1.00 62.48 ? 49  GLY A CA  1 
ATOM   343  C C   . GLY A 1 49  ? 23.652  2.267   -3.446  1.00 63.89 ? 49  GLY A C   1 
ATOM   344  O O   . GLY A 1 49  ? 23.162  2.799   -4.450  1.00 67.99 ? 49  GLY A O   1 
ATOM   345  N N   . ALA A 1 50  ? 23.512  0.963   -3.207  1.00 62.66 ? 50  ALA A N   1 
ATOM   346  C CA  . ALA A 1 50  ? 22.746  0.106   -4.107  1.00 63.12 ? 50  ALA A CA  1 
ATOM   347  C C   . ALA A 1 50  ? 21.660  -0.653  -3.351  1.00 65.31 ? 50  ALA A C   1 
ATOM   348  O O   . ALA A 1 50  ? 21.572  -0.614  -2.118  1.00 60.32 ? 50  ALA A O   1 
ATOM   349  C CB  . ALA A 1 50  ? 23.639  -0.898  -4.844  1.00 65.15 ? 50  ALA A CB  1 
ATOM   350  N N   . VAL A 1 51  ? 20.832  -1.371  -4.114  1.00 64.99 ? 51  VAL A N   1 
ATOM   351  C CA  . VAL A 1 51  ? 19.664  -2.054  -3.569  1.00 58.98 ? 51  VAL A CA  1 
ATOM   352  C C   . VAL A 1 51  ? 19.695  -3.531  -3.943  1.00 53.12 ? 51  VAL A C   1 
ATOM   353  O O   . VAL A 1 51  ? 19.913  -3.891  -5.108  1.00 54.24 ? 51  VAL A O   1 
ATOM   354  C CB  . VAL A 1 51  ? 18.350  -1.408  -4.045  1.00 53.90 ? 51  VAL A CB  1 
ATOM   355  C CG1 . VAL A 1 51  ? 17.146  -2.117  -3.409  1.00 48.50 ? 51  VAL A CG1 1 
ATOM   356  C CG2 . VAL A 1 51  ? 18.352  0.054   -3.710  1.00 53.63 ? 51  VAL A CG2 1 
ATOM   357  N N   . THR A 1 52  ? 19.429  -4.371  -2.952  1.00 51.22 ? 52  THR A N   1 
ATOM   358  C CA  . THR A 1 52  ? 19.372  -5.821  -3.059  1.00 57.42 ? 52  THR A CA  1 
ATOM   359  C C   . THR A 1 52  ? 17.997  -6.309  -2.605  1.00 52.96 ? 52  THR A C   1 
ATOM   360  O O   . THR A 1 52  ? 17.432  -5.782  -1.644  1.00 49.33 ? 52  THR A O   1 
ATOM   361  C CB  . THR A 1 52  ? 20.479  -6.446  -2.191  1.00 55.18 ? 52  THR A CB  1 
ATOM   362  O OG1 . THR A 1 52  ? 21.700  -5.750  -2.438  1.00 59.45 ? 52  THR A OG1 1 
ATOM   363  C CG2 . THR A 1 52  ? 20.679  -7.916  -2.501  1.00 54.66 ? 52  THR A CG2 1 
ATOM   364  N N   . HIS A 1 53  ? 17.470  -7.329  -3.278  1.00 53.19 ? 53  HIS A N   1 
ATOM   365  C CA  . HIS A 1 53  ? 16.165  -7.895  -2.964  1.00 46.97 ? 53  HIS A CA  1 
ATOM   366  C C   . HIS A 1 53  ? 16.324  -9.329  -2.466  1.00 53.48 ? 53  HIS A C   1 
ATOM   367  O O   . HIS A 1 53  ? 17.038  -10.131 -3.075  1.00 54.08 ? 53  HIS A O   1 
ATOM   368  C CB  . HIS A 1 53  ? 15.267  -7.816  -4.193  1.00 51.48 ? 53  HIS A CB  1 
ATOM   369  C CG  . HIS A 1 53  ? 15.286  -6.469  -4.848  1.00 49.68 ? 53  HIS A CG  1 
ATOM   370  N ND1 . HIS A 1 53  ? 14.430  -5.455  -4.485  1.00 49.05 ? 53  HIS A ND1 1 
ATOM   371  C CD2 . HIS A 1 53  ? 16.073  -5.961  -5.827  1.00 55.08 ? 53  HIS A CD2 1 
ATOM   372  C CE1 . HIS A 1 53  ? 14.677  -4.384  -5.222  1.00 51.71 ? 53  HIS A CE1 1 
ATOM   373  N NE2 . HIS A 1 53  ? 15.668  -4.666  -6.047  1.00 50.88 ? 53  HIS A NE2 1 
ATOM   374  N N   . ILE A 1 54  ? 15.685  -9.633  -1.336  1.00 52.50 ? 54  ILE A N   1 
ATOM   375  C CA  . ILE A 1 54  ? 15.800  -10.920 -0.656  1.00 48.55 ? 54  ILE A CA  1 
ATOM   376  C C   . ILE A 1 54  ? 14.410  -11.547 -0.556  1.00 54.45 ? 54  ILE A C   1 
ATOM   377  O O   . ILE A 1 54  ? 13.463  -10.904 -0.082  1.00 55.28 ? 54  ILE A O   1 
ATOM   378  C CB  . ILE A 1 54  ? 16.436  -10.764 0.737   1.00 45.26 ? 54  ILE A CB  1 
ATOM   379  C CG1 . ILE A 1 54  ? 17.737  -9.967  0.628   1.00 49.05 ? 54  ILE A CG1 1 
ATOM   380  C CG2 . ILE A 1 54  ? 16.626  -12.126 1.417   1.00 38.29 ? 54  ILE A CG2 1 
ATOM   381  C CD1 . ILE A 1 54  ? 18.335  -9.575  1.983   1.00 52.58 ? 54  ILE A CD1 1 
ATOM   382  N N   . LYS A 1 55  ? 14.292  -12.797 -0.997  1.00 53.24 ? 55  LYS A N   1 
ATOM   383  C CA  . LYS A 1 55  ? 13.002  -13.456 -1.086  1.00 48.57 ? 55  LYS A CA  1 
ATOM   384  C C   . LYS A 1 55  ? 12.651  -14.096 0.245   1.00 45.10 ? 55  LYS A C   1 
ATOM   385  O O   . LYS A 1 55  ? 13.478  -14.767 0.864   1.00 49.32 ? 55  LYS A O   1 
ATOM   386  C CB  . LYS A 1 55  ? 13.015  -14.510 -2.202  1.00 46.43 ? 55  LYS A CB  1 
ATOM   387  N N   . ILE A 1 56  ? 11.409  -13.900 0.671   1.00 49.30 ? 56  ILE A N   1 
ATOM   388  C CA  . ILE A 1 56  ? 10.867  -14.471 1.901   1.00 46.78 ? 56  ILE A CA  1 
ATOM   389  C C   . ILE A 1 56  ? 9.877   -15.560 1.514   1.00 51.80 ? 56  ILE A C   1 
ATOM   390  O O   . ILE A 1 56  ? 8.941   -15.304 0.749   1.00 52.51 ? 56  ILE A O   1 
ATOM   391  C CB  . ILE A 1 56  ? 10.153  -13.403 2.752   1.00 44.61 ? 56  ILE A CB  1 
ATOM   392  C CG1 . ILE A 1 56  ? 11.056  -12.207 3.019   1.00 47.56 ? 56  ILE A CG1 1 
ATOM   393  C CG2 . ILE A 1 56  ? 9.556   -14.015 4.027   1.00 45.78 ? 56  ILE A CG2 1 
ATOM   394  C CD1 . ILE A 1 56  ? 10.285  -10.980 3.452   1.00 43.68 ? 56  ILE A CD1 1 
ATOM   395  N N   . GLN A 1 57  ? 10.046  -16.752 2.070   1.00 57.70 ? 57  GLN A N   1 
ATOM   396  C CA  . GLN A 1 57  ? 9.126   -17.845 1.781   1.00 57.47 ? 57  GLN A CA  1 
ATOM   397  C C   . GLN A 1 57  ? 7.916   -17.778 2.698   1.00 59.41 ? 57  GLN A C   1 
ATOM   398  O O   . GLN A 1 57  ? 8.052   -17.566 3.909   1.00 54.33 ? 57  GLN A O   1 
ATOM   399  C CB  . GLN A 1 57  ? 9.820   -19.195 1.931   1.00 54.67 ? 57  GLN A CB  1 
ATOM   400  C CG  . GLN A 1 57  ? 8.881   -20.385 1.806   1.00 61.27 ? 57  GLN A CG  1 
ATOM   401  C CD  . GLN A 1 57  ? 9.601   -21.725 1.867   1.00 59.82 ? 57  GLN A CD  1 
ATOM   402  O OE1 . GLN A 1 57  ? 10.638  -21.865 2.524   1.00 62.31 ? 57  GLN A OE1 1 
ATOM   403  N NE2 . GLN A 1 57  ? 9.057   -22.715 1.174   1.00 60.26 ? 57  GLN A NE2 1 
ATOM   404  N N   . ASN A 1 58  ? 6.730   -17.963 2.099   1.00 60.19 ? 58  ASN A N   1 
ATOM   405  C CA  . ASN A 1 58  ? 5.445   -18.039 2.802   1.00 64.10 ? 58  ASN A CA  1 
ATOM   406  C C   . ASN A 1 58  ? 4.924   -19.475 2.700   1.00 68.19 ? 58  ASN A C   1 
ATOM   407  O O   . ASN A 1 58  ? 4.381   -19.875 1.663   1.00 72.01 ? 58  ASN A O   1 
ATOM   408  C CB  . ASN A 1 58  ? 4.457   -17.046 2.195   1.00 67.87 ? 58  ASN A CB  1 
ATOM   409  C CG  . ASN A 1 58  ? 3.184   -16.897 3.007   1.00 68.07 ? 58  ASN A CG  1 
ATOM   410  O OD1 . ASN A 1 58  ? 3.061   -17.422 4.126   1.00 63.95 ? 58  ASN A OD1 1 
ATOM   411  N ND2 . ASN A 1 58  ? 2.225   -16.164 2.444   1.00 63.42 ? 58  ASN A ND2 1 
ATOM   412  N N   . THR A 1 59  ? 5.090   -20.254 3.776   1.00 70.84 ? 59  THR A N   1 
ATOM   413  C CA  . THR A 1 59  ? 4.674   -21.656 3.773   1.00 73.47 ? 59  THR A CA  1 
ATOM   414  C C   . THR A 1 59  ? 3.236   -21.856 4.224   1.00 73.02 ? 59  THR A C   1 
ATOM   415  O O   . THR A 1 59  ? 2.666   -22.925 3.979   1.00 74.36 ? 59  THR A O   1 
ATOM   416  C CB  . THR A 1 59  ? 5.573   -22.510 4.680   1.00 65.77 ? 59  THR A CB  1 
ATOM   417  O OG1 . THR A 1 59  ? 5.289   -22.209 6.050   1.00 66.99 ? 59  THR A OG1 1 
ATOM   418  C CG2 . THR A 1 59  ? 7.044   -22.260 4.386   1.00 64.09 ? 59  THR A CG2 1 
ATOM   419  N N   . GLY A 1 60  ? 2.639   -20.859 4.871   1.00 74.45 ? 60  GLY A N   1 
ATOM   420  C CA  . GLY A 1 60  ? 1.345   -20.978 5.475   1.00 72.12 ? 60  GLY A CA  1 
ATOM   421  C C   . GLY A 1 60  ? 1.403   -21.226 6.964   1.00 71.86 ? 60  GLY A C   1 
ATOM   422  O O   . GLY A 1 60  ? 0.502   -20.796 7.691   1.00 87.66 ? 60  GLY A O   1 
ATOM   423  N N   . ASP A 1 61  ? 2.443   -21.914 7.434   1.00 74.24 ? 61  ASP A N   1 
ATOM   424  C CA  . ASP A 1 61  ? 2.681   -22.071 8.866   1.00 81.34 ? 61  ASP A CA  1 
ATOM   425  C C   . ASP A 1 61  ? 3.821   -21.202 9.384   1.00 76.67 ? 61  ASP A C   1 
ATOM   426  O O   . ASP A 1 61  ? 3.934   -21.015 10.602  1.00 74.86 ? 61  ASP A O   1 
ATOM   427  C CB  . ASP A 1 61  ? 2.990   -23.538 9.216   1.00 79.58 ? 61  ASP A CB  1 
ATOM   428  C CG  . ASP A 1 61  ? 1.749   -24.332 9.557   1.00 85.27 ? 61  ASP A CG  1 
ATOM   429  O OD1 . ASP A 1 61  ? 0.724   -23.714 9.916   1.00 86.11 ? 61  ASP A OD1 1 
ATOM   430  O OD2 . ASP A 1 61  ? 1.805   -25.579 9.483   1.00 93.38 ? 61  ASP A OD2 1 
ATOM   431  N N   . TYR A 1 62  ? 4.670   -20.685 8.502   1.00 68.97 ? 62  TYR A N   1 
ATOM   432  C CA  . TYR A 1 62  ? 5.782   -19.869 8.962   1.00 70.44 ? 62  TYR A CA  1 
ATOM   433  C C   . TYR A 1 62  ? 6.365   -19.082 7.795   1.00 66.98 ? 62  TYR A C   1 
ATOM   434  O O   . TYR A 1 62  ? 6.022   -19.291 6.627   1.00 68.94 ? 62  TYR A O   1 
ATOM   435  C CB  . TYR A 1 62  ? 6.864   -20.725 9.649   1.00 67.41 ? 62  TYR A CB  1 
ATOM   436  C CG  . TYR A 1 62  ? 7.580   -21.711 8.751   1.00 66.15 ? 62  TYR A CG  1 
ATOM   437  C CD1 . TYR A 1 62  ? 8.654   -21.309 7.966   1.00 63.61 ? 62  TYR A CD1 1 
ATOM   438  C CD2 . TYR A 1 62  ? 7.200   -23.046 8.701   1.00 71.66 ? 62  TYR A CD2 1 
ATOM   439  C CE1 . TYR A 1 62  ? 9.324   -22.202 7.145   1.00 66.76 ? 62  TYR A CE1 1 
ATOM   440  C CE2 . TYR A 1 62  ? 7.878   -23.963 7.875   1.00 64.64 ? 62  TYR A CE2 1 
ATOM   441  C CZ  . TYR A 1 62  ? 8.932   -23.526 7.109   1.00 65.94 ? 62  TYR A CZ  1 
ATOM   442  O OH  . TYR A 1 62  ? 9.603   -24.397 6.295   1.00 67.84 ? 62  TYR A OH  1 
ATOM   443  N N   . TYR A 1 63  ? 7.249   -18.160 8.146   1.00 62.89 ? 63  TYR A N   1 
ATOM   444  C CA  . TYR A 1 63  ? 8.069   -17.425 7.207   1.00 56.08 ? 63  TYR A CA  1 
ATOM   445  C C   . TYR A 1 63  ? 9.531   -17.714 7.505   1.00 60.82 ? 63  TYR A C   1 
ATOM   446  O O   . TYR A 1 63  ? 9.916   -17.906 8.665   1.00 58.43 ? 63  TYR A O   1 
ATOM   447  C CB  . TYR A 1 63  ? 7.819   -15.933 7.328   1.00 60.06 ? 63  TYR A CB  1 
ATOM   448  C CG  . TYR A 1 63  ? 6.409   -15.526 7.052   1.00 57.71 ? 63  TYR A CG  1 
ATOM   449  C CD1 . TYR A 1 63  ? 5.437   -15.572 8.047   1.00 60.36 ? 63  TYR A CD1 1 
ATOM   450  C CD2 . TYR A 1 63  ? 6.049   -15.070 5.798   1.00 55.71 ? 63  TYR A CD2 1 
ATOM   451  C CE1 . TYR A 1 63  ? 4.133   -15.180 7.783   1.00 60.06 ? 63  TYR A CE1 1 
ATOM   452  C CE2 . TYR A 1 63  ? 4.754   -14.680 5.517   1.00 58.65 ? 63  TYR A CE2 1 
ATOM   453  C CZ  . TYR A 1 63  ? 3.802   -14.730 6.504   1.00 60.32 ? 63  TYR A CZ  1 
ATOM   454  O OH  . TYR A 1 63  ? 2.525   -14.325 6.182   1.00 68.15 ? 63  TYR A OH  1 
ATOM   455  N N   . ASP A 1 64  ? 10.339  -17.738 6.445   1.00 57.80 ? 64  ASP A N   1 
ATOM   456  C CA  . ASP A 1 64  ? 11.785  -17.865 6.540   1.00 52.32 ? 64  ASP A CA  1 
ATOM   457  C C   . ASP A 1 64  ? 12.372  -17.213 5.291   1.00 53.91 ? 64  ASP A C   1 
ATOM   458  O O   . ASP A 1 64  ? 11.638  -16.669 4.467   1.00 54.10 ? 64  ASP A O   1 
ATOM   459  C CB  . ASP A 1 64  ? 12.189  -19.341 6.721   1.00 57.06 ? 64  ASP A CB  1 
ATOM   460  C CG  . ASP A 1 64  ? 12.285  -20.106 5.406   1.00 55.22 ? 64  ASP A CG  1 
ATOM   461  O OD1 . ASP A 1 64  ? 11.613  -19.728 4.446   1.00 56.50 ? 64  ASP A OD1 1 
ATOM   462  O OD2 . ASP A 1 64  ? 13.025  -21.109 5.329   1.00 57.53 ? 64  ASP A OD2 1 
ATOM   463  N N   . LEU A 1 65  ? 13.694  -17.275 5.133   1.00 48.71 ? 65  LEU A N   1 
ATOM   464  C CA  . LEU A 1 65  ? 14.355  -16.728 3.948   1.00 50.61 ? 65  LEU A CA  1 
ATOM   465  C C   . LEU A 1 65  ? 14.841  -17.822 3.010   1.00 55.27 ? 65  LEU A C   1 
ATOM   466  O O   . LEU A 1 65  ? 15.938  -17.728 2.449   1.00 54.86 ? 65  LEU A O   1 
ATOM   467  C CB  . LEU A 1 65  ? 15.523  -15.829 4.339   1.00 49.77 ? 65  LEU A CB  1 
ATOM   468  C CG  . LEU A 1 65  ? 15.062  -14.671 5.224   1.00 55.21 ? 65  LEU A CG  1 
ATOM   469  C CD1 . LEU A 1 65  ? 16.215  -13.744 5.537   1.00 51.32 ? 65  LEU A CD1 1 
ATOM   470  C CD2 . LEU A 1 65  ? 13.892  -13.905 4.567   1.00 44.47 ? 65  LEU A CD2 1 
ATOM   471  N N   . TYR A 1 66  ? 14.023  -18.860 2.812   1.00 55.69 ? 66  TYR A N   1 
ATOM   472  C CA  . TYR A 1 66  ? 14.452  -20.071 2.113   1.00 51.57 ? 66  TYR A CA  1 
ATOM   473  C C   . TYR A 1 66  ? 15.719  -20.611 2.766   1.00 53.61 ? 66  TYR A C   1 
ATOM   474  O O   . TYR A 1 66  ? 16.771  -20.766 2.148   1.00 56.27 ? 66  TYR A O   1 
ATOM   475  C CB  . TYR A 1 66  ? 14.632  -19.817 0.610   1.00 54.10 ? 66  TYR A CB  1 
ATOM   476  C CG  . TYR A 1 66  ? 13.292  -19.621 -0.076  1.00 53.39 ? 66  TYR A CG  1 
ATOM   477  C CD1 . TYR A 1 66  ? 12.427  -20.697 -0.259  1.00 54.61 ? 66  TYR A CD1 1 
ATOM   478  C CD2 . TYR A 1 66  ? 12.866  -18.365 -0.492  1.00 55.54 ? 66  TYR A CD2 1 
ATOM   479  C CE1 . TYR A 1 66  ? 11.183  -20.532 -0.864  1.00 63.42 ? 66  TYR A CE1 1 
ATOM   480  C CE2 . TYR A 1 66  ? 11.615  -18.183 -1.107  1.00 53.72 ? 66  TYR A CE2 1 
ATOM   481  C CZ  . TYR A 1 66  ? 10.776  -19.268 -1.288  1.00 62.06 ? 66  TYR A CZ  1 
ATOM   482  O OH  . TYR A 1 66  ? 9.532   -19.121 -1.883  1.00 60.00 ? 66  TYR A OH  1 
ATOM   483  N N   . GLY A 1 67  ? 15.573  -20.895 4.057   1.00 53.36 ? 67  GLY A N   1 
ATOM   484  C CA  . GLY A 1 67  ? 16.669  -21.133 4.969   1.00 54.24 ? 67  GLY A CA  1 
ATOM   485  C C   . GLY A 1 67  ? 16.512  -20.336 6.256   1.00 59.59 ? 67  GLY A C   1 
ATOM   486  O O   . GLY A 1 67  ? 15.652  -19.466 6.392   1.00 55.91 ? 67  GLY A O   1 
ATOM   487  N N   . GLY A 1 68  ? 17.384  -20.668 7.217   1.00 55.76 ? 68  GLY A N   1 
ATOM   488  C CA  . GLY A 1 68  ? 17.489  -19.941 8.461   1.00 46.34 ? 68  GLY A CA  1 
ATOM   489  C C   . GLY A 1 68  ? 16.325  -20.206 9.401   1.00 55.27 ? 68  GLY A C   1 
ATOM   490  O O   . GLY A 1 68  ? 15.551  -21.141 9.237   1.00 62.19 ? 68  GLY A O   1 
ATOM   491  N N   . GLU A 1 69  ? 16.213  -19.341 10.406  1.00 56.40 ? 69  GLU A N   1 
ATOM   492  C CA  . GLU A 1 69  ? 15.140  -19.461 11.379  1.00 54.17 ? 69  GLU A CA  1 
ATOM   493  C C   . GLU A 1 69  ? 13.779  -19.258 10.719  1.00 62.68 ? 69  GLU A C   1 
ATOM   494  O O   . GLU A 1 69  ? 13.658  -18.641 9.656   1.00 66.52 ? 69  GLU A O   1 
ATOM   495  C CB  . GLU A 1 69  ? 15.322  -18.437 12.496  1.00 62.87 ? 69  GLU A CB  1 
ATOM   496  C CG  . GLU A 1 69  ? 16.490  -18.729 13.435  1.00 70.82 ? 69  GLU A CG  1 
ATOM   497  C CD  . GLU A 1 69  ? 16.296  -20.005 14.253  1.00 72.36 ? 69  GLU A CD  1 
ATOM   498  O OE1 . GLU A 1 69  ? 15.146  -20.499 14.371  1.00 72.58 ? 69  GLU A OE1 1 
ATOM   499  O OE2 . GLU A 1 69  ? 17.311  -20.516 14.772  1.00 77.04 ? 69  GLU A OE2 1 
ATOM   500  N N   . LYS A 1 70  ? 12.742  -19.771 11.381  1.00 63.05 ? 70  LYS A N   1 
ATOM   501  C CA  . LYS A 1 70  ? 11.364  -19.682 10.921  1.00 59.79 ? 70  LYS A CA  1 
ATOM   502  C C   . LYS A 1 70  ? 10.550  -18.867 11.922  1.00 63.07 ? 70  LYS A C   1 
ATOM   503  O O   . LYS A 1 70  ? 10.895  -18.793 13.106  1.00 64.73 ? 70  LYS A O   1 
ATOM   504  C CB  . LYS A 1 70  ? 10.758  -21.083 10.740  1.00 63.79 ? 70  LYS A CB  1 
ATOM   505  N N   . PHE A 1 71  ? 9.467   -18.238 11.447  1.00 63.73 ? 71  PHE A N   1 
ATOM   506  C CA  . PHE A 1 71  ? 8.731   -17.279 12.267  1.00 64.47 ? 71  PHE A CA  1 
ATOM   507  C C   . PHE A 1 71  ? 7.237   -17.373 12.003  1.00 62.88 ? 71  PHE A C   1 
ATOM   508  O O   . PHE A 1 71  ? 6.804   -17.715 10.903  1.00 63.52 ? 71  PHE A O   1 
ATOM   509  C CB  . PHE A 1 71  ? 9.192   -15.833 11.998  1.00 62.07 ? 71  PHE A CB  1 
ATOM   510  C CG  . PHE A 1 71  ? 10.667  -15.648 12.114  1.00 59.91 ? 71  PHE A CG  1 
ATOM   511  C CD1 . PHE A 1 71  ? 11.489  -15.861 11.016  1.00 56.20 ? 71  PHE A CD1 1 
ATOM   512  C CD2 . PHE A 1 71  ? 11.238  -15.270 13.323  1.00 58.25 ? 71  PHE A CD2 1 
ATOM   513  C CE1 . PHE A 1 71  ? 12.854  -15.699 11.112  1.00 58.40 ? 71  PHE A CE1 1 
ATOM   514  C CE2 . PHE A 1 71  ? 12.604  -15.097 13.436  1.00 55.77 ? 71  PHE A CE2 1 
ATOM   515  C CZ  . PHE A 1 71  ? 13.419  -15.320 12.329  1.00 60.63 ? 71  PHE A CZ  1 
ATOM   516  N N   . ALA A 1 72  ? 6.446   -17.017 13.017  1.00 65.55 ? 72  ALA A N   1 
ATOM   517  C CA  . ALA A 1 72  ? 4.999   -16.997 12.828  1.00 68.20 ? 72  ALA A CA  1 
ATOM   518  C C   . ALA A 1 72  ? 4.577   -15.858 11.911  1.00 63.90 ? 72  ALA A C   1 
ATOM   519  O O   . ALA A 1 72  ? 3.694   -16.033 11.066  1.00 69.17 ? 72  ALA A O   1 
ATOM   520  C CB  . ALA A 1 72  ? 4.284   -16.890 14.176  1.00 61.10 ? 72  ALA A CB  1 
ATOM   521  N N   . THR A 1 73  ? 5.193   -14.689 12.060  1.00 58.62 ? 73  THR A N   1 
ATOM   522  C CA  . THR A 1 73  ? 4.793   -13.518 11.299  1.00 59.60 ? 73  THR A CA  1 
ATOM   523  C C   . THR A 1 73  ? 5.960   -12.967 10.492  1.00 61.02 ? 73  THR A C   1 
ATOM   524  O O   . THR A 1 73  ? 7.134   -13.196 10.805  1.00 63.94 ? 73  THR A O   1 
ATOM   525  C CB  . THR A 1 73  ? 4.250   -12.415 12.209  1.00 60.56 ? 73  THR A CB  1 
ATOM   526  O OG1 . THR A 1 73  ? 5.323   -11.829 12.958  1.00 60.87 ? 73  THR A OG1 1 
ATOM   527  C CG2 . THR A 1 73  ? 3.211   -12.980 13.173  1.00 64.61 ? 73  THR A CG2 1 
ATOM   528  N N   . LEU A 1 74  ? 5.597   -12.259 9.424   1.00 53.60 ? 74  LEU A N   1 
ATOM   529  C CA  . LEU A 1 74  ? 6.535   -11.414 8.703   1.00 51.80 ? 74  LEU A CA  1 
ATOM   530  C C   . LEU A 1 74  ? 7.208   -10.394 9.624   1.00 52.02 ? 74  LEU A C   1 
ATOM   531  O O   . LEU A 1 74  ? 8.406   -10.132 9.493   1.00 52.13 ? 74  LEU A O   1 
ATOM   532  C CB  . LEU A 1 74  ? 5.794   -10.714 7.559   1.00 50.38 ? 74  LEU A CB  1 
ATOM   533  C CG  . LEU A 1 74  ? 6.636   -10.174 6.407   1.00 51.80 ? 74  LEU A CG  1 
ATOM   534  C CD1 . LEU A 1 74  ? 7.373   -11.307 5.733   1.00 48.92 ? 74  LEU A CD1 1 
ATOM   535  C CD2 . LEU A 1 74  ? 5.760   -9.426  5.409   1.00 50.37 ? 74  LEU A CD2 1 
ATOM   536  N N   . ALA A 1 75  ? 6.456   -9.794  10.554  1.00 56.89 ? 75  ALA A N   1 
ATOM   537  C CA  . ALA A 1 75  ? 7.043   -8.796  11.449  1.00 54.97 ? 75  ALA A CA  1 
ATOM   538  C C   . ALA A 1 75  ? 8.043   -9.414  12.414  1.00 53.40 ? 75  ALA A C   1 
ATOM   539  O O   . ALA A 1 75  ? 8.997   -8.748  12.838  1.00 52.05 ? 75  ALA A O   1 
ATOM   540  C CB  . ALA A 1 75  ? 5.957   -8.069  12.245  1.00 49.94 ? 75  ALA A CB  1 
ATOM   541  N N   . GLU A 1 76  ? 7.833   -10.664 12.803  1.00 53.26 ? 76  GLU A N   1 
ATOM   542  C CA  . GLU A 1 76  ? 8.816   -11.297 13.664  1.00 57.04 ? 76  GLU A CA  1 
ATOM   543  C C   . GLU A 1 76  ? 10.080  -11.611 12.884  1.00 57.27 ? 76  GLU A C   1 
ATOM   544  O O   . GLU A 1 76  ? 11.190  -11.433 13.402  1.00 59.33 ? 76  GLU A O   1 
ATOM   545  C CB  . GLU A 1 76  ? 8.229   -12.552 14.302  1.00 59.62 ? 76  GLU A CB  1 
ATOM   546  C CG  . GLU A 1 76  ? 7.298   -12.225 15.456  1.00 62.01 ? 76  GLU A CG  1 
ATOM   547  C CD  . GLU A 1 76  ? 6.466   -13.415 15.884  1.00 70.16 ? 76  GLU A CD  1 
ATOM   548  O OE1 . GLU A 1 76  ? 5.574   -13.232 16.744  1.00 68.36 ? 76  GLU A OE1 1 
ATOM   549  O OE2 . GLU A 1 76  ? 6.695   -14.530 15.350  1.00 70.44 ? 76  GLU A OE2 1 
ATOM   550  N N   . LEU A 1 77  ? 9.931   -12.042 11.625  1.00 53.17 ? 77  LEU A N   1 
ATOM   551  C CA  . LEU A 1 77  ? 11.103  -12.294 10.796  1.00 53.60 ? 77  LEU A CA  1 
ATOM   552  C C   . LEU A 1 77  ? 11.911  -11.020 10.636  1.00 49.67 ? 77  LEU A C   1 
ATOM   553  O O   . LEU A 1 77  ? 13.145  -11.038 10.704  1.00 47.99 ? 77  LEU A O   1 
ATOM   554  C CB  . LEU A 1 77  ? 10.676  -12.854 9.430   1.00 54.32 ? 77  LEU A CB  1 
ATOM   555  C CG  . LEU A 1 77  ? 11.735  -13.183 8.357   1.00 51.04 ? 77  LEU A CG  1 
ATOM   556  C CD1 . LEU A 1 77  ? 11.180  -14.202 7.385   1.00 53.27 ? 77  LEU A CD1 1 
ATOM   557  C CD2 . LEU A 1 77  ? 12.231  -11.963 7.561   1.00 49.28 ? 77  LEU A CD2 1 
ATOM   558  N N   . VAL A 1 78  ? 11.221  -9.898  10.445  1.00 46.36 ? 78  VAL A N   1 
ATOM   559  C CA  . VAL A 1 78  ? 11.899  -8.638  10.195  1.00 48.16 ? 78  VAL A CA  1 
ATOM   560  C C   . VAL A 1 78  ? 12.594  -8.171  11.455  1.00 49.93 ? 78  VAL A C   1 
ATOM   561  O O   . VAL A 1 78  ? 13.745  -7.711  11.419  1.00 46.16 ? 78  VAL A O   1 
ATOM   562  C CB  . VAL A 1 78  ? 10.889  -7.602  9.677   1.00 49.72 ? 78  VAL A CB  1 
ATOM   563  C CG1 . VAL A 1 78  ? 11.496  -6.206  9.676   1.00 47.88 ? 78  VAL A CG1 1 
ATOM   564  C CG2 . VAL A 1 78  ? 10.419  -7.989  8.298   1.00 47.66 ? 78  VAL A CG2 1 
ATOM   565  N N   . GLN A 1 79  ? 11.916  -8.321  12.592  1.00 50.15 ? 79  GLN A N   1 
ATOM   566  C CA  . GLN A 1 79  ? 12.511  -7.987  13.876  1.00 51.37 ? 79  GLN A CA  1 
ATOM   567  C C   . GLN A 1 79  ? 13.778  -8.806  14.122  1.00 50.45 ? 79  GLN A C   1 
ATOM   568  O O   . GLN A 1 79  ? 14.828  -8.257  14.488  1.00 46.50 ? 79  GLN A O   1 
ATOM   569  C CB  . GLN A 1 79  ? 11.480  -8.201  14.976  1.00 51.10 ? 79  GLN A CB  1 
ATOM   570  C CG  . GLN A 1 79  ? 12.092  -8.312  16.338  1.00 56.98 ? 79  GLN A CG  1 
ATOM   571  C CD  . GLN A 1 79  ? 11.078  -8.146  17.442  1.00 62.59 ? 79  GLN A CD  1 
ATOM   572  O OE1 . GLN A 1 79  ? 9.883   -7.932  17.185  1.00 63.24 ? 79  GLN A OE1 1 
ATOM   573  N NE2 . GLN A 1 79  ? 11.545  -8.242  18.690  1.00 56.95 ? 79  GLN A NE2 1 
ATOM   574  N N   . TYR A 1 80  ? 13.709  -10.112 13.858  1.00 46.77 ? 80  TYR A N   1 
ATOM   575  C CA  . TYR A 1 80  ? 14.865  -10.983 14.032  1.00 49.53 ? 80  TYR A CA  1 
ATOM   576  C C   . TYR A 1 80  ? 16.080  -10.482 13.268  1.00 46.93 ? 80  TYR A C   1 
ATOM   577  O O   . TYR A 1 80  ? 17.175  -10.375 13.826  1.00 50.46 ? 80  TYR A O   1 
ATOM   578  C CB  . TYR A 1 80  ? 14.520  -12.384 13.573  1.00 54.26 ? 80  TYR A CB  1 
ATOM   579  C CG  . TYR A 1 80  ? 15.606  -13.387 13.823  1.00 54.65 ? 80  TYR A CG  1 
ATOM   580  C CD1 . TYR A 1 80  ? 16.625  -13.593 12.895  1.00 57.06 ? 80  TYR A CD1 1 
ATOM   581  C CD2 . TYR A 1 80  ? 15.612  -14.143 14.985  1.00 58.10 ? 80  TYR A CD2 1 
ATOM   582  C CE1 . TYR A 1 80  ? 17.631  -14.528 13.127  1.00 56.45 ? 80  TYR A CE1 1 
ATOM   583  C CE2 . TYR A 1 80  ? 16.605  -15.074 15.226  1.00 59.70 ? 80  TYR A CE2 1 
ATOM   584  C CZ  . TYR A 1 80  ? 17.608  -15.266 14.296  1.00 63.02 ? 80  TYR A CZ  1 
ATOM   585  O OH  . TYR A 1 80  ? 18.594  -16.193 14.551  1.00 69.70 ? 80  TYR A OH  1 
ATOM   586  N N   . TYR A 1 81  ? 15.918  -10.199 11.983  1.00 49.85 ? 81  TYR A N   1 
ATOM   587  C CA  . TYR A 1 81  ? 17.062  -9.782  11.184  1.00 47.44 ? 81  TYR A CA  1 
ATOM   588  C C   . TYR A 1 81  ? 17.462  -8.332  11.422  1.00 45.10 ? 81  TYR A C   1 
ATOM   589  O O   . TYR A 1 81  ? 18.542  -7.920  10.988  1.00 50.48 ? 81  TYR A O   1 
ATOM   590  C CB  . TYR A 1 81  ? 16.777  -10.047 9.706   1.00 52.33 ? 81  TYR A CB  1 
ATOM   591  C CG  . TYR A 1 81  ? 16.838  -11.527 9.387   1.00 51.84 ? 81  TYR A CG  1 
ATOM   592  C CD1 . TYR A 1 81  ? 18.063  -12.172 9.265   1.00 57.78 ? 81  TYR A CD1 1 
ATOM   593  C CD2 . TYR A 1 81  ? 15.683  -12.284 9.237   1.00 50.45 ? 81  TYR A CD2 1 
ATOM   594  C CE1 . TYR A 1 81  ? 18.141  -13.528 8.984   1.00 64.08 ? 81  TYR A CE1 1 
ATOM   595  C CE2 . TYR A 1 81  ? 15.750  -13.649 8.954   1.00 54.48 ? 81  TYR A CE2 1 
ATOM   596  C CZ  . TYR A 1 81  ? 16.985  -14.260 8.833   1.00 57.99 ? 81  TYR A CZ  1 
ATOM   597  O OH  . TYR A 1 81  ? 17.096  -15.593 8.557   1.00 57.01 ? 81  TYR A OH  1 
ATOM   598  N N   . MET A 1 82  ? 16.644  -7.557  12.126  1.00 45.56 ? 82  MET A N   1 
ATOM   599  C CA  . MET A 1 82  ? 17.122  -6.277  12.630  1.00 48.25 ? 82  MET A CA  1 
ATOM   600  C C   . MET A 1 82  ? 17.988  -6.445  13.869  1.00 47.06 ? 82  MET A C   1 
ATOM   601  O O   . MET A 1 82  ? 18.939  -5.679  14.060  1.00 41.67 ? 82  MET A O   1 
ATOM   602  C CB  . MET A 1 82  ? 15.949  -5.362  12.977  1.00 47.46 ? 82  MET A CB  1 
ATOM   603  C CG  . MET A 1 82  ? 15.095  -4.977  11.814  1.00 49.07 ? 82  MET A CG  1 
ATOM   604  S SD  . MET A 1 82  ? 13.831  -3.831  12.358  1.00 49.38 ? 82  MET A SD  1 
ATOM   605  C CE  . MET A 1 82  ? 14.817  -2.343  12.496  1.00 41.34 ? 82  MET A CE  1 
ATOM   606  N N   . GLU A 1 83  ? 17.682  -7.438  14.704  1.00 50.54 ? 83  GLU A N   1 
ATOM   607  C CA  . GLU A 1 83  ? 18.251  -7.545  16.043  1.00 52.98 ? 83  GLU A CA  1 
ATOM   608  C C   . GLU A 1 83  ? 19.371  -8.570  16.160  1.00 56.49 ? 83  GLU A C   1 
ATOM   609  O O   . GLU A 1 83  ? 19.996  -8.641  17.217  1.00 61.92 ? 83  GLU A O   1 
ATOM   610  C CB  . GLU A 1 83  ? 17.151  -7.883  17.070  1.00 47.73 ? 83  GLU A CB  1 
ATOM   611  C CG  . GLU A 1 83  ? 16.038  -6.860  17.141  1.00 46.57 ? 83  GLU A CG  1 
ATOM   612  C CD  . GLU A 1 83  ? 15.072  -7.086  18.301  1.00 61.05 ? 83  GLU A CD  1 
ATOM   613  O OE1 . GLU A 1 83  ? 14.917  -8.246  18.743  1.00 59.32 ? 83  GLU A OE1 1 
ATOM   614  O OE2 . GLU A 1 83  ? 14.459  -6.094  18.770  1.00 63.09 ? 83  GLU A OE2 1 
ATOM   615  N N   . HIS A 1 84  ? 19.632  -9.378  15.133  1.00 60.40 ? 84  HIS A N   1 
ATOM   616  C CA  . HIS A 1 84  ? 20.745  -10.332 15.148  1.00 58.76 ? 84  HIS A CA  1 
ATOM   617  C C   . HIS A 1 84  ? 21.653  -10.014 13.969  1.00 64.61 ? 84  HIS A C   1 
ATOM   618  O O   . HIS A 1 84  ? 21.367  -10.401 12.832  1.00 59.84 ? 84  HIS A O   1 
ATOM   619  C CB  . HIS A 1 84  ? 20.261  -11.773 15.071  1.00 60.15 ? 84  HIS A CB  1 
ATOM   620  C CG  . HIS A 1 84  ? 19.344  -12.167 16.182  1.00 60.83 ? 84  HIS A CG  1 
ATOM   621  N ND1 . HIS A 1 84  ? 18.013  -11.814 16.208  1.00 60.48 ? 84  HIS A ND1 1 
ATOM   622  C CD2 . HIS A 1 84  ? 19.563  -12.891 17.304  1.00 63.74 ? 84  HIS A CD2 1 
ATOM   623  C CE1 . HIS A 1 84  ? 17.452  -12.299 17.303  1.00 61.80 ? 84  HIS A CE1 1 
ATOM   624  N NE2 . HIS A 1 84  ? 18.371  -12.960 17.983  1.00 58.38 ? 84  HIS A NE2 1 
ATOM   625  N N   . HIS A 1 85  ? 22.747  -9.310  14.234  1.00 70.63 ? 85  HIS A N   1 
ATOM   626  C CA  . HIS A 1 85  ? 23.603  -8.931  13.130  1.00 70.49 ? 85  HIS A CA  1 
ATOM   627  C C   . HIS A 1 85  ? 24.402  -10.132 12.650  1.00 69.71 ? 85  HIS A C   1 
ATOM   628  O O   . HIS A 1 85  ? 24.572  -11.131 13.363  1.00 67.89 ? 85  HIS A O   1 
ATOM   629  C CB  . HIS A 1 85  ? 24.547  -7.794  13.514  1.00 77.34 ? 85  HIS A CB  1 
ATOM   630  C CG  . HIS A 1 85  ? 25.255  -7.186  12.342  1.00 84.68 ? 85  HIS A CG  1 
ATOM   631  N ND1 . HIS A 1 85  ? 26.537  -6.680  12.423  1.00 86.07 ? 85  HIS A ND1 1 
ATOM   632  C CD2 . HIS A 1 85  ? 24.863  -7.015  11.054  1.00 78.51 ? 85  HIS A CD2 1 
ATOM   633  C CE1 . HIS A 1 85  ? 26.902  -6.219  11.237  1.00 82.68 ? 85  HIS A CE1 1 
ATOM   634  N NE2 . HIS A 1 85  ? 25.906  -6.413  10.389  1.00 83.93 ? 85  HIS A NE2 1 
ATOM   635  N N   . GLY A 1 86  ? 24.884  -10.021 11.409  1.00 67.94 ? 86  GLY A N   1 
ATOM   636  C CA  . GLY A 1 86  ? 25.651  -11.060 10.766  1.00 68.16 ? 86  GLY A CA  1 
ATOM   637  C C   . GLY A 1 86  ? 24.867  -12.277 10.335  1.00 65.56 ? 86  GLY A C   1 
ATOM   638  O O   . GLY A 1 86  ? 25.448  -13.168 9.707   1.00 61.87 ? 86  GLY A O   1 
ATOM   639  N N   . GLN A 1 87  ? 23.573  -12.356 10.645  1.00 64.87 ? 87  GLN A N   1 
ATOM   640  C CA  . GLN A 1 87  ? 22.782  -13.522 10.266  1.00 63.28 ? 87  GLN A CA  1 
ATOM   641  C C   . GLN A 1 87  ? 22.295  -13.474 8.827   1.00 62.65 ? 87  GLN A C   1 
ATOM   642  O O   . GLN A 1 87  ? 21.611  -14.406 8.396   1.00 65.60 ? 87  GLN A O   1 
ATOM   643  C CB  . GLN A 1 87  ? 21.588  -13.685 11.206  1.00 59.52 ? 87  GLN A CB  1 
ATOM   644  C CG  . GLN A 1 87  ? 21.997  -13.860 12.640  1.00 64.13 ? 87  GLN A CG  1 
ATOM   645  C CD  . GLN A 1 87  ? 23.236  -14.713 12.742  1.00 71.78 ? 87  GLN A CD  1 
ATOM   646  O OE1 . GLN A 1 87  ? 24.299  -14.242 13.169  1.00 73.37 ? 87  GLN A OE1 1 
ATOM   647  N NE2 . GLN A 1 87  ? 23.123  -15.971 12.310  1.00 66.59 ? 87  GLN A NE2 1 
ATOM   648  N N   . LEU A 1 88  ? 22.644  -12.438 8.072   1.00 59.47 ? 88  LEU A N   1 
ATOM   649  C CA  . LEU A 1 88  ? 22.149  -12.248 6.714   1.00 59.48 ? 88  LEU A CA  1 
ATOM   650  C C   . LEU A 1 88  ? 23.347  -11.917 5.826   1.00 64.45 ? 88  LEU A C   1 
ATOM   651  O O   . LEU A 1 88  ? 23.852  -10.792 5.861   1.00 65.03 ? 88  LEU A O   1 
ATOM   652  C CB  . LEU A 1 88  ? 21.100  -11.143 6.689   1.00 58.45 ? 88  LEU A CB  1 
ATOM   653  C CG  . LEU A 1 88  ? 20.114  -11.246 5.539   1.00 65.65 ? 88  LEU A CG  1 
ATOM   654  C CD1 . LEU A 1 88  ? 19.389  -12.572 5.667   1.00 62.99 ? 88  LEU A CD1 1 
ATOM   655  C CD2 . LEU A 1 88  ? 19.146  -10.088 5.546   1.00 62.16 ? 88  LEU A CD2 1 
ATOM   656  N N   . LYS A 1 89  ? 23.804  -12.885 5.029   1.00 68.89 ? 89  LYS A N   1 
ATOM   657  C CA  . LYS A 1 89  ? 25.052  -12.741 4.286   1.00 68.68 ? 89  LYS A CA  1 
ATOM   658  C C   . LYS A 1 89  ? 24.852  -13.141 2.828   1.00 73.04 ? 89  LYS A C   1 
ATOM   659  O O   . LYS A 1 89  ? 24.236  -14.175 2.546   1.00 71.69 ? 89  LYS A O   1 
ATOM   660  C CB  . LYS A 1 89  ? 26.164  -13.580 4.928   1.00 59.53 ? 89  LYS A CB  1 
ATOM   661  N N   . GLU A 1 90  ? 25.385  -12.327 1.912   1.00 74.53 ? 90  GLU A N   1 
ATOM   662  C CA  . GLU A 1 90  ? 25.280  -12.565 0.472   1.00 74.70 ? 90  GLU A CA  1 
ATOM   663  C C   . GLU A 1 90  ? 26.091  -13.804 0.057   1.00 80.45 ? 90  GLU A C   1 
ATOM   664  O O   . GLU A 1 90  ? 26.548  -14.605 0.881   1.00 82.60 ? 90  GLU A O   1 
ATOM   665  C CB  . GLU A 1 90  ? 25.748  -11.336 -0.309  1.00 78.69 ? 90  GLU A CB  1 
ATOM   666  C CG  . GLU A 1 90  ? 24.771  -10.161 -0.404  1.00 77.17 ? 90  GLU A CG  1 
ATOM   667  C CD  . GLU A 1 90  ? 25.399  -8.924  -1.056  1.00 80.97 ? 90  GLU A CD  1 
ATOM   668  O OE1 . GLU A 1 90  ? 26.405  -9.084  -1.782  1.00 82.20 ? 90  GLU A OE1 1 
ATOM   669  O OE2 . GLU A 1 90  ? 24.898  -7.792  -0.836  1.00 80.55 ? 90  GLU A OE2 1 
ATOM   670  N N   . LYS A 1 91  ? 26.283  -13.965 -1.254  1.00 79.83 ? 91  LYS A N   1 
ATOM   671  C CA  . LYS A 1 91  ? 27.093  -15.079 -1.739  1.00 84.64 ? 91  LYS A CA  1 
ATOM   672  C C   . LYS A 1 91  ? 28.565  -14.858 -1.405  1.00 82.38 ? 91  LYS A C   1 
ATOM   673  O O   . LYS A 1 91  ? 29.253  -15.779 -0.941  1.00 69.49 ? 91  LYS A O   1 
ATOM   674  C CB  . LYS A 1 91  ? 26.894  -15.255 -3.248  1.00 76.28 ? 91  LYS A CB  1 
ATOM   675  N N   . ASN A 1 92  ? 29.052  -13.627 -1.616  1.00 80.85 ? 92  ASN A N   1 
ATOM   676  C CA  . ASN A 1 92  ? 30.395  -13.190 -1.258  1.00 74.09 ? 92  ASN A CA  1 
ATOM   677  C C   . ASN A 1 92  ? 30.645  -13.196 0.243   1.00 74.87 ? 92  ASN A C   1 
ATOM   678  O O   . ASN A 1 92  ? 31.774  -12.926 0.661   1.00 64.60 ? 92  ASN A O   1 
ATOM   679  C CB  . ASN A 1 92  ? 30.634  -11.783 -1.806  1.00 73.19 ? 92  ASN A CB  1 
ATOM   680  N N   . GLY A 1 93  ? 29.642  -13.480 1.070   1.00 77.66 ? 93  GLY A N   1 
ATOM   681  C CA  . GLY A 1 93  ? 29.817  -13.367 2.503   1.00 76.68 ? 93  GLY A CA  1 
ATOM   682  C C   . GLY A 1 93  ? 29.695  -11.962 3.058   1.00 70.12 ? 93  GLY A C   1 
ATOM   683  O O   . GLY A 1 93  ? 29.890  -11.780 4.266   1.00 66.15 ? 93  GLY A O   1 
ATOM   684  N N   . ASP A 1 94  ? 29.397  -10.968 2.221   1.00 64.70 ? 94  ASP A N   1 
ATOM   685  C CA  . ASP A 1 94  ? 29.044  -9.648  2.733   1.00 76.72 ? 94  ASP A CA  1 
ATOM   686  C C   . ASP A 1 94  ? 27.792  -9.730  3.601   1.00 74.67 ? 94  ASP A C   1 
ATOM   687  O O   . ASP A 1 94  ? 26.820  -10.416 3.261   1.00 69.90 ? 94  ASP A O   1 
ATOM   688  C CB  . ASP A 1 94  ? 28.803  -8.667  1.582   1.00 75.35 ? 94  ASP A CB  1 
ATOM   689  C CG  . ASP A 1 94  ? 29.888  -8.723  0.545   1.00 82.29 ? 94  ASP A CG  1 
ATOM   690  O OD1 . ASP A 1 94  ? 31.067  -8.591  0.939   1.00 84.30 ? 94  ASP A OD1 1 
ATOM   691  O OD2 . ASP A 1 94  ? 29.566  -8.936  -0.650  1.00 82.95 ? 94  ASP A OD2 1 
ATOM   692  N N   . VAL A 1 95  ? 27.818  -9.015  4.725   1.00 69.57 ? 95  VAL A N   1 
ATOM   693  C CA  . VAL A 1 95  ? 26.687  -8.969  5.642   1.00 64.08 ? 95  VAL A CA  1 
ATOM   694  C C   . VAL A 1 95  ? 25.663  -7.964  5.141   1.00 65.44 ? 95  VAL A C   1 
ATOM   695  O O   . VAL A 1 95  ? 26.009  -6.890  4.626   1.00 66.32 ? 95  VAL A O   1 
ATOM   696  C CB  . VAL A 1 95  ? 27.159  -8.622  7.061   1.00 70.01 ? 95  VAL A CB  1 
ATOM   697  C CG1 . VAL A 1 95  ? 26.005  -8.734  8.037   1.00 71.79 ? 95  VAL A CG1 1 
ATOM   698  C CG2 . VAL A 1 95  ? 28.299  -9.538  7.463   1.00 65.65 ? 95  VAL A CG2 1 
ATOM   699  N N   . ILE A 1 96  ? 24.392  -8.328  5.264   1.00 61.40 ? 96  ILE A N   1 
ATOM   700  C CA  . ILE A 1 96  ? 23.280  -7.443  4.953   1.00 62.59 ? 96  ILE A CA  1 
ATOM   701  C C   . ILE A 1 96  ? 22.721  -6.942  6.277   1.00 58.70 ? 96  ILE A C   1 
ATOM   702  O O   . ILE A 1 96  ? 22.364  -7.743  7.153   1.00 62.11 ? 96  ILE A O   1 
ATOM   703  C CB  . ILE A 1 96  ? 22.204  -8.157  4.118   1.00 62.31 ? 96  ILE A CB  1 
ATOM   704  C CG1 . ILE A 1 96  ? 22.802  -8.633  2.789   1.00 62.32 ? 96  ILE A CG1 1 
ATOM   705  C CG2 . ILE A 1 96  ? 20.984  -7.238  3.921   1.00 55.62 ? 96  ILE A CG2 1 
ATOM   706  C CD1 . ILE A 1 96  ? 21.933  -9.605  2.000   1.00 56.64 ? 96  ILE A CD1 1 
ATOM   707  N N   . GLU A 1 97  ? 22.663  -5.623  6.434   1.00 60.65 ? 97  GLU A N   1 
ATOM   708  C CA  . GLU A 1 97  ? 22.180  -4.991  7.659   1.00 60.66 ? 97  GLU A CA  1 
ATOM   709  C C   . GLU A 1 97  ? 20.801  -4.371  7.408   1.00 55.48 ? 97  GLU A C   1 
ATOM   710  O O   . GLU A 1 97  ? 20.638  -3.551  6.493   1.00 52.75 ? 97  GLU A O   1 
ATOM   711  C CB  . GLU A 1 97  ? 23.184  -3.945  8.141   1.00 53.91 ? 97  GLU A CB  1 
ATOM   712  C CG  . GLU A 1 97  ? 24.634  -4.447  8.099   1.00 67.27 ? 97  GLU A CG  1 
ATOM   713  C CD  . GLU A 1 97  ? 25.672  -3.345  8.318   1.00 68.49 ? 97  GLU A CD  1 
ATOM   714  O OE1 . GLU A 1 97  ? 25.827  -2.893  9.475   1.00 66.68 ? 97  GLU A OE1 1 
ATOM   715  O OE2 . GLU A 1 97  ? 26.325  -2.931  7.326   1.00 69.71 ? 97  GLU A OE2 1 
ATOM   716  N N   . LEU A 1 98  ? 19.812  -4.786  8.204   1.00 50.73 ? 98  LEU A N   1 
ATOM   717  C CA  . LEU A 1 98  ? 18.470  -4.195  8.203   1.00 46.07 ? 98  LEU A CA  1 
ATOM   718  C C   . LEU A 1 98  ? 18.442  -3.174  9.324   1.00 46.92 ? 98  LEU A C   1 
ATOM   719  O O   . LEU A 1 98  ? 18.269  -3.538  10.489  1.00 44.26 ? 98  LEU A O   1 
ATOM   720  C CB  . LEU A 1 98  ? 17.378  -5.238  8.414   1.00 45.63 ? 98  LEU A CB  1 
ATOM   721  C CG  . LEU A 1 98  ? 17.076  -6.251  7.305   1.00 47.86 ? 98  LEU A CG  1 
ATOM   722  C CD1 . LEU A 1 98  ? 15.697  -6.790  7.484   1.00 47.02 ? 98  LEU A CD1 1 
ATOM   723  C CD2 . LEU A 1 98  ? 17.187  -5.615  5.953   1.00 45.00 ? 98  LEU A CD2 1 
ATOM   724  N N   . LYS A 1 99  ? 18.612  -1.897  8.973   1.00 49.72 ? 99  LYS A N   1 
ATOM   725  C CA  . LYS A 1 99  ? 18.799  -0.824  9.946   1.00 48.46 ? 99  LYS A CA  1 
ATOM   726  C C   . LYS A 1 99  ? 17.576  0.063   10.110  1.00 49.77 ? 99  LYS A C   1 
ATOM   727  O O   . LYS A 1 99  ? 17.119  0.269   11.231  1.00 50.97 ? 99  LYS A O   1 
ATOM   728  C CB  . LYS A 1 99  ? 19.988  0.064   9.551   1.00 48.44 ? 99  LYS A CB  1 
ATOM   729  C CG  . LYS A 1 99  ? 21.374  -0.531  9.719   1.00 54.18 ? 99  LYS A CG  1 
ATOM   730  C CD  . LYS A 1 99  ? 22.280  0.494   10.382  1.00 56.47 ? 99  LYS A CD  1 
ATOM   731  C CE  . LYS A 1 99  ? 23.732  0.267   10.060  1.00 62.76 ? 99  LYS A CE  1 
ATOM   732  N NZ  . LYS A 1 99  ? 23.988  0.583   8.638   1.00 64.40 ? 99  LYS A NZ  1 
ATOM   733  N N   . TYR A 1 100 ? 17.056  0.617   9.021   1.00 45.48 ? 100 TYR A N   1 
ATOM   734  C CA  . TYR A 1 100 ? 16.086  1.706   9.082   1.00 53.00 ? 100 TYR A CA  1 
ATOM   735  C C   . TYR A 1 100 ? 14.850  1.389   8.243   1.00 48.86 ? 100 TYR A C   1 
ATOM   736  O O   . TYR A 1 100 ? 14.931  1.376   6.997   1.00 44.50 ? 100 TYR A O   1 
ATOM   737  C CB  . TYR A 1 100 ? 16.733  3.008   8.619   1.00 50.75 ? 100 TYR A CB  1 
ATOM   738  C CG  . TYR A 1 100 ? 18.041  3.310   9.302   1.00 49.50 ? 100 TYR A CG  1 
ATOM   739  C CD1 . TYR A 1 100 ? 18.135  3.388   10.695  1.00 51.32 ? 100 TYR A CD1 1 
ATOM   740  C CD2 . TYR A 1 100 ? 19.184  3.527   8.558   1.00 49.14 ? 100 TYR A CD2 1 
ATOM   741  C CE1 . TYR A 1 100 ? 19.347  3.666   11.317  1.00 49.11 ? 100 TYR A CE1 1 
ATOM   742  C CE2 . TYR A 1 100 ? 20.393  3.814   9.167   1.00 54.55 ? 100 TYR A CE2 1 
ATOM   743  C CZ  . TYR A 1 100 ? 20.469  3.886   10.538  1.00 49.77 ? 100 TYR A CZ  1 
ATOM   744  O OH  . TYR A 1 100 ? 21.685  4.168   11.102  1.00 55.36 ? 100 TYR A OH  1 
ATOM   745  N N   . PRO A 1 101 ? 13.712  1.117   8.873   1.00 47.63 ? 101 PRO A N   1 
ATOM   746  C CA  . PRO A 1 101 ? 12.486  0.875   8.110   1.00 45.80 ? 101 PRO A CA  1 
ATOM   747  C C   . PRO A 1 101 ? 12.111  2.112   7.316   1.00 44.80 ? 101 PRO A C   1 
ATOM   748  O O   . PRO A 1 101 ? 12.180  3.225   7.826   1.00 55.37 ? 101 PRO A O   1 
ATOM   749  C CB  . PRO A 1 101 ? 11.450  0.570   9.196   1.00 48.80 ? 101 PRO A CB  1 
ATOM   750  C CG  . PRO A 1 101 ? 12.252  0.147   10.406  1.00 49.83 ? 101 PRO A CG  1 
ATOM   751  C CD  . PRO A 1 101 ? 13.538  0.901   10.326  1.00 47.81 ? 101 PRO A CD  1 
ATOM   752  N N   . LEU A 1 102 ? 11.734  1.924   6.054   1.00 43.00 ? 102 LEU A N   1 
ATOM   753  C CA  . LEU A 1 102 ? 11.242  3.031   5.242   1.00 44.48 ? 102 LEU A CA  1 
ATOM   754  C C   . LEU A 1 102 ? 9.720   3.012   5.274   1.00 45.72 ? 102 LEU A C   1 
ATOM   755  O O   . LEU A 1 102 ? 9.097   2.013   4.901   1.00 41.23 ? 102 LEU A O   1 
ATOM   756  C CB  . LEU A 1 102 ? 11.754  2.976   3.808   1.00 39.93 ? 102 LEU A CB  1 
ATOM   757  C CG  . LEU A 1 102 ? 11.449  4.289   3.076   1.00 48.81 ? 102 LEU A CG  1 
ATOM   758  C CD1 . LEU A 1 102 ? 12.048  5.481   3.818   1.00 51.11 ? 102 LEU A CD1 1 
ATOM   759  C CD2 . LEU A 1 102 ? 11.869  4.287   1.606   1.00 39.26 ? 102 LEU A CD2 1 
ATOM   760  N N   . ASN A 1 103 ? 9.137   4.110   5.745   1.00 48.74 ? 103 ASN A N   1 
ATOM   761  C CA  . ASN A 1 103 ? 7.701   4.180   5.946   1.00 50.41 ? 103 ASN A CA  1 
ATOM   762  C C   . ASN A 1 103 ? 6.977   4.225   4.605   1.00 46.08 ? 103 ASN A C   1 
ATOM   763  O O   . ASN A 1 103 ? 7.453   4.822   3.638   1.00 41.12 ? 103 ASN A O   1 
ATOM   764  C CB  . ASN A 1 103 ? 7.340   5.409   6.783   1.00 48.90 ? 103 ASN A CB  1 
ATOM   765  C CG  . ASN A 1 103 ? 7.796   5.283   8.221   1.00 63.47 ? 103 ASN A CG  1 
ATOM   766  O OD1 . ASN A 1 103 ? 8.017   4.169   8.706   1.00 65.13 ? 103 ASN A OD1 1 
ATOM   767  N ND2 . ASN A 1 103 ? 7.930   6.420   8.920   1.00 62.65 ? 103 ASN A ND2 1 
ATOM   768  N N   . CYS A 1 104 ? 5.825   3.573   4.556   1.00 45.50 ? 104 CYS A N   1 
ATOM   769  C CA  . CYS A 1 104 ? 4.923   3.682   3.422   1.00 48.62 ? 104 CYS A CA  1 
ATOM   770  C C   . CYS A 1 104 ? 4.187   5.024   3.491   1.00 44.20 ? 104 CYS A C   1 
ATOM   771  O O   . CYS A 1 104 ? 3.320   5.214   4.340   1.00 47.29 ? 104 CYS A O   1 
ATOM   772  C CB  . CYS A 1 104 ? 3.955   2.501   3.435   1.00 49.49 ? 104 CYS A CB  1 
ATOM   773  S SG  . CYS A 1 104 ? 3.054   2.369   1.899   1.00 46.73 ? 104 CYS A SG  1 
ATOM   774  N N   . ALA A 1 105 ? 4.534   5.956   2.602   1.00 47.70 ? 105 ALA A N   1 
ATOM   775  C CA  . ALA A 1 105 ? 3.894   7.265   2.557   1.00 48.84 ? 105 ALA A CA  1 
ATOM   776  C C   . ALA A 1 105 ? 2.434   7.171   2.108   1.00 48.32 ? 105 ALA A C   1 
ATOM   777  O O   . ALA A 1 105 ? 2.025   6.244   1.411   1.00 47.31 ? 105 ALA A O   1 
ATOM   778  C CB  . ALA A 1 105 ? 4.651   8.215   1.610   1.00 36.18 ? 105 ALA A CB  1 
ATOM   779  N N   . ASP A 1 106 ? 1.651   8.159   2.516   1.00 48.23 ? 106 ASP A N   1 
ATOM   780  C CA  . ASP A 1 106 ? 0.278   8.260   2.074   1.00 51.25 ? 106 ASP A CA  1 
ATOM   781  C C   . ASP A 1 106 ? 0.232   8.526   0.578   1.00 51.41 ? 106 ASP A C   1 
ATOM   782  O O   . ASP A 1 106 ? 1.107   9.206   0.038   1.00 50.68 ? 106 ASP A O   1 
ATOM   783  C CB  . ASP A 1 106 ? -0.441  9.393   2.788   1.00 47.25 ? 106 ASP A CB  1 
ATOM   784  C CG  . ASP A 1 106 ? -0.833  9.038   4.170   1.00 45.64 ? 106 ASP A CG  1 
ATOM   785  O OD1 . ASP A 1 106 ? -0.778  7.835   4.516   1.00 51.29 ? 106 ASP A OD1 1 
ATOM   786  O OD2 . ASP A 1 106 ? -1.212  9.974   4.901   1.00 53.95 ? 106 ASP A OD2 1 
ATOM   787  N N   . PRO A 1 107 ? -0.811  8.041   -0.098  1.00 52.04 ? 107 PRO A N   1 
ATOM   788  C CA  . PRO A 1 107 ? -0.929  8.269   -1.549  1.00 48.19 ? 107 PRO A CA  1 
ATOM   789  C C   . PRO A 1 107 ? -1.133  9.730   -1.944  1.00 51.95 ? 107 PRO A C   1 
ATOM   790  O O   . PRO A 1 107 ? -0.800  10.099  -3.071  1.00 55.01 ? 107 PRO A O   1 
ATOM   791  C CB  . PRO A 1 107 ? -2.136  7.410   -1.933  1.00 46.91 ? 107 PRO A CB  1 
ATOM   792  C CG  . PRO A 1 107 ? -2.916  7.275   -0.668  1.00 47.36 ? 107 PRO A CG  1 
ATOM   793  C CD  . PRO A 1 107 ? -1.904  7.209   0.430   1.00 47.83 ? 107 PRO A CD  1 
ATOM   794  N N   . THR A 1 108 ? -1.668  10.577  -1.080  1.00 53.08 ? 108 THR A N   1 
ATOM   795  C CA  . THR A 1 108 ? -1.777  11.990  -1.413  1.00 51.74 ? 108 THR A CA  1 
ATOM   796  C C   . THR A 1 108 ? -1.709  12.789  -0.130  1.00 51.91 ? 108 THR A C   1 
ATOM   797  O O   . THR A 1 108 ? -1.816  12.242  0.966   1.00 48.94 ? 108 THR A O   1 
ATOM   798  C CB  . THR A 1 108 ? -3.077  12.333  -2.150  1.00 52.71 ? 108 THR A CB  1 
ATOM   799  O OG1 . THR A 1 108 ? -3.240  13.755  -2.146  1.00 57.96 ? 108 THR A OG1 1 
ATOM   800  C CG2 . THR A 1 108 ? -4.249  11.750  -1.442  1.00 46.98 ? 108 THR A CG2 1 
ATOM   801  N N   . SER A 1 109 ? -1.554  14.100  -0.275  1.00 54.51 ? 109 SER A N   1 
ATOM   802  C CA  . SER A 1 109 ? -1.611  14.993  0.872   1.00 54.10 ? 109 SER A CA  1 
ATOM   803  C C   . SER A 1 109 ? -2.820  15.913  0.837   1.00 54.16 ? 109 SER A C   1 
ATOM   804  O O   . SER A 1 109 ? -2.973  16.736  1.744   1.00 57.29 ? 109 SER A O   1 
ATOM   805  C CB  . SER A 1 109 ? -0.322  15.817  0.972   1.00 58.84 ? 109 SER A CB  1 
ATOM   806  O OG  . SER A 1 109 ? 0.017   16.369  -0.292  1.00 66.61 ? 109 SER A OG  1 
ATOM   807  N N   . GLU A 1 110 ? -3.679  15.799  -0.178  1.00 55.62 ? 110 GLU A N   1 
ATOM   808  C CA  . GLU A 1 110 ? -4.964  16.489  -0.155  1.00 59.19 ? 110 GLU A CA  1 
ATOM   809  C C   . GLU A 1 110 ? -5.737  16.136  1.114   1.00 59.02 ? 110 GLU A C   1 
ATOM   810  O O   . GLU A 1 110 ? -5.555  15.074  1.713   1.00 59.76 ? 110 GLU A O   1 
ATOM   811  C CB  . GLU A 1 110 ? -5.799  16.128  -1.380  1.00 54.43 ? 110 GLU A CB  1 
ATOM   812  C CG  . GLU A 1 110 ? -5.198  16.559  -2.694  1.00 60.37 ? 110 GLU A CG  1 
ATOM   813  C CD  . GLU A 1 110 ? -4.962  18.052  -2.758  1.00 63.87 ? 110 GLU A CD  1 
ATOM   814  O OE1 . GLU A 1 110 ? -5.944  18.816  -2.631  1.00 62.99 ? 110 GLU A OE1 1 
ATOM   815  O OE2 . GLU A 1 110 ? -3.790  18.459  -2.934  1.00 68.34 ? 110 GLU A OE2 1 
ATOM   816  N N   . ARG A 1 111 ? -6.618  17.046  1.520   1.00 53.00 ? 111 ARG A N   1 
ATOM   817  C CA  . ARG A 1 111 ? -7.290  16.918  2.803   1.00 56.21 ? 111 ARG A CA  1 
ATOM   818  C C   . ARG A 1 111 ? -8.502  15.994  2.774   1.00 53.48 ? 111 ARG A C   1 
ATOM   819  O O   . ARG A 1 111 ? -9.026  15.656  3.845   1.00 51.47 ? 111 ARG A O   1 
ATOM   820  C CB  . ARG A 1 111 ? -7.701  18.313  3.311   1.00 63.37 ? 111 ARG A CB  1 
ATOM   821  C CG  . ARG A 1 111 ? -6.508  19.192  3.764   1.00 65.61 ? 111 ARG A CG  1 
ATOM   822  C CD  . ARG A 1 111 ? -6.970  20.565  4.263   1.00 64.44 ? 111 ARG A CD  1 
ATOM   823  N NE  . ARG A 1 111 ? -7.734  20.462  5.493   1.00 71.94 ? 111 ARG A NE  1 
ATOM   824  C CZ  . ARG A 1 111 ? -8.625  21.374  5.870   1.00 67.48 ? 111 ARG A CZ  1 
ATOM   825  N NH1 . ARG A 1 111 ? -8.849  22.412  5.076   1.00 70.78 ? 111 ARG A NH1 1 
ATOM   826  N NH2 . ARG A 1 111 ? -9.298  21.261  7.022   1.00 58.51 ? 111 ARG A NH2 1 
ATOM   827  N N   . TRP A 1 112 ? -8.999  15.614  1.595   1.00 51.99 ? 112 TRP A N   1 
ATOM   828  C CA  . TRP A 1 112 ? -10.083 14.649  1.584   1.00 49.31 ? 112 TRP A CA  1 
ATOM   829  C C   . TRP A 1 112 ? -9.588  13.237  1.857   1.00 50.80 ? 112 TRP A C   1 
ATOM   830  O O   . TRP A 1 112 ? -10.407 12.318  1.966   1.00 49.08 ? 112 TRP A O   1 
ATOM   831  C CB  . TRP A 1 112 ? -10.866 14.686  0.260   1.00 52.06 ? 112 TRP A CB  1 
ATOM   832  C CG  . TRP A 1 112 ? -10.065 14.849  -1.034  1.00 54.05 ? 112 TRP A CG  1 
ATOM   833  C CD1 . TRP A 1 112 ? -10.020 15.964  -1.827  1.00 52.45 ? 112 TRP A CD1 1 
ATOM   834  C CD2 . TRP A 1 112 ? -9.248  13.868  -1.692  1.00 50.72 ? 112 TRP A CD2 1 
ATOM   835  N NE1 . TRP A 1 112 ? -9.224  15.751  -2.913  1.00 45.35 ? 112 TRP A NE1 1 
ATOM   836  C CE2 . TRP A 1 112 ? -8.726  14.477  -2.858  1.00 49.35 ? 112 TRP A CE2 1 
ATOM   837  C CE3 . TRP A 1 112 ? -8.906  12.540  -1.413  1.00 50.37 ? 112 TRP A CE3 1 
ATOM   838  C CZ2 . TRP A 1 112 ? -7.870  13.810  -3.737  1.00 48.85 ? 112 TRP A CZ2 1 
ATOM   839  C CZ3 . TRP A 1 112 ? -8.044  11.874  -2.289  1.00 50.21 ? 112 TRP A CZ3 1 
ATOM   840  C CH2 . TRP A 1 112 ? -7.534  12.517  -3.435  1.00 52.11 ? 112 TRP A CH2 1 
ATOM   841  N N   . PHE A 1 113 ? -8.276  13.035  1.971   1.00 47.04 ? 113 PHE A N   1 
ATOM   842  C CA  . PHE A 1 113 ? -7.757  11.709  2.272   1.00 50.87 ? 113 PHE A CA  1 
ATOM   843  C C   . PHE A 1 113 ? -7.679  11.528  3.779   1.00 45.79 ? 113 PHE A C   1 
ATOM   844  O O   . PHE A 1 113 ? -6.984  12.279  4.462   1.00 42.58 ? 113 PHE A O   1 
ATOM   845  C CB  . PHE A 1 113 ? -6.392  11.455  1.650   1.00 49.81 ? 113 PHE A CB  1 
ATOM   846  C CG  . PHE A 1 113 ? -5.909  10.051  1.861   1.00 45.51 ? 113 PHE A CG  1 
ATOM   847  C CD1 . PHE A 1 113 ? -6.478  8.999   1.159   1.00 46.20 ? 113 PHE A CD1 1 
ATOM   848  C CD2 . PHE A 1 113 ? -4.893  9.777   2.771   1.00 49.00 ? 113 PHE A CD2 1 
ATOM   849  C CE1 . PHE A 1 113 ? -6.037  7.690   1.358   1.00 44.90 ? 113 PHE A CE1 1 
ATOM   850  C CE2 . PHE A 1 113 ? -4.457  8.486   2.974   1.00 46.08 ? 113 PHE A CE2 1 
ATOM   851  C CZ  . PHE A 1 113 ? -5.026  7.443   2.260   1.00 43.88 ? 113 PHE A CZ  1 
ATOM   852  N N   . HIS A 1 114 ? -8.379  10.519  4.281   1.00 42.64 ? 114 HIS A N   1 
ATOM   853  C CA  . HIS A 1 114 ? -8.526  10.317  5.709   1.00 46.91 ? 114 HIS A CA  1 
ATOM   854  C C   . HIS A 1 114 ? -7.646  9.201   6.248   1.00 46.27 ? 114 HIS A C   1 
ATOM   855  O O   . HIS A 1 114 ? -7.607  9.020   7.464   1.00 43.19 ? 114 HIS A O   1 
ATOM   856  C CB  . HIS A 1 114 ? -10.004 10.060  6.051   1.00 46.33 ? 114 HIS A CB  1 
ATOM   857  C CG  . HIS A 1 114 ? -10.853 11.297  5.955   1.00 46.34 ? 114 HIS A CG  1 
ATOM   858  N ND1 . HIS A 1 114 ? -11.503 11.846  7.040   1.00 46.89 ? 114 HIS A ND1 1 
ATOM   859  C CD2 . HIS A 1 114 ? -11.092 12.133  4.915   1.00 48.84 ? 114 HIS A CD2 1 
ATOM   860  C CE1 . HIS A 1 114 ? -12.137 12.945  6.667   1.00 45.69 ? 114 HIS A CE1 1 
ATOM   861  N NE2 . HIS A 1 114 ? -11.903 13.141  5.384   1.00 52.81 ? 114 HIS A NE2 1 
ATOM   862  N N   . GLY A 1 115 ? -6.927  8.477   5.383   1.00 43.70 ? 115 GLY A N   1 
ATOM   863  C CA  . GLY A 1 115 ? -6.021  7.444   5.864   1.00 43.31 ? 115 GLY A CA  1 
ATOM   864  C C   . GLY A 1 115 ? -6.787  6.298   6.492   1.00 47.92 ? 115 GLY A C   1 
ATOM   865  O O   . GLY A 1 115 ? -7.801  5.821   5.957   1.00 50.59 ? 115 GLY A O   1 
ATOM   866  N N   . HIS A 1 116 ? -6.294  5.837   7.637   1.00 45.78 ? 116 HIS A N   1 
ATOM   867  C CA  . HIS A 1 116 ? -6.993  4.802   8.374   1.00 47.78 ? 116 HIS A CA  1 
ATOM   868  C C   . HIS A 1 116 ? -8.294  5.391   8.890   1.00 53.04 ? 116 HIS A C   1 
ATOM   869  O O   . HIS A 1 116 ? -8.285  6.388   9.618   1.00 54.14 ? 116 HIS A O   1 
ATOM   870  C CB  . HIS A 1 116 ? -6.148  4.256   9.523   1.00 50.48 ? 116 HIS A CB  1 
ATOM   871  C CG  . HIS A 1 116 ? -6.787  3.095   10.235  1.00 51.76 ? 116 HIS A CG  1 
ATOM   872  N ND1 . HIS A 1 116 ? -6.718  1.797   9.764   1.00 56.37 ? 116 HIS A ND1 1 
ATOM   873  C CD2 . HIS A 1 116 ? -7.540  3.042   11.358  1.00 48.68 ? 116 HIS A CD2 1 
ATOM   874  C CE1 . HIS A 1 116 ? -7.385  0.996   10.573  1.00 43.64 ? 116 HIS A CE1 1 
ATOM   875  N NE2 . HIS A 1 116 ? -7.902  1.728   11.543  1.00 51.56 ? 116 HIS A NE2 1 
ATOM   876  N N   . LEU A 1 117 ? -9.408  4.780   8.480   1.00 53.17 ? 117 LEU A N   1 
ATOM   877  C CA  . LEU A 1 117 ? -10.763 5.235   8.767   1.00 48.59 ? 117 LEU A CA  1 
ATOM   878  C C   . LEU A 1 117 ? -11.695 4.127   8.291   1.00 53.41 ? 117 LEU A C   1 
ATOM   879  O O   . LEU A 1 117 ? -11.457 3.531   7.231   1.00 49.95 ? 117 LEU A O   1 
ATOM   880  C CB  . LEU A 1 117 ? -11.061 6.580   8.084   1.00 43.92 ? 117 LEU A CB  1 
ATOM   881  C CG  . LEU A 1 117 ? -12.384 7.269   8.417   1.00 55.68 ? 117 LEU A CG  1 
ATOM   882  C CD1 . LEU A 1 117 ? -12.257 8.068   9.735   1.00 52.96 ? 117 LEU A CD1 1 
ATOM   883  C CD2 . LEU A 1 117 ? -12.891 8.200   7.314   1.00 44.02 ? 117 LEU A CD2 1 
ATOM   884  N N   . SER A 1 118 ? -12.724 3.797   9.067   1.00 54.02 ? 118 SER A N   1 
ATOM   885  C CA  . SER A 1 118 ? -13.550 2.653   8.702   1.00 53.30 ? 118 SER A CA  1 
ATOM   886  C C   . SER A 1 118 ? -14.681 3.080   7.781   1.00 49.79 ? 118 SER A C   1 
ATOM   887  O O   . SER A 1 118 ? -14.968 4.268   7.610   1.00 47.68 ? 118 SER A O   1 
ATOM   888  C CB  . SER A 1 118 ? -14.136 1.973   9.933   1.00 51.71 ? 118 SER A CB  1 
ATOM   889  O OG  . SER A 1 118 ? -15.092 2.822   10.535  1.00 59.54 ? 118 SER A OG  1 
ATOM   890  N N   . GLY A 1 119 ? -15.328 2.078   7.179   1.00 48.75 ? 119 GLY A N   1 
ATOM   891  C CA  . GLY A 1 119 ? -16.581 2.335   6.485   1.00 50.11 ? 119 GLY A CA  1 
ATOM   892  C C   . GLY A 1 119 ? -17.583 3.058   7.363   1.00 51.57 ? 119 GLY A C   1 
ATOM   893  O O   . GLY A 1 119 ? -18.145 4.086   6.972   1.00 52.92 ? 119 GLY A O   1 
ATOM   894  N N   . LYS A 1 120 ? -17.771 2.561   8.592   1.00 49.99 ? 120 LYS A N   1 
ATOM   895  C CA  . LYS A 1 120 ? -18.750 3.145   9.505   1.00 54.47 ? 120 LYS A CA  1 
ATOM   896  C C   . LYS A 1 120 ? -18.338 4.545   9.961   1.00 56.35 ? 120 LYS A C   1 
ATOM   897  O O   . LYS A 1 120 ? -19.178 5.452   10.030  1.00 56.68 ? 120 LYS A O   1 
ATOM   898  C CB  . LYS A 1 120 ? -18.961 2.212   10.699  1.00 54.64 ? 120 LYS A CB  1 
ATOM   899  N N   . GLU A 1 121 ? -17.054 4.749   10.284  1.00 57.38 ? 121 GLU A N   1 
ATOM   900  C CA  . GLU A 1 121 ? -16.605 6.099   10.637  1.00 57.26 ? 121 GLU A CA  1 
ATOM   901  C C   . GLU A 1 121 ? -16.793 7.058   9.480   1.00 53.14 ? 121 GLU A C   1 
ATOM   902  O O   . GLU A 1 121 ? -17.066 8.242   9.693   1.00 56.63 ? 121 GLU A O   1 
ATOM   903  C CB  . GLU A 1 121 ? -15.132 6.105   11.073  1.00 56.39 ? 121 GLU A CB  1 
ATOM   904  C CG  . GLU A 1 121 ? -14.837 5.317   12.340  1.00 56.75 ? 121 GLU A CG  1 
ATOM   905  C CD  . GLU A 1 121 ? -13.402 4.801   12.393  1.00 63.61 ? 121 GLU A CD  1 
ATOM   906  O OE1 . GLU A 1 121 ? -12.462 5.598   12.204  1.00 66.60 ? 121 GLU A OE1 1 
ATOM   907  O OE2 . GLU A 1 121 ? -13.204 3.585   12.612  1.00 72.07 ? 121 GLU A OE2 1 
ATOM   908  N N   . ALA A 1 122 ? -16.626 6.578   8.250   1.00 57.92 ? 122 ALA A N   1 
ATOM   909  C CA  . ALA A 1 122 ? -16.846 7.443   7.096   1.00 55.74 ? 122 ALA A CA  1 
ATOM   910  C C   . ALA A 1 122 ? -18.319 7.782   6.963   1.00 53.99 ? 122 ALA A C   1 
ATOM   911  O O   . ALA A 1 122 ? -18.676 8.946   6.755   1.00 59.73 ? 122 ALA A O   1 
ATOM   912  C CB  . ALA A 1 122 ? -16.319 6.778   5.823   1.00 47.39 ? 122 ALA A CB  1 
ATOM   913  N N   . GLU A 1 123 ? -19.189 6.772   7.098   1.00 54.87 ? 123 GLU A N   1 
ATOM   914  C CA  . GLU A 1 123 ? -20.628 7.012   7.041   1.00 59.83 ? 123 GLU A CA  1 
ATOM   915  C C   . GLU A 1 123 ? -21.073 8.030   8.096   1.00 59.46 ? 123 GLU A C   1 
ATOM   916  O O   . GLU A 1 123 ? -21.914 8.888   7.812   1.00 59.67 ? 123 GLU A O   1 
ATOM   917  C CB  . GLU A 1 123 ? -21.390 5.695   7.197   1.00 54.30 ? 123 GLU A CB  1 
ATOM   918  N N   . LYS A 1 124 ? -20.505 7.978   9.304   1.00 59.05 ? 124 LYS A N   1 
ATOM   919  C CA  . LYS A 1 124 ? -20.867 8.950   10.336  1.00 60.91 ? 124 LYS A CA  1 
ATOM   920  C C   . LYS A 1 124 ? -20.429 10.359  9.945   1.00 64.32 ? 124 LYS A C   1 
ATOM   921  O O   . LYS A 1 124 ? -21.261 11.264  9.797   1.00 67.14 ? 124 LYS A O   1 
ATOM   922  C CB  . LYS A 1 124 ? -20.259 8.544   11.682  1.00 62.53 ? 124 LYS A CB  1 
ATOM   923  N N   . LEU A 1 125 ? -19.120 10.558  9.770   1.00 59.50 ? 125 LEU A N   1 
ATOM   924  C CA  . LEU A 1 125 ? -18.602 11.864  9.366   1.00 58.43 ? 125 LEU A CA  1 
ATOM   925  C C   . LEU A 1 125 ? -19.382 12.453  8.204   1.00 58.45 ? 125 LEU A C   1 
ATOM   926  O O   . LEU A 1 125 ? -19.704 13.643  8.203   1.00 60.58 ? 125 LEU A O   1 
ATOM   927  C CB  . LEU A 1 125 ? -17.127 11.748  8.982   1.00 56.53 ? 125 LEU A CB  1 
ATOM   928  C CG  . LEU A 1 125 ? -16.177 11.595  10.162  1.00 57.24 ? 125 LEU A CG  1 
ATOM   929  C CD1 . LEU A 1 125 ? -14.760 11.297  9.684   1.00 50.78 ? 125 LEU A CD1 1 
ATOM   930  C CD2 . LEU A 1 125 ? -16.243 12.868  10.955  1.00 46.14 ? 125 LEU A CD2 1 
ATOM   931  N N   . LEU A 1 126 ? -19.687 11.639  7.195   1.00 60.74 ? 126 LEU A N   1 
ATOM   932  C CA  . LEU A 1 126 ? -20.326 12.172  5.999   1.00 61.75 ? 126 LEU A CA  1 
ATOM   933  C C   . LEU A 1 126 ? -21.782 12.546  6.262   1.00 65.69 ? 126 LEU A C   1 
ATOM   934  O O   . LEU A 1 126 ? -22.261 13.570  5.766   1.00 64.28 ? 126 LEU A O   1 
ATOM   935  C CB  . LEU A 1 126 ? -20.213 11.165  4.853   1.00 54.91 ? 126 LEU A CB  1 
ATOM   936  C CG  . LEU A 1 126 ? -18.904 11.259  4.053   1.00 60.91 ? 126 LEU A CG  1 
ATOM   937  C CD1 . LEU A 1 126 ? -18.595 9.978   3.292   1.00 56.55 ? 126 LEU A CD1 1 
ATOM   938  C CD2 . LEU A 1 126 ? -18.935 12.430  3.093   1.00 53.64 ? 126 LEU A CD2 1 
ATOM   939  N N   . THR A 1 127 ? -22.511 11.730  7.024   1.00 68.08 ? 127 THR A N   1 
ATOM   940  C CA  . THR A 1 127 ? -23.924 12.040  7.205   1.00 72.60 ? 127 THR A CA  1 
ATOM   941  C C   . THR A 1 127 ? -24.118 13.143  8.231   1.00 71.72 ? 127 THR A C   1 
ATOM   942  O O   . THR A 1 127 ? -24.926 14.054  8.016   1.00 75.88 ? 127 THR A O   1 
ATOM   943  C CB  . THR A 1 127 ? -24.711 10.790  7.593   1.00 67.91 ? 127 THR A CB  1 
ATOM   944  O OG1 . THR A 1 127 ? -23.942 10.024  8.499   1.00 68.08 ? 127 THR A OG1 1 
ATOM   945  C CG2 . THR A 1 127 ? -25.015 9.938   6.381   1.00 71.87 ? 127 THR A CG2 1 
ATOM   946  N N   . GLU A 1 128 ? -23.359 13.118  9.321   1.00 66.95 ? 128 GLU A N   1 
ATOM   947  C CA  . GLU A 1 128 ? -23.510 14.127  10.355  1.00 71.42 ? 128 GLU A CA  1 
ATOM   948  C C   . GLU A 1 128 ? -22.511 15.271  10.225  1.00 68.17 ? 128 GLU A C   1 
ATOM   949  O O   . GLU A 1 128 ? -22.277 15.984  11.203  1.00 70.03 ? 128 GLU A O   1 
ATOM   950  C CB  . GLU A 1 128 ? -23.413 13.487  11.742  1.00 75.67 ? 128 GLU A CB  1 
ATOM   951  C CG  . GLU A 1 128 ? -22.010 13.132  12.193  1.00 69.97 ? 128 GLU A CG  1 
ATOM   952  C CD  . GLU A 1 128 ? -21.969 12.685  13.635  1.00 67.06 ? 128 GLU A CD  1 
ATOM   953  O OE1 . GLU A 1 128 ? -21.079 13.153  14.377  1.00 72.51 ? 128 GLU A OE1 1 
ATOM   954  O OE2 . GLU A 1 128 ? -22.832 11.871  14.021  1.00 73.16 ? 128 GLU A OE2 1 
ATOM   955  N N   . LYS A 1 129 ? -21.929 15.475  9.040   1.00 68.86 ? 129 LYS A N   1 
ATOM   956  C CA  . LYS A 1 129 ? -21.037 16.619  8.858   1.00 66.11 ? 129 LYS A CA  1 
ATOM   957  C C   . LYS A 1 129 ? -20.825 16.965  7.389   1.00 63.03 ? 129 LYS A C   1 
ATOM   958  O O   . LYS A 1 129 ? -20.086 17.901  7.073   1.00 66.62 ? 129 LYS A O   1 
ATOM   959  C CB  . LYS A 1 129 ? -19.690 16.370  9.549   1.00 64.30 ? 129 LYS A CB  1 
ATOM   960  N N   . GLY A 1 130 ? -21.492 16.247  6.487   1.00 65.79 ? 130 GLY A N   1 
ATOM   961  C CA  . GLY A 1 130 ? -21.443 16.539  5.072   1.00 65.86 ? 130 GLY A CA  1 
ATOM   962  C C   . GLY A 1 130 ? -22.819 16.789  4.473   1.00 66.86 ? 130 GLY A C   1 
ATOM   963  O O   . GLY A 1 130 ? -23.854 16.636  5.121   1.00 71.38 ? 130 GLY A O   1 
ATOM   964  N N   . LYS A 1 131 ? -22.800 17.191  3.209   1.00 69.76 ? 131 LYS A N   1 
ATOM   965  C CA  . LYS A 1 131 ? -23.991 17.419  2.411   1.00 65.63 ? 131 LYS A CA  1 
ATOM   966  C C   . LYS A 1 131 ? -24.113 16.314  1.375   1.00 64.13 ? 131 LYS A C   1 
ATOM   967  O O   . LYS A 1 131 ? -23.217 15.487  1.211   1.00 63.63 ? 131 LYS A O   1 
ATOM   968  C CB  . LYS A 1 131 ? -23.927 18.790  1.727   1.00 61.38 ? 131 LYS A CB  1 
ATOM   969  N N   . HIS A 1 132 ? -25.242 16.297  0.676   1.00 69.96 ? 132 HIS A N   1 
ATOM   970  C CA  . HIS A 1 132 ? -25.341 15.447  -0.500  1.00 64.20 ? 132 HIS A CA  1 
ATOM   971  C C   . HIS A 1 132 ? -24.147 15.733  -1.394  1.00 63.48 ? 132 HIS A C   1 
ATOM   972  O O   . HIS A 1 132 ? -23.712 16.883  -1.512  1.00 61.21 ? 132 HIS A O   1 
ATOM   973  C CB  . HIS A 1 132 ? -26.657 15.694  -1.249  1.00 62.83 ? 132 HIS A CB  1 
ATOM   974  C CG  . HIS A 1 132 ? -26.765 14.951  -2.546  1.00 63.67 ? 132 HIS A CG  1 
ATOM   975  N ND1 . HIS A 1 132 ? -27.254 13.662  -2.633  1.00 62.81 ? 132 HIS A ND1 1 
ATOM   976  C CD2 . HIS A 1 132 ? -26.426 15.312  -3.809  1.00 59.80 ? 132 HIS A CD2 1 
ATOM   977  C CE1 . HIS A 1 132 ? -27.217 13.264  -3.893  1.00 66.00 ? 132 HIS A CE1 1 
ATOM   978  N NE2 . HIS A 1 132 ? -26.727 14.248  -4.629  1.00 64.99 ? 132 HIS A NE2 1 
ATOM   979  N N   . GLY A 1 133 ? -23.574 14.669  -1.967  1.00 63.69 ? 133 GLY A N   1 
ATOM   980  C CA  . GLY A 1 133 ? -22.389 14.780  -2.790  1.00 57.57 ? 133 GLY A CA  1 
ATOM   981  C C   . GLY A 1 133 ? -21.093 15.061  -2.050  1.00 59.75 ? 133 GLY A C   1 
ATOM   982  O O   . GLY A 1 133 ? -20.077 15.321  -2.708  1.00 59.83 ? 133 GLY A O   1 
ATOM   983  N N   . SER A 1 134 ? -21.086 15.025  -0.714  1.00 56.40 ? 134 SER A N   1 
ATOM   984  C CA  . SER A 1 134 ? -19.826 15.101  0.029   1.00 58.19 ? 134 SER A CA  1 
ATOM   985  C C   . SER A 1 134 ? -19.049 13.790  -0.091  1.00 53.29 ? 134 SER A C   1 
ATOM   986  O O   . SER A 1 134 ? -19.603 12.702  0.119   1.00 50.58 ? 134 SER A O   1 
ATOM   987  C CB  . SER A 1 134 ? -20.087 15.418  1.504   1.00 60.33 ? 134 SER A CB  1 
ATOM   988  O OG  . SER A 1 134 ? -20.310 16.802  1.713   1.00 58.42 ? 134 SER A OG  1 
ATOM   989  N N   . PHE A 1 135 ? -17.761 13.891  -0.429  1.00 48.74 ? 135 PHE A N   1 
ATOM   990  C CA  . PHE A 1 135 ? -16.921 12.719  -0.653  1.00 52.30 ? 135 PHE A CA  1 
ATOM   991  C C   . PHE A 1 135 ? -15.626 12.794  0.154   1.00 49.73 ? 135 PHE A C   1 
ATOM   992  O O   . PHE A 1 135 ? -15.110 13.884  0.424   1.00 51.01 ? 135 PHE A O   1 
ATOM   993  C CB  . PHE A 1 135 ? -16.565 12.555  -2.146  1.00 50.11 ? 135 PHE A CB  1 
ATOM   994  C CG  . PHE A 1 135 ? -15.573 13.571  -2.639  1.00 53.52 ? 135 PHE A CG  1 
ATOM   995  C CD1 . PHE A 1 135 ? -16.005 14.806  -3.103  1.00 52.75 ? 135 PHE A CD1 1 
ATOM   996  C CD2 . PHE A 1 135 ? -14.206 13.300  -2.625  1.00 52.62 ? 135 PHE A CD2 1 
ATOM   997  C CE1 . PHE A 1 135 ? -15.100 15.759  -3.535  1.00 55.73 ? 135 PHE A CE1 1 
ATOM   998  C CE2 . PHE A 1 135 ? -13.292 14.250  -3.066  1.00 54.41 ? 135 PHE A CE2 1 
ATOM   999  C CZ  . PHE A 1 135 ? -13.742 15.487  -3.516  1.00 51.44 ? 135 PHE A CZ  1 
ATOM   1000 N N   . LEU A 1 136 ? -15.087 11.618  0.491   1.00 50.12 ? 136 LEU A N   1 
ATOM   1001 C CA  . LEU A 1 136 ? -13.720 11.473  1.004   1.00 51.04 ? 136 LEU A CA  1 
ATOM   1002 C C   . LEU A 1 136 ? -13.092 10.188  0.465   1.00 45.91 ? 136 LEU A C   1 
ATOM   1003 O O   . LEU A 1 136 ? -13.782 9.292   -0.036  1.00 43.23 ? 136 LEU A O   1 
ATOM   1004 C CB  . LEU A 1 136 ? -13.660 11.478  2.552   1.00 44.50 ? 136 LEU A CB  1 
ATOM   1005 C CG  . LEU A 1 136 ? -14.436 10.429  3.366   1.00 47.58 ? 136 LEU A CG  1 
ATOM   1006 C CD1 . LEU A 1 136 ? -13.713 9.099   3.540   1.00 45.49 ? 136 LEU A CD1 1 
ATOM   1007 C CD2 . LEU A 1 136 ? -14.760 10.981  4.727   1.00 52.07 ? 136 LEU A CD2 1 
ATOM   1008 N N   . VAL A 1 137 ? -11.766 10.099  0.589   1.00 46.37 ? 137 VAL A N   1 
ATOM   1009 C CA  . VAL A 1 137 ? -11.028 8.870   0.303   1.00 46.21 ? 137 VAL A CA  1 
ATOM   1010 C C   . VAL A 1 137 ? -10.357 8.372   1.581   1.00 46.77 ? 137 VAL A C   1 
ATOM   1011 O O   . VAL A 1 137 ? -9.874  9.173   2.389   1.00 44.64 ? 137 VAL A O   1 
ATOM   1012 C CB  . VAL A 1 137 ? -9.991  9.076   -0.817  1.00 43.66 ? 137 VAL A CB  1 
ATOM   1013 C CG1 . VAL A 1 137 ? -9.220  7.780   -1.083  1.00 42.34 ? 137 VAL A CG1 1 
ATOM   1014 C CG2 . VAL A 1 137 ? -10.690 9.530   -2.071  1.00 41.78 ? 137 VAL A CG2 1 
ATOM   1015 N N   . ARG A 1 138 ? -10.335 7.048   1.761   1.00 45.88 ? 138 ARG A N   1 
ATOM   1016 C CA  . ARG A 1 138 ? -9.757  6.409   2.937   1.00 43.59 ? 138 ARG A CA  1 
ATOM   1017 C C   . ARG A 1 138 ? -9.087  5.109   2.518   1.00 44.40 ? 138 ARG A C   1 
ATOM   1018 O O   . ARG A 1 138 ? -9.179  4.686   1.363   1.00 45.29 ? 138 ARG A O   1 
ATOM   1019 C CB  . ARG A 1 138 ? -10.820 6.126   4.005   1.00 46.54 ? 138 ARG A CB  1 
ATOM   1020 C CG  . ARG A 1 138 ? -11.966 5.266   3.494   1.00 40.52 ? 138 ARG A CG  1 
ATOM   1021 C CD  . ARG A 1 138 ? -13.023 5.048   4.546   1.00 40.90 ? 138 ARG A CD  1 
ATOM   1022 N NE  . ARG A 1 138 ? -14.099 4.211   4.027   1.00 43.82 ? 138 ARG A NE  1 
ATOM   1023 C CZ  . ARG A 1 138 ? -14.086 2.883   4.051   1.00 46.21 ? 138 ARG A CZ  1 
ATOM   1024 N NH1 . ARG A 1 138 ? -13.047 2.256   4.574   1.00 42.84 ? 138 ARG A NH1 1 
ATOM   1025 N NH2 . ARG A 1 138 ? -15.104 2.182   3.546   1.00 44.12 ? 138 ARG A NH2 1 
ATOM   1026 N N   . GLU A 1 139 ? -8.418  4.472   3.477   1.00 43.96 ? 139 GLU A N   1 
ATOM   1027 C CA  . GLU A 1 139 ? -7.793  3.173   3.248   1.00 47.30 ? 139 GLU A CA  1 
ATOM   1028 C C   . GLU A 1 139 ? -8.840  2.074   3.350   1.00 42.02 ? 139 GLU A C   1 
ATOM   1029 O O   . GLU A 1 139 ? -9.813  2.205   4.083   1.00 45.82 ? 139 GLU A O   1 
ATOM   1030 C CB  . GLU A 1 139 ? -6.693  2.903   4.279   1.00 44.32 ? 139 GLU A CB  1 
ATOM   1031 C CG  . GLU A 1 139 ? -5.331  3.588   4.049   1.00 47.82 ? 139 GLU A CG  1 
ATOM   1032 C CD  . GLU A 1 139 ? -4.498  3.646   5.340   1.00 54.40 ? 139 GLU A CD  1 
ATOM   1033 O OE1 . GLU A 1 139 ? -4.531  2.664   6.132   1.00 47.62 ? 139 GLU A OE1 1 
ATOM   1034 O OE2 . GLU A 1 139 ? -3.823  4.680   5.565   1.00 54.07 ? 139 GLU A OE2 1 
ATOM   1035 N N   . SER A 1 140 ? -8.624  0.974   2.640   1.00 42.20 ? 140 SER A N   1 
ATOM   1036 C CA  . SER A 1 140 ? -9.547  -0.154  2.711   1.00 44.90 ? 140 SER A CA  1 
ATOM   1037 C C   . SER A 1 140 ? -9.132  -1.121  3.816   1.00 45.54 ? 140 SER A C   1 
ATOM   1038 O O   . SER A 1 140 ? -8.001  -1.600  3.829   1.00 46.10 ? 140 SER A O   1 
ATOM   1039 C CB  . SER A 1 140 ? -9.610  -0.900  1.375   1.00 45.34 ? 140 SER A CB  1 
ATOM   1040 O OG  . SER A 1 140 ? -10.586 -1.942  1.427   1.00 41.44 ? 140 SER A OG  1 
ATOM   1041 N N   . GLN A 1 141 ? -10.057 -1.432  4.720   1.00 42.42 ? 141 GLN A N   1 
ATOM   1042 C CA  . GLN A 1 141 ? -9.814  -2.467  5.712   1.00 45.77 ? 141 GLN A CA  1 
ATOM   1043 C C   . GLN A 1 141 ? -10.179 -3.866  5.222   1.00 46.31 ? 141 GLN A C   1 
ATOM   1044 O O   . GLN A 1 141 ? -9.651  -4.849  5.755   1.00 49.08 ? 141 GLN A O   1 
ATOM   1045 C CB  . GLN A 1 141 ? -10.571 -2.134  7.009   1.00 43.30 ? 141 GLN A CB  1 
ATOM   1046 C CG  . GLN A 1 141 ? -10.135 -0.774  7.557   1.00 50.29 ? 141 GLN A CG  1 
ATOM   1047 C CD  . GLN A 1 141 ? -10.764 -0.391  8.890   1.00 50.16 ? 141 GLN A CD  1 
ATOM   1048 O OE1 . GLN A 1 141 ? -11.533 -1.145  9.477   1.00 48.88 ? 141 GLN A OE1 1 
ATOM   1049 N NE2 . GLN A 1 141 ? -10.444 0.805   9.361   1.00 47.02 ? 141 GLN A NE2 1 
ATOM   1050 N N   . SER A 1 142 ? -11.033 -3.973  4.204   1.00 49.98 ? 142 SER A N   1 
ATOM   1051 C CA  . SER A 1 142 ? -11.417 -5.256  3.622   1.00 51.12 ? 142 SER A CA  1 
ATOM   1052 C C   . SER A 1 142 ? -10.375 -5.771  2.646   1.00 50.73 ? 142 SER A C   1 
ATOM   1053 O O   . SER A 1 142 ? -10.251 -6.985  2.465   1.00 57.56 ? 142 SER A O   1 
ATOM   1054 C CB  . SER A 1 142 ? -12.767 -5.136  2.887   1.00 54.92 ? 142 SER A CB  1 
ATOM   1055 O OG  . SER A 1 142 ? -12.669 -4.271  1.745   1.00 54.75 ? 142 SER A OG  1 
ATOM   1056 N N   . HIS A 1 143 ? -9.659  -4.865  1.986   1.00 50.87 ? 143 HIS A N   1 
ATOM   1057 C CA  . HIS A 1 143 ? -8.595  -5.210  1.042   1.00 47.15 ? 143 HIS A CA  1 
ATOM   1058 C C   . HIS A 1 143 ? -7.447  -4.263  1.322   1.00 47.39 ? 143 HIS A C   1 
ATOM   1059 O O   . HIS A 1 143 ? -7.284  -3.240  0.644   1.00 47.97 ? 143 HIS A O   1 
ATOM   1060 C CB  . HIS A 1 143 ? -9.068  -5.091  -0.407  1.00 52.99 ? 143 HIS A CB  1 
ATOM   1061 C CG  . HIS A 1 143 ? -10.130 -6.084  -0.782  1.00 60.61 ? 143 HIS A CG  1 
ATOM   1062 N ND1 . HIS A 1 143 ? -11.354 -6.149  -0.148  1.00 59.54 ? 143 HIS A ND1 1 
ATOM   1063 C CD2 . HIS A 1 143 ? -10.143 -7.057  -1.727  1.00 60.09 ? 143 HIS A CD2 1 
ATOM   1064 C CE1 . HIS A 1 143 ? -12.073 -7.121  -0.685  1.00 62.74 ? 143 HIS A CE1 1 
ATOM   1065 N NE2 . HIS A 1 143 ? -11.359 -7.690  -1.642  1.00 62.62 ? 143 HIS A NE2 1 
ATOM   1066 N N   . PRO A 1 144 ? -6.639  -4.553  2.343   1.00 50.14 ? 144 PRO A N   1 
ATOM   1067 C CA  . PRO A 1 144 ? -5.514  -3.659  2.676   1.00 49.36 ? 144 PRO A CA  1 
ATOM   1068 C C   . PRO A 1 144 ? -4.591  -3.450  1.483   1.00 46.12 ? 144 PRO A C   1 
ATOM   1069 O O   . PRO A 1 144 ? -4.337  -4.362  0.692   1.00 53.88 ? 144 PRO A O   1 
ATOM   1070 C CB  . PRO A 1 144 ? -4.814  -4.383  3.832   1.00 47.91 ? 144 PRO A CB  1 
ATOM   1071 C CG  . PRO A 1 144 ? -5.953  -5.165  4.500   1.00 48.84 ? 144 PRO A CG  1 
ATOM   1072 C CD  . PRO A 1 144 ? -6.854  -5.605  3.361   1.00 41.44 ? 144 PRO A CD  1 
ATOM   1073 N N   . GLY A 1 145 ? -4.101  -2.226  1.338   1.00 40.93 ? 145 GLY A N   1 
ATOM   1074 C CA  . GLY A 1 145 ? -3.405  -1.811  0.158   1.00 39.85 ? 145 GLY A CA  1 
ATOM   1075 C C   . GLY A 1 145 ? -4.278  -1.011  -0.789  1.00 41.51 ? 145 GLY A C   1 
ATOM   1076 O O   . GLY A 1 145 ? -3.772  -0.140  -1.498  1.00 39.19 ? 145 GLY A O   1 
ATOM   1077 N N   . ASP A 1 146 ? -5.578  -1.294  -0.815  1.00 43.48 ? 146 ASP A N   1 
ATOM   1078 C CA  . ASP A 1 146 ? -6.509  -0.548  -1.648  1.00 47.73 ? 146 ASP A CA  1 
ATOM   1079 C C   . ASP A 1 146 ? -7.087  0.627   -0.874  1.00 47.94 ? 146 ASP A C   1 
ATOM   1080 O O   . ASP A 1 146 ? -6.862  0.790   0.331   1.00 46.41 ? 146 ASP A O   1 
ATOM   1081 C CB  . ASP A 1 146 ? -7.642  -1.435  -2.138  1.00 42.43 ? 146 ASP A CB  1 
ATOM   1082 C CG  . ASP A 1 146 ? -7.189  -2.457  -3.132  1.00 50.72 ? 146 ASP A CG  1 
ATOM   1083 O OD1 . ASP A 1 146 ? -6.228  -2.171  -3.890  1.00 50.53 ? 146 ASP A OD1 1 
ATOM   1084 O OD2 . ASP A 1 146 ? -7.812  -3.546  -3.152  1.00 51.79 ? 146 ASP A OD2 1 
ATOM   1085 N N   . PHE A 1 147 ? -7.860  1.442   -1.584  1.00 44.33 ? 147 PHE A N   1 
ATOM   1086 C CA  . PHE A 1 147 ? -8.468  2.620   -1.004  1.00 39.62 ? 147 PHE A CA  1 
ATOM   1087 C C   . PHE A 1 147 ? -9.954  2.572   -1.288  1.00 40.86 ? 147 PHE A C   1 
ATOM   1088 O O   . PHE A 1 147 ? -10.457 1.620   -1.872  1.00 43.59 ? 147 PHE A O   1 
ATOM   1089 C CB  . PHE A 1 147 ? -7.770  3.881   -1.517  1.00 45.10 ? 147 PHE A CB  1 
ATOM   1090 C CG  . PHE A 1 147 ? -6.305  3.876   -1.222  1.00 47.58 ? 147 PHE A CG  1 
ATOM   1091 C CD1 . PHE A 1 147 ? -5.832  4.358   -0.008  1.00 42.45 ? 147 PHE A CD1 1 
ATOM   1092 C CD2 . PHE A 1 147 ? -5.405  3.301   -2.109  1.00 46.50 ? 147 PHE A CD2 1 
ATOM   1093 C CE1 . PHE A 1 147 ? -4.486  4.315   0.293   1.00 37.83 ? 147 PHE A CE1 1 
ATOM   1094 C CE2 . PHE A 1 147 ? -4.036  3.256   -1.811  1.00 48.25 ? 147 PHE A CE2 1 
ATOM   1095 C CZ  . PHE A 1 147 ? -3.584  3.766   -0.599  1.00 38.41 ? 147 PHE A CZ  1 
ATOM   1096 N N   . VAL A 1 148 ? -10.681 3.556   -0.786  1.00 41.11 ? 148 VAL A N   1 
ATOM   1097 C CA  . VAL A 1 148 ? -12.123 3.599   -0.939  1.00 44.01 ? 148 VAL A CA  1 
ATOM   1098 C C   . VAL A 1 148 ? -12.533 5.047   -1.106  1.00 44.13 ? 148 VAL A C   1 
ATOM   1099 O O   . VAL A 1 148 ? -12.043 5.930   -0.395  1.00 45.98 ? 148 VAL A O   1 
ATOM   1100 C CB  . VAL A 1 148 ? -12.877 2.987   0.262   1.00 47.10 ? 148 VAL A CB  1 
ATOM   1101 C CG1 . VAL A 1 148 ? -14.311 2.730   -0.115  1.00 46.43 ? 148 VAL A CG1 1 
ATOM   1102 C CG2 . VAL A 1 148 ? -12.202 1.742   0.811   1.00 40.21 ? 148 VAL A CG2 1 
ATOM   1103 N N   . LEU A 1 149 ? -13.436 5.287   -2.043  1.00 44.41 ? 149 LEU A N   1 
ATOM   1104 C CA  . LEU A 1 149 ? -14.041 6.593   -2.228  1.00 43.55 ? 149 LEU A CA  1 
ATOM   1105 C C   . LEU A 1 149 ? -15.382 6.533   -1.531  1.00 44.55 ? 149 LEU A C   1 
ATOM   1106 O O   . LEU A 1 149 ? -16.229 5.700   -1.880  1.00 45.86 ? 149 LEU A O   1 
ATOM   1107 C CB  . LEU A 1 149 ? -14.199 6.925   -3.712  1.00 45.69 ? 149 LEU A CB  1 
ATOM   1108 C CG  . LEU A 1 149 ? -14.817 8.244   -4.178  1.00 44.69 ? 149 LEU A CG  1 
ATOM   1109 C CD1 . LEU A 1 149 ? -14.013 9.472   -3.749  1.00 40.01 ? 149 LEU A CD1 1 
ATOM   1110 C CD2 . LEU A 1 149 ? -14.972 8.205   -5.702  1.00 50.00 ? 149 LEU A CD2 1 
ATOM   1111 N N   . SER A 1 150 ? -15.545 7.353   -0.505  1.00 42.06 ? 150 SER A N   1 
ATOM   1112 C CA  . SER A 1 150 ? -16.747 7.348   0.314   1.00 43.34 ? 150 SER A CA  1 
ATOM   1113 C C   . SER A 1 150 ? -17.525 8.623   0.019   1.00 47.47 ? 150 SER A C   1 
ATOM   1114 O O   . SER A 1 150 ? -16.974 9.725   0.124   1.00 46.15 ? 150 SER A O   1 
ATOM   1115 C CB  . SER A 1 150 ? -16.395 7.232   1.799   1.00 45.76 ? 150 SER A CB  1 
ATOM   1116 O OG  . SER A 1 150 ? -16.143 5.886   2.139   1.00 43.17 ? 150 SER A OG  1 
ATOM   1117 N N   . VAL A 1 151 ? -18.791 8.461   -0.375  1.00 49.38 ? 151 VAL A N   1 
ATOM   1118 C CA  . VAL A 1 151 ? -19.574 9.514   -1.022  1.00 54.10 ? 151 VAL A CA  1 
ATOM   1119 C C   . VAL A 1 151 ? -20.976 9.568   -0.419  1.00 55.21 ? 151 VAL A C   1 
ATOM   1120 O O   . VAL A 1 151 ? -21.642 8.533   -0.278  1.00 50.13 ? 151 VAL A O   1 
ATOM   1121 C CB  . VAL A 1 151 ? -19.672 9.298   -2.543  1.00 49.41 ? 151 VAL A CB  1 
ATOM   1122 C CG1 . VAL A 1 151 ? -20.286 10.521  -3.195  1.00 56.45 ? 151 VAL A CG1 1 
ATOM   1123 C CG2 . VAL A 1 151 ? -18.308 9.012   -3.127  1.00 46.86 ? 151 VAL A CG2 1 
ATOM   1124 N N   . ARG A 1 152 ? -21.423 10.782  -0.090  1.00 53.01 ? 152 ARG A N   1 
ATOM   1125 C CA  . ARG A 1 152 ? -22.785 11.020  0.379   1.00 57.38 ? 152 ARG A CA  1 
ATOM   1126 C C   . ARG A 1 152 ? -23.783 11.087  -0.783  1.00 57.55 ? 152 ARG A C   1 
ATOM   1127 O O   . ARG A 1 152 ? -23.614 11.869  -1.727  1.00 54.51 ? 152 ARG A O   1 
ATOM   1128 C CB  . ARG A 1 152 ? -22.836 12.315  1.183   1.00 55.00 ? 152 ARG A CB  1 
ATOM   1129 C CG  . ARG A 1 152 ? -24.182 12.615  1.701   1.00 66.16 ? 152 ARG A CG  1 
ATOM   1130 C CD  . ARG A 1 152 ? -24.412 11.873  2.972   1.00 69.72 ? 152 ARG A CD  1 
ATOM   1131 N NE  . ARG A 1 152 ? -24.741 12.805  4.042   1.00 78.71 ? 152 ARG A NE  1 
ATOM   1132 C CZ  . ARG A 1 152 ? -25.941 13.352  4.204   1.00 81.54 ? 152 ARG A CZ  1 
ATOM   1133 N NH1 . ARG A 1 152 ? -26.921 13.032  3.365   1.00 80.37 ? 152 ARG A NH1 1 
ATOM   1134 N NH2 . ARG A 1 152 ? -26.164 14.197  5.210   1.00 75.34 ? 152 ARG A NH2 1 
ATOM   1135 N N   . THR A 1 153 ? -24.828 10.268  -0.702  1.00 61.86 ? 153 THR A N   1 
ATOM   1136 C CA  . THR A 1 153 ? -25.886 10.251  -1.711  1.00 66.71 ? 153 THR A CA  1 
ATOM   1137 C C   . THR A 1 153 ? -27.235 9.842   -1.118  1.00 64.95 ? 153 THR A C   1 
ATOM   1138 O O   . THR A 1 153 ? -28.269 10.409  -1.473  1.00 75.04 ? 153 THR A O   1 
ATOM   1139 C CB  . THR A 1 153 ? -25.547 9.297   -2.880  1.00 70.78 ? 153 THR A CB  1 
ATOM   1140 O OG1 . THR A 1 153 ? -24.924 8.106   -2.378  1.00 66.42 ? 153 THR A OG1 1 
ATOM   1141 C CG2 . THR A 1 153 ? -24.620 9.975   -3.887  1.00 68.96 ? 153 THR A CG2 1 
ATOM   1142 N N   . LYS A 1 166 ? -28.071 8.404   2.433   1.00 68.71 ? 166 LYS A N   1 
ATOM   1143 C CA  . LYS A 1 166 ? -27.243 7.201   2.326   1.00 60.31 ? 166 LYS A CA  1 
ATOM   1144 C C   . LYS A 1 166 ? -25.793 7.483   1.849   1.00 60.89 ? 166 LYS A C   1 
ATOM   1145 O O   . LYS A 1 166 ? -25.490 8.521   1.248   1.00 52.06 ? 166 LYS A O   1 
ATOM   1146 C CB  . LYS A 1 166 ? -27.907 6.189   1.387   1.00 51.36 ? 166 LYS A CB  1 
ATOM   1147 N N   . VAL A 1 167 ? -24.901 6.531   2.128   1.00 61.49 ? 167 VAL A N   1 
ATOM   1148 C CA  . VAL A 1 167 ? -23.480 6.655   1.828   1.00 51.64 ? 167 VAL A CA  1 
ATOM   1149 C C   . VAL A 1 167 ? -23.065 5.443   1.011   1.00 48.48 ? 167 VAL A C   1 
ATOM   1150 O O   . VAL A 1 167 ? -23.405 4.313   1.365   1.00 49.21 ? 167 VAL A O   1 
ATOM   1151 C CB  . VAL A 1 167 ? -22.629 6.784   3.111   1.00 57.52 ? 167 VAL A CB  1 
ATOM   1152 C CG1 . VAL A 1 167 ? -21.158 6.564   2.824   1.00 52.52 ? 167 VAL A CG1 1 
ATOM   1153 C CG2 . VAL A 1 167 ? -22.824 8.160   3.758   1.00 56.68 ? 167 VAL A CG2 1 
ATOM   1154 N N   . THR A 1 168 ? -22.360 5.680   -0.095  1.00 56.48 ? 168 THR A N   1 
ATOM   1155 C CA  . THR A 1 168 ? -21.826 4.629   -0.957  1.00 50.49 ? 168 THR A CA  1 
ATOM   1156 C C   . THR A 1 168 ? -20.298 4.564   -0.861  1.00 53.62 ? 168 THR A C   1 
ATOM   1157 O O   . THR A 1 168 ? -19.627 5.598   -0.718  1.00 52.30 ? 168 THR A O   1 
ATOM   1158 C CB  . THR A 1 168 ? -22.247 4.865   -2.403  1.00 54.19 ? 168 THR A CB  1 
ATOM   1159 O OG1 . THR A 1 168 ? -23.648 5.171   -2.435  1.00 64.12 ? 168 THR A OG1 1 
ATOM   1160 C CG2 . THR A 1 168 ? -21.991 3.639   -3.248  1.00 55.38 ? 168 THR A CG2 1 
ATOM   1161 N N   . HIS A 1 169 ? -19.759 3.337   -0.919  1.00 52.78 ? 169 HIS A N   1 
ATOM   1162 C CA  . HIS A 1 169 ? -18.323 3.070   -0.880  1.00 49.75 ? 169 HIS A CA  1 
ATOM   1163 C C   . HIS A 1 169 ? -17.889 2.434   -2.196  1.00 49.61 ? 169 HIS A C   1 
ATOM   1164 O O   . HIS A 1 169 ? -18.481 1.443   -2.645  1.00 46.42 ? 169 HIS A O   1 
ATOM   1165 C CB  . HIS A 1 169 ? -17.960 2.153   0.307   1.00 44.97 ? 169 HIS A CB  1 
ATOM   1166 C CG  . HIS A 1 169 ? -18.313 2.724   1.651   1.00 47.03 ? 169 HIS A CG  1 
ATOM   1167 N ND1 . HIS A 1 169 ? -17.644 3.796   2.207   1.00 47.51 ? 169 HIS A ND1 1 
ATOM   1168 C CD2 . HIS A 1 169 ? -19.256 2.364   2.557   1.00 52.80 ? 169 HIS A CD2 1 
ATOM   1169 C CE1 . HIS A 1 169 ? -18.157 4.068   3.398   1.00 46.49 ? 169 HIS A CE1 1 
ATOM   1170 N NE2 . HIS A 1 169 ? -19.132 3.209   3.638   1.00 44.70 ? 169 HIS A NE2 1 
ATOM   1171 N N   . VAL A 1 170 ? -16.857 3.000   -2.816  1.00 48.57 ? 170 VAL A N   1 
ATOM   1172 C CA  . VAL A 1 170 ? -16.312 2.464   -4.059  1.00 46.62 ? 170 VAL A CA  1 
ATOM   1173 C C   . VAL A 1 170 ? -14.847 2.142   -3.829  1.00 46.46 ? 170 VAL A C   1 
ATOM   1174 O O   . VAL A 1 170 ? -14.053 3.033   -3.517  1.00 48.71 ? 170 VAL A O   1 
ATOM   1175 C CB  . VAL A 1 170 ? -16.470 3.436   -5.241  1.00 50.97 ? 170 VAL A CB  1 
ATOM   1176 C CG1 . VAL A 1 170 ? -15.739 2.892   -6.449  1.00 46.68 ? 170 VAL A CG1 1 
ATOM   1177 C CG2 . VAL A 1 170 ? -17.927 3.644   -5.568  1.00 51.20 ? 170 VAL A CG2 1 
ATOM   1178 N N   . MET A 1 171 ? -14.490 0.873   -3.995  1.00 53.73 ? 171 MET A N   1 
ATOM   1179 C CA  . MET A 1 171 ? -13.105 0.451   -3.895  1.00 47.81 ? 171 MET A CA  1 
ATOM   1180 C C   . MET A 1 171 ? -12.267 1.119   -4.984  1.00 54.04 ? 171 MET A C   1 
ATOM   1181 O O   . MET A 1 171 ? -12.660 1.154   -6.157  1.00 54.37 ? 171 MET A O   1 
ATOM   1182 C CB  . MET A 1 171 ? -13.033 -1.070  -4.012  1.00 50.30 ? 171 MET A CB  1 
ATOM   1183 C CG  . MET A 1 171 ? -11.769 -1.662  -3.448  1.00 61.82 ? 171 MET A CG  1 
ATOM   1184 S SD  . MET A 1 171 ? -11.851 -1.776  -1.659  1.00 56.47 ? 171 MET A SD  1 
ATOM   1185 C CE  . MET A 1 171 ? -12.844 -3.250  -1.442  1.00 53.02 ? 171 MET A CE  1 
ATOM   1186 N N   . ILE A 1 172 ? -11.123 1.672   -4.579  1.00 49.81 ? 172 ILE A N   1 
ATOM   1187 C CA  . ILE A 1 172 ? -10.089 2.170   -5.481  1.00 46.21 ? 172 ILE A CA  1 
ATOM   1188 C C   . ILE A 1 172 ? -8.935  1.173   -5.452  1.00 53.37 ? 172 ILE A C   1 
ATOM   1189 O O   . ILE A 1 172 ? -8.243  1.042   -4.431  1.00 50.13 ? 172 ILE A O   1 
ATOM   1190 C CB  . ILE A 1 172 ? -9.597  3.556   -5.068  1.00 44.26 ? 172 ILE A CB  1 
ATOM   1191 C CG1 . ILE A 1 172 ? -10.757 4.529   -4.944  1.00 45.93 ? 172 ILE A CG1 1 
ATOM   1192 C CG2 . ILE A 1 172 ? -8.525  4.061   -6.044  1.00 52.24 ? 172 ILE A CG2 1 
ATOM   1193 C CD1 . ILE A 1 172 ? -10.293 5.910   -4.576  1.00 40.96 ? 172 ILE A CD1 1 
ATOM   1194 N N   . ARG A 1 173 ? -8.693  0.486   -6.567  1.00 54.71 ? 173 ARG A N   1 
ATOM   1195 C CA  . ARG A 1 173 ? -7.618  -0.496  -6.604  1.00 54.41 ? 173 ARG A CA  1 
ATOM   1196 C C   . ARG A 1 173 ? -6.298  0.178   -6.960  1.00 61.63 ? 173 ARG A C   1 
ATOM   1197 O O   . ARG A 1 173 ? -6.247  1.081   -7.800  1.00 59.88 ? 173 ARG A O   1 
ATOM   1198 C CB  . ARG A 1 173 ? -7.932  -1.623  -7.589  1.00 55.36 ? 173 ARG A CB  1 
ATOM   1199 N N   . CYS A 1 174 ? -5.238  -0.231  -6.260  1.00 67.25 ? 174 CYS A N   1 
ATOM   1200 C CA  . CYS A 1 174 ? -3.869  0.204   -6.527  1.00 69.45 ? 174 CYS A CA  1 
ATOM   1201 C C   . CYS A 1 174 ? -3.079  -1.043  -6.918  1.00 73.46 ? 174 CYS A C   1 
ATOM   1202 O O   . CYS A 1 174 ? -2.812  -1.908  -6.075  1.00 70.50 ? 174 CYS A O   1 
ATOM   1203 C CB  . CYS A 1 174 ? -3.266  0.910   -5.311  1.00 64.24 ? 174 CYS A CB  1 
ATOM   1204 S SG  . CYS A 1 174 ? -1.737  1.887   -5.586  1.00 64.95 ? 174 CYS A SG  1 
ATOM   1205 N N   . GLN A 1 175 ? -2.766  -1.160  -8.209  1.00 81.41 ? 175 GLN A N   1 
ATOM   1206 C CA  . GLN A 1 175 ? -2.047  -2.300  -8.771  1.00 79.06 ? 175 GLN A CA  1 
ATOM   1207 C C   . GLN A 1 175 ? -0.958  -1.752  -9.681  1.00 86.67 ? 175 GLN A C   1 
ATOM   1208 O O   . GLN A 1 175 ? -1.258  -1.103  -10.692 1.00 84.44 ? 175 GLN A O   1 
ATOM   1209 C CB  . GLN A 1 175 ? -2.986  -3.234  -9.547  1.00 73.11 ? 175 GLN A CB  1 
ATOM   1210 N N   . GLU A 1 176 ? 0.300   -1.988  -9.294  1.00 86.19 ? 176 GLU A N   1 
ATOM   1211 C CA  . GLU A 1 176 ? 1.483   -1.582  -10.062 1.00 85.11 ? 176 GLU A CA  1 
ATOM   1212 C C   . GLU A 1 176 ? 1.576   -0.062  -10.200 1.00 82.81 ? 176 GLU A C   1 
ATOM   1213 O O   . GLU A 1 176 ? 1.974   0.457   -11.246 1.00 86.30 ? 176 GLU A O   1 
ATOM   1214 C CB  . GLU A 1 176 ? 1.516   -2.256  -11.439 1.00 87.32 ? 176 GLU A CB  1 
ATOM   1215 N N   . LEU A 1 177 ? 1.219   0.651   -9.128  1.00 80.25 ? 177 LEU A N   1 
ATOM   1216 C CA  . LEU A 1 177 ? 1.266   2.111   -9.013  1.00 76.68 ? 177 LEU A CA  1 
ATOM   1217 C C   . LEU A 1 177 ? 0.147   2.803   -9.784  1.00 78.89 ? 177 LEU A C   1 
ATOM   1218 O O   . LEU A 1 177 ? 0.140   4.045   -9.883  1.00 75.59 ? 177 LEU A O   1 
ATOM   1219 C CB  . LEU A 1 177 ? 2.618   2.680   -9.452  1.00 69.64 ? 177 LEU A CB  1 
ATOM   1220 N N   . LYS A 1 178 ? -0.804  2.044   -10.325 1.00 81.00 ? 178 LYS A N   1 
ATOM   1221 C CA  . LYS A 1 178 ? -1.961  2.590   -11.016 1.00 77.37 ? 178 LYS A CA  1 
ATOM   1222 C C   . LYS A 1 178 ? -3.162  2.592   -10.079 1.00 74.99 ? 178 LYS A C   1 
ATOM   1223 O O   . LYS A 1 178 ? -3.280  1.728   -9.205  1.00 75.73 ? 178 LYS A O   1 
ATOM   1224 C CB  . LYS A 1 178 ? -2.278  1.777   -12.274 1.00 80.28 ? 178 LYS A CB  1 
ATOM   1225 N N   . TYR A 1 179 ? -4.046  3.581   -10.265 1.00 73.28 ? 179 TYR A N   1 
ATOM   1226 C CA  . TYR A 1 179 ? -5.273  3.732   -9.482  1.00 66.88 ? 179 TYR A CA  1 
ATOM   1227 C C   . TYR A 1 179 ? -6.476  3.718   -10.413 1.00 64.68 ? 179 TYR A C   1 
ATOM   1228 O O   . TYR A 1 179 ? -6.629  4.629   -11.231 1.00 66.53 ? 179 TYR A O   1 
ATOM   1229 C CB  . TYR A 1 179 ? -5.293  5.045   -8.696  1.00 62.03 ? 179 TYR A CB  1 
ATOM   1230 C CG  . TYR A 1 179 ? -4.189  5.270   -7.688  1.00 64.84 ? 179 TYR A CG  1 
ATOM   1231 C CD1 . TYR A 1 179 ? -4.281  4.762   -6.390  1.00 61.85 ? 179 TYR A CD1 1 
ATOM   1232 C CD2 . TYR A 1 179 ? -3.076  6.042   -8.018  1.00 66.99 ? 179 TYR A CD2 1 
ATOM   1233 C CE1 . TYR A 1 179 ? -3.276  4.992   -5.458  1.00 58.79 ? 179 TYR A CE1 1 
ATOM   1234 C CE2 . TYR A 1 179 ? -2.073  6.282   -7.100  1.00 64.32 ? 179 TYR A CE2 1 
ATOM   1235 C CZ  . TYR A 1 179 ? -2.172  5.750   -5.825  1.00 64.96 ? 179 TYR A CZ  1 
ATOM   1236 O OH  . TYR A 1 179 ? -1.164  5.995   -4.923  1.00 64.56 ? 179 TYR A OH  1 
ATOM   1237 N N   . ASP A 1 180 ? -7.351  2.732   -10.249 1.00 58.31 ? 180 ASP A N   1 
ATOM   1238 C CA  . ASP A 1 180 ? -8.603  2.677   -10.988 1.00 65.04 ? 180 ASP A CA  1 
ATOM   1239 C C   . ASP A 1 180 ? -9.757  2.458   -10.015 1.00 66.78 ? 180 ASP A C   1 
ATOM   1240 O O   . ASP A 1 180 ? -9.554  2.145   -8.839  1.00 64.57 ? 180 ASP A O   1 
ATOM   1241 C CB  . ASP A 1 180 ? -8.587  1.566   -12.058 1.00 71.19 ? 180 ASP A CB  1 
ATOM   1242 C CG  . ASP A 1 180 ? -8.153  0.219   -11.502 1.00 69.69 ? 180 ASP A CG  1 
ATOM   1243 O OD1 . ASP A 1 180 ? -9.033  -0.605  -11.159 1.00 68.67 ? 180 ASP A OD1 1 
ATOM   1244 O OD2 . ASP A 1 180 ? -6.924  -0.010  -11.415 1.00 72.39 ? 180 ASP A OD2 1 
ATOM   1245 N N   . VAL A 1 181 ? -10.986 2.622   -10.516 1.00 70.54 ? 181 VAL A N   1 
ATOM   1246 C CA  . VAL A 1 181 ? -12.179 2.372   -9.713  1.00 68.11 ? 181 VAL A CA  1 
ATOM   1247 C C   . VAL A 1 181 ? -12.801 1.048   -10.130 1.00 73.26 ? 181 VAL A C   1 
ATOM   1248 O O   . VAL A 1 181 ? -13.953 0.994   -10.568 1.00 77.54 ? 181 VAL A O   1 
ATOM   1249 C CB  . VAL A 1 181 ? -13.193 3.522   -9.823  1.00 65.71 ? 181 VAL A CB  1 
ATOM   1250 C CG1 . VAL A 1 181 ? -12.641 4.760   -9.139  1.00 64.40 ? 181 VAL A CG1 1 
ATOM   1251 C CG2 . VAL A 1 181 ? -13.476 3.834   -11.280 1.00 75.38 ? 181 VAL A CG2 1 
ATOM   1252 N N   . GLY A 1 182 ? -12.044 -0.033  -9.975  1.00 78.88 ? 182 GLY A N   1 
ATOM   1253 C CA  . GLY A 1 182 ? -12.528 -1.358  -10.299 1.00 85.90 ? 182 GLY A CA  1 
ATOM   1254 C C   . GLY A 1 182 ? -12.358 -1.751  -11.746 1.00 86.90 ? 182 GLY A C   1 
ATOM   1255 O O   . GLY A 1 182 ? -12.690 -2.891  -12.108 1.00 90.73 ? 182 GLY A O   1 
ATOM   1256 N N   . GLY A 1 183 ? -11.827 -0.855  -12.572 1.00 81.64 ? 183 GLY A N   1 
ATOM   1257 C CA  . GLY A 1 183 ? -11.745 -1.047  -14.002 1.00 79.50 ? 183 GLY A CA  1 
ATOM   1258 C C   . GLY A 1 183 ? -11.976 0.301   -14.635 1.00 83.05 ? 183 GLY A C   1 
ATOM   1259 O O   . GLY A 1 183 ? -12.368 1.243   -13.937 1.00 83.96 ? 183 GLY A O   1 
ATOM   1260 N N   . GLY A 1 184 ? -11.760 0.416   -15.935 1.00 83.80 ? 184 GLY A N   1 
ATOM   1261 C CA  . GLY A 1 184 ? -11.749 1.720   -16.560 1.00 72.40 ? 184 GLY A CA  1 
ATOM   1262 C C   . GLY A 1 184 ? -10.361 2.322   -16.476 1.00 69.01 ? 184 GLY A C   1 
ATOM   1263 O O   . GLY A 1 184 ? -9.374  1.659   -16.141 1.00 70.29 ? 184 GLY A O   1 
ATOM   1264 N N   . GLU A 1 185 ? -10.298 3.616   -16.759 1.00 65.94 ? 185 GLU A N   1 
ATOM   1265 C CA  . GLU A 1 185 ? -9.020  4.305   -16.858 1.00 67.13 ? 185 GLU A CA  1 
ATOM   1266 C C   . GLU A 1 185 ? -8.203  4.159   -15.573 1.00 70.54 ? 185 GLU A C   1 
ATOM   1267 O O   . GLU A 1 185 ? -8.677  4.491   -14.481 1.00 67.99 ? 185 GLU A O   1 
ATOM   1268 C CB  . GLU A 1 185 ? -9.261  5.776   -17.175 1.00 58.52 ? 185 GLU A CB  1 
ATOM   1269 C CG  . GLU A 1 185 ? -8.033  6.500   -17.662 1.00 60.95 ? 185 GLU A CG  1 
ATOM   1270 C CD  . GLU A 1 185 ? -8.288  7.982   -17.875 1.00 72.11 ? 185 GLU A CD  1 
ATOM   1271 O OE1 . GLU A 1 185 ? -9.482  8.367   -18.004 1.00 64.25 ? 185 GLU A OE1 1 
ATOM   1272 O OE2 . GLU A 1 185 ? -7.296  8.762   -17.884 1.00 72.48 ? 185 GLU A OE2 1 
ATOM   1273 N N   . ARG A 1 186 ? -6.989  3.621   -15.715 1.00 72.12 ? 186 ARG A N   1 
ATOM   1274 C CA  . ARG A 1 186 ? -5.993  3.657   -14.653 1.00 67.94 ? 186 ARG A CA  1 
ATOM   1275 C C   . ARG A 1 186 ? -5.394  5.053   -14.575 1.00 72.64 ? 186 ARG A C   1 
ATOM   1276 O O   . ARG A 1 186 ? -5.098  5.674   -15.601 1.00 70.18 ? 186 ARG A O   1 
ATOM   1277 C CB  . ARG A 1 186 ? -4.888  2.627   -14.909 1.00 61.77 ? 186 ARG A CB  1 
ATOM   1278 N N   . PHE A 1 187 ? -5.207  5.548   -13.352 1.00 72.93 ? 187 PHE A N   1 
ATOM   1279 C CA  . PHE A 1 187 ? -4.776  6.924   -13.153 1.00 68.95 ? 187 PHE A CA  1 
ATOM   1280 C C   . PHE A 1 187 ? -3.399  6.984   -12.509 1.00 70.66 ? 187 PHE A C   1 
ATOM   1281 O O   . PHE A 1 187 ? -2.995  6.087   -11.760 1.00 72.44 ? 187 PHE A O   1 
ATOM   1282 C CB  . PHE A 1 187 ? -5.775  7.692   -12.312 1.00 65.68 ? 187 PHE A CB  1 
ATOM   1283 C CG  . PHE A 1 187 ? -7.051  7.980   -13.027 1.00 63.38 ? 187 PHE A CG  1 
ATOM   1284 C CD1 . PHE A 1 187 ? -8.116  7.104   -12.949 1.00 64.97 ? 187 PHE A CD1 1 
ATOM   1285 C CD2 . PHE A 1 187 ? -7.178  9.120   -13.798 1.00 64.36 ? 187 PHE A CD2 1 
ATOM   1286 C CE1 . PHE A 1 187 ? -9.299  7.366   -13.619 1.00 68.35 ? 187 PHE A CE1 1 
ATOM   1287 C CE2 . PHE A 1 187 ? -8.344  9.391   -14.465 1.00 65.19 ? 187 PHE A CE2 1 
ATOM   1288 C CZ  . PHE A 1 187 ? -9.411  8.508   -14.378 1.00 66.50 ? 187 PHE A CZ  1 
ATOM   1289 N N   . ASP A 1 188 ? -2.681  8.056   -12.823 1.00 69.34 ? 188 ASP A N   1 
ATOM   1290 C CA  . ASP A 1 188 ? -1.310  8.203   -12.362 1.00 69.58 ? 188 ASP A CA  1 
ATOM   1291 C C   . ASP A 1 188 ? -1.287  8.315   -10.844 1.00 74.59 ? 188 ASP A C   1 
ATOM   1292 O O   . ASP A 1 188 ? -0.768  7.426   -10.161 1.00 84.23 ? 188 ASP A O   1 
ATOM   1293 C CB  . ASP A 1 188 ? -0.656  9.423   -13.018 1.00 74.96 ? 188 ASP A CB  1 
ATOM   1294 N N   . SER A 1 189 ? -1.870  9.390   -10.314 1.00 72.19 ? 189 SER A N   1 
ATOM   1295 C CA  . SER A 1 189 ? -1.936  9.673   -8.891  1.00 65.44 ? 189 SER A CA  1 
ATOM   1296 C C   . SER A 1 189 ? -3.380  9.634   -8.400  1.00 66.65 ? 189 SER A C   1 
ATOM   1297 O O   . SER A 1 189 ? -4.326  9.776   -9.179  1.00 67.11 ? 189 SER A O   1 
ATOM   1298 C CB  . SER A 1 189 ? -1.346  11.048  -8.601  1.00 59.54 ? 189 SER A CB  1 
ATOM   1299 O OG  . SER A 1 189 ? -2.116  12.010  -9.283  1.00 65.61 ? 189 SER A OG  1 
ATOM   1300 N N   . LEU A 1 190 ? -3.541  9.473   -7.080  1.00 57.40 ? 190 LEU A N   1 
ATOM   1301 C CA  . LEU A 1 190 ? -4.882  9.442   -6.500  1.00 59.74 ? 190 LEU A CA  1 
ATOM   1302 C C   . LEU A 1 190 ? -5.632  10.751  -6.743  1.00 59.34 ? 190 LEU A C   1 
ATOM   1303 O O   . LEU A 1 190 ? -6.869  10.764  -6.795  1.00 53.98 ? 190 LEU A O   1 
ATOM   1304 C CB  . LEU A 1 190 ? -4.797  9.129   -5.004  1.00 55.72 ? 190 LEU A CB  1 
ATOM   1305 C CG  . LEU A 1 190 ? -6.121  8.796   -4.324  1.00 52.74 ? 190 LEU A CG  1 
ATOM   1306 C CD1 . LEU A 1 190 ? -6.861  7.704   -5.078  1.00 49.65 ? 190 LEU A CD1 1 
ATOM   1307 C CD2 . LEU A 1 190 ? -5.835  8.354   -2.923  1.00 54.78 ? 190 LEU A CD2 1 
ATOM   1308 N N   . THR A 1 191 ? -4.905  11.850  -6.927  1.00 59.06 ? 191 THR A N   1 
ATOM   1309 C CA  . THR A 1 191 ? -5.549  13.127  -7.193  1.00 58.76 ? 191 THR A CA  1 
ATOM   1310 C C   . THR A 1 191 ? -6.037  13.237  -8.636  1.00 65.30 ? 191 THR A C   1 
ATOM   1311 O O   . THR A 1 191 ? -7.055  13.897  -8.890  1.00 65.56 ? 191 THR A O   1 
ATOM   1312 C CB  . THR A 1 191 ? -4.594  14.268  -6.857  1.00 64.44 ? 191 THR A CB  1 
ATOM   1313 O OG1 . THR A 1 191 ? -3.812  13.908  -5.703  1.00 68.72 ? 191 THR A OG1 1 
ATOM   1314 C CG2 . THR A 1 191 ? -5.397  15.518  -6.532  1.00 62.13 ? 191 THR A CG2 1 
ATOM   1315 N N   . ASP A 1 192 ? -5.334  12.605  -9.583  1.00 64.55 ? 192 ASP A N   1 
ATOM   1316 C CA  . ASP A 1 192 ? -5.828  12.502  -10.958 1.00 61.69 ? 192 ASP A CA  1 
ATOM   1317 C C   . ASP A 1 192 ? -7.168  11.770  -11.008 1.00 62.08 ? 192 ASP A C   1 
ATOM   1318 O O   . ASP A 1 192 ? -8.098  12.179  -11.721 1.00 64.90 ? 192 ASP A O   1 
ATOM   1319 C CB  . ASP A 1 192 ? -4.813  11.753  -11.835 1.00 67.49 ? 192 ASP A CB  1 
ATOM   1320 C CG  . ASP A 1 192 ? -3.508  12.520  -12.052 1.00 66.07 ? 192 ASP A CG  1 
ATOM   1321 O OD1 . ASP A 1 192 ? -3.320  13.580  -11.406 1.00 62.47 ? 192 ASP A OD1 1 
ATOM   1322 O OD2 . ASP A 1 192 ? -2.684  12.015  -12.850 1.00 64.69 ? 192 ASP A OD2 1 
ATOM   1323 N N   . LEU A 1 193 ? -7.270  10.657  -10.279 1.00 59.27 ? 193 LEU A N   1 
ATOM   1324 C CA  . LEU A 1 193 ? -8.502  9.876   -10.279 1.00 57.78 ? 193 LEU A CA  1 
ATOM   1325 C C   . LEU A 1 193 ? -9.642  10.660  -9.667  1.00 58.99 ? 193 LEU A C   1 
ATOM   1326 O O   . LEU A 1 193 ? -10.786 10.536  -10.107 1.00 64.80 ? 193 LEU A O   1 
ATOM   1327 C CB  . LEU A 1 193 ? -8.314  8.560   -9.517  1.00 52.53 ? 193 LEU A CB  1 
ATOM   1328 C CG  . LEU A 1 193 ? -9.563  7.674   -9.383  1.00 54.13 ? 193 LEU A CG  1 
ATOM   1329 C CD1 . LEU A 1 193 ? -9.218  6.196   -9.467  1.00 51.24 ? 193 LEU A CD1 1 
ATOM   1330 C CD2 . LEU A 1 193 ? -10.360 7.949   -8.114  1.00 53.10 ? 193 LEU A CD2 1 
ATOM   1331 N N   . VAL A 1 194 ? -9.361  11.441  -8.625  1.00 61.66 ? 194 VAL A N   1 
ATOM   1332 C CA  . VAL A 1 194 ? -10.428 12.160  -7.943  1.00 58.82 ? 194 VAL A CA  1 
ATOM   1333 C C   . VAL A 1 194 ? -10.870 13.341  -8.779  1.00 63.62 ? 194 VAL A C   1 
ATOM   1334 O O   . VAL A 1 194 ? -12.065 13.541  -9.025  1.00 63.64 ? 194 VAL A O   1 
ATOM   1335 C CB  . VAL A 1 194 ? -9.979  12.600  -6.542  1.00 54.49 ? 194 VAL A CB  1 
ATOM   1336 C CG1 . VAL A 1 194 ? -10.879 13.707  -6.041  1.00 54.92 ? 194 VAL A CG1 1 
ATOM   1337 C CG2 . VAL A 1 194 ? -10.056 11.432  -5.609  1.00 50.44 ? 194 VAL A CG2 1 
ATOM   1338 N N   . GLU A 1 195 ? -9.906  14.130  -9.240  1.00 64.87 ? 195 GLU A N   1 
ATOM   1339 C CA  . GLU A 1 195 ? -10.228 15.237  -10.125 1.00 68.15 ? 195 GLU A CA  1 
ATOM   1340 C C   . GLU A 1 195 ? -10.995 14.756  -11.344 1.00 67.53 ? 195 GLU A C   1 
ATOM   1341 O O   . GLU A 1 195 ? -11.982 15.382  -11.753 1.00 66.38 ? 195 GLU A O   1 
ATOM   1342 C CB  . GLU A 1 195 ? -8.947  15.964  -10.526 1.00 63.95 ? 195 GLU A CB  1 
ATOM   1343 C CG  . GLU A 1 195 ? -8.643  17.101  -9.571  1.00 71.32 ? 195 GLU A CG  1 
ATOM   1344 C CD  . GLU A 1 195 ? -9.892  17.926  -9.267  1.00 82.88 ? 195 GLU A CD  1 
ATOM   1345 O OE1 . GLU A 1 195 ? -10.335 18.706  -10.153 1.00 81.06 ? 195 GLU A OE1 1 
ATOM   1346 O OE2 . GLU A 1 195 ? -10.451 17.770  -8.156  1.00 82.39 ? 195 GLU A OE2 1 
ATOM   1347 N N   . HIS A 1 196 ? -10.582 13.628  -11.920 1.00 66.76 ? 196 HIS A N   1 
ATOM   1348 C CA  . HIS A 1 196 ? -11.248 13.161  -13.128 1.00 62.61 ? 196 HIS A CA  1 
ATOM   1349 C C   . HIS A 1 196 ? -12.690 12.770  -12.854 1.00 65.88 ? 196 HIS A C   1 
ATOM   1350 O O   . HIS A 1 196 ? -13.564 12.971  -13.705 1.00 72.61 ? 196 HIS A O   1 
ATOM   1351 C CB  . HIS A 1 196 ? -10.504 11.982  -13.739 1.00 66.40 ? 196 HIS A CB  1 
ATOM   1352 C CG  . HIS A 1 196 ? -11.298 11.272  -14.783 1.00 69.02 ? 196 HIS A CG  1 
ATOM   1353 N ND1 . HIS A 1 196 ? -12.233 10.309  -14.474 1.00 67.03 ? 196 HIS A ND1 1 
ATOM   1354 C CD2 . HIS A 1 196 ? -11.330 11.417  -16.130 1.00 71.32 ? 196 HIS A CD2 1 
ATOM   1355 C CE1 . HIS A 1 196 ? -12.801 9.881   -15.589 1.00 70.94 ? 196 HIS A CE1 1 
ATOM   1356 N NE2 . HIS A 1 196 ? -12.269 10.535  -16.607 1.00 72.43 ? 196 HIS A NE2 1 
ATOM   1357 N N   . TYR A 1 197 ? -12.967 12.194  -11.688 1.00 66.19 ? 197 TYR A N   1 
ATOM   1358 C CA  . TYR A 1 197 ? -14.320 11.730  -11.412 1.00 59.40 ? 197 TYR A CA  1 
ATOM   1359 C C   . TYR A 1 197 ? -15.208 12.801  -10.806 1.00 52.57 ? 197 TYR A C   1 
ATOM   1360 O O   . TYR A 1 197 ? -16.407 12.572  -10.657 1.00 58.52 ? 197 TYR A O   1 
ATOM   1361 C CB  . TYR A 1 197 ? -14.276 10.492  -10.513 1.00 55.33 ? 197 TYR A CB  1 
ATOM   1362 C CG  . TYR A 1 197 ? -13.924 9.259   -11.298 1.00 60.28 ? 197 TYR A CG  1 
ATOM   1363 C CD1 . TYR A 1 197 ? -14.774 8.800   -12.305 1.00 60.88 ? 197 TYR A CD1 1 
ATOM   1364 C CD2 . TYR A 1 197 ? -12.746 8.566   -11.062 1.00 55.07 ? 197 TYR A CD2 1 
ATOM   1365 C CE1 . TYR A 1 197 ? -14.463 7.689   -13.047 1.00 57.31 ? 197 TYR A CE1 1 
ATOM   1366 C CE2 . TYR A 1 197 ? -12.422 7.454   -11.805 1.00 61.15 ? 197 TYR A CE2 1 
ATOM   1367 C CZ  . TYR A 1 197 ? -13.286 7.014   -12.799 1.00 66.12 ? 197 TYR A CZ  1 
ATOM   1368 O OH  . TYR A 1 197 ? -12.986 5.890   -13.546 1.00 69.28 ? 197 TYR A OH  1 
ATOM   1369 N N   . LYS A 1 198 ? -14.656 13.949  -10.428 1.00 59.14 ? 198 LYS A N   1 
ATOM   1370 C CA  . LYS A 1 198 ? -15.497 15.111  -10.167 1.00 63.55 ? 198 LYS A CA  1 
ATOM   1371 C C   . LYS A 1 198 ? -16.112 15.606  -11.468 1.00 68.63 ? 198 LYS A C   1 
ATOM   1372 O O   . LYS A 1 198 ? -17.341 15.696  -11.594 1.00 66.81 ? 198 LYS A O   1 
ATOM   1373 C CB  . LYS A 1 198 ? -14.689 16.224  -9.494  1.00 56.66 ? 198 LYS A CB  1 
ATOM   1374 N N   . LYS A 1 199 ? -15.260 15.879  -12.464 1.00 67.19 ? 199 LYS A N   1 
ATOM   1375 C CA  . LYS A 1 199 ? -15.721 16.360  -13.762 1.00 70.17 ? 199 LYS A CA  1 
ATOM   1376 C C   . LYS A 1 199 ? -16.699 15.377  -14.395 1.00 74.20 ? 199 LYS A C   1 
ATOM   1377 O O   . LYS A 1 199 ? -17.773 15.769  -14.873 1.00 73.90 ? 199 LYS A O   1 
ATOM   1378 C CB  . LYS A 1 199 ? -14.520 16.610  -14.682 1.00 64.18 ? 199 LYS A CB  1 
ATOM   1379 N N   . ASN A 1 200 ? -16.364 14.086  -14.377 1.00 67.30 ? 200 ASN A N   1 
ATOM   1380 C CA  . ASN A 1 200 ? -17.097 13.075  -15.136 1.00 67.17 ? 200 ASN A CA  1 
ATOM   1381 C C   . ASN A 1 200 ? -17.665 12.032  -14.181 1.00 64.25 ? 200 ASN A C   1 
ATOM   1382 O O   . ASN A 1 200 ? -17.053 10.976  -13.963 1.00 61.77 ? 200 ASN A O   1 
ATOM   1383 C CB  . ASN A 1 200 ? -16.192 12.442  -16.189 1.00 65.81 ? 200 ASN A CB  1 
ATOM   1384 C CG  . ASN A 1 200 ? -15.222 13.443  -16.794 1.00 71.28 ? 200 ASN A CG  1 
ATOM   1385 O OD1 . ASN A 1 200 ? -15.611 14.548  -17.186 1.00 76.21 ? 200 ASN A OD1 1 
ATOM   1386 N ND2 . ASN A 1 200 ? -13.943 13.070  -16.857 1.00 73.64 ? 200 ASN A ND2 1 
ATOM   1387 N N   . PRO A 1 201 ? -18.851 12.271  -13.622 1.00 66.28 ? 201 PRO A N   1 
ATOM   1388 C CA  . PRO A 1 201 ? -19.353 11.412  -12.543 1.00 63.18 ? 201 PRO A CA  1 
ATOM   1389 C C   . PRO A 1 201 ? -19.424 9.957   -12.969 1.00 63.25 ? 201 PRO A C   1 
ATOM   1390 O O   . PRO A 1 201 ? -19.747 9.639   -14.116 1.00 64.43 ? 201 PRO A O   1 
ATOM   1391 C CB  . PRO A 1 201 ? -20.753 11.968  -12.259 1.00 62.20 ? 201 PRO A CB  1 
ATOM   1392 C CG  . PRO A 1 201 ? -20.788 13.320  -12.910 1.00 62.34 ? 201 PRO A CG  1 
ATOM   1393 C CD  . PRO A 1 201 ? -19.839 13.275  -14.051 1.00 63.24 ? 201 PRO A CD  1 
ATOM   1394 N N   . MET A 1 202 ? -19.099 9.077   -12.025 1.00 63.80 ? 202 MET A N   1 
ATOM   1395 C CA  . MET A 1 202 ? -19.199 7.638   -12.203 1.00 58.95 ? 202 MET A CA  1 
ATOM   1396 C C   . MET A 1 202 ? -20.610 7.166   -11.853 1.00 62.41 ? 202 MET A C   1 
ATOM   1397 O O   . MET A 1 202 ? -21.346 7.820   -11.103 1.00 61.84 ? 202 MET A O   1 
ATOM   1398 C CB  . MET A 1 202 ? -18.151 6.923   -11.344 1.00 58.69 ? 202 MET A CB  1 
ATOM   1399 C CG  . MET A 1 202 ? -18.159 7.328   -9.862  1.00 65.72 ? 202 MET A CG  1 
ATOM   1400 S SD  . MET A 1 202 ? -17.049 6.335   -8.814  1.00 57.96 ? 202 MET A SD  1 
ATOM   1401 C CE  . MET A 1 202 ? -15.464 6.848   -9.447  1.00 59.03 ? 202 MET A CE  1 
ATOM   1402 N N   . VAL A 1 203 ? -20.994 6.020   -12.413 1.00 59.84 ? 203 VAL A N   1 
ATOM   1403 C CA  . VAL A 1 203 ? -22.334 5.475   -12.204 1.00 60.37 ? 203 VAL A CA  1 
ATOM   1404 C C   . VAL A 1 203 ? -22.219 4.071   -11.613 1.00 55.88 ? 203 VAL A C   1 
ATOM   1405 O O   . VAL A 1 203 ? -21.668 3.162   -12.245 1.00 58.23 ? 203 VAL A O   1 
ATOM   1406 C CB  . VAL A 1 203 ? -23.167 5.470   -13.500 1.00 58.14 ? 203 VAL A CB  1 
ATOM   1407 C CG1 . VAL A 1 203 ? -24.619 5.200   -13.186 1.00 56.74 ? 203 VAL A CG1 1 
ATOM   1408 C CG2 . VAL A 1 203 ? -23.031 6.794   -14.220 1.00 56.39 ? 203 VAL A CG2 1 
ATOM   1409 N N   . GLU A 1 204 ? -22.739 3.907   -10.402 1.00 53.39 ? 204 GLU A N   1 
ATOM   1410 C CA  . GLU A 1 204 ? -22.871 2.598   -9.782  1.00 63.38 ? 204 GLU A CA  1 
ATOM   1411 C C   . GLU A 1 204 ? -23.822 1.721   -10.593 1.00 71.26 ? 204 GLU A C   1 
ATOM   1412 O O   . GLU A 1 204 ? -24.749 2.214   -11.238 1.00 73.76 ? 204 GLU A O   1 
ATOM   1413 C CB  . GLU A 1 204 ? -23.403 2.763   -8.352  1.00 63.22 ? 204 GLU A CB  1 
ATOM   1414 C CG  . GLU A 1 204 ? -23.564 1.475   -7.601  1.00 68.91 ? 204 GLU A CG  1 
ATOM   1415 C CD  . GLU A 1 204 ? -24.782 1.485   -6.713  1.00 78.01 ? 204 GLU A CD  1 
ATOM   1416 O OE1 . GLU A 1 204 ? -25.709 2.266   -7.032  1.00 82.11 ? 204 GLU A OE1 1 
ATOM   1417 O OE2 . GLU A 1 204 ? -24.806 0.727   -5.706  1.00 66.02 ? 204 GLU A OE2 1 
ATOM   1418 N N   . THR A 1 205 ? -23.616 0.400   -10.534 1.00 73.48 ? 205 THR A N   1 
ATOM   1419 C CA  . THR A 1 205 ? -24.429 -0.506  -11.341 1.00 72.29 ? 205 THR A CA  1 
ATOM   1420 C C   . THR A 1 205 ? -25.781 -0.824  -10.706 1.00 74.65 ? 205 THR A C   1 
ATOM   1421 O O   . THR A 1 205 ? -26.342 -1.899  -10.936 1.00 82.43 ? 205 THR A O   1 
ATOM   1422 C CB  . THR A 1 205 ? -23.670 -1.804  -11.637 1.00 74.38 ? 205 THR A CB  1 
ATOM   1423 O OG1 . THR A 1 205 ? -23.397 -2.502  -10.415 1.00 73.02 ? 205 THR A OG1 1 
ATOM   1424 C CG2 . THR A 1 205 ? -22.365 -1.511  -12.406 1.00 67.73 ? 205 THR A CG2 1 
ATOM   1425 N N   . LEU A 1 206 ? -26.324 0.103   -9.914  1.00 73.15 ? 206 LEU A N   1 
ATOM   1426 C CA  . LEU A 1 206 ? -27.745 0.086   -9.575  1.00 77.46 ? 206 LEU A CA  1 
ATOM   1427 C C   . LEU A 1 206 ? -28.441 1.392   -9.977  1.00 80.31 ? 206 LEU A C   1 
ATOM   1428 O O   . LEU A 1 206 ? -29.511 1.711   -9.439  1.00 79.90 ? 206 LEU A O   1 
ATOM   1429 C CB  . LEU A 1 206 ? -27.967 -0.199  -8.081  1.00 73.82 ? 206 LEU A CB  1 
ATOM   1430 C CG  . LEU A 1 206 ? -27.400 -1.427  -7.356  1.00 80.91 ? 206 LEU A CG  1 
ATOM   1431 C CD1 . LEU A 1 206 ? -28.003 -1.537  -5.956  1.00 73.31 ? 206 LEU A CD1 1 
ATOM   1432 C CD2 . LEU A 1 206 ? -27.605 -2.740  -8.112  1.00 76.40 ? 206 LEU A CD2 1 
ATOM   1433 N N   . GLY A 1 207 ? -27.853 2.163   -10.905 1.00 79.01 ? 207 GLY A N   1 
ATOM   1434 C CA  . GLY A 1 207 ? -28.400 3.416   -11.367 1.00 72.31 ? 207 GLY A CA  1 
ATOM   1435 C C   . GLY A 1 207 ? -27.834 4.659   -10.691 1.00 76.78 ? 207 GLY A C   1 
ATOM   1436 O O   . GLY A 1 207 ? -27.715 5.707   -11.344 1.00 75.80 ? 207 GLY A O   1 
ATOM   1437 N N   . THR A 1 208 ? -27.473 4.566   -9.408  1.00 76.57 ? 208 THR A N   1 
ATOM   1438 C CA  . THR A 1 208 ? -27.056 5.745   -8.650  1.00 70.28 ? 208 THR A CA  1 
ATOM   1439 C C   . THR A 1 208 ? -25.809 6.393   -9.244  1.00 65.78 ? 208 THR A C   1 
ATOM   1440 O O   . THR A 1 208 ? -24.800 5.727   -9.488  1.00 60.85 ? 208 THR A O   1 
ATOM   1441 C CB  . THR A 1 208 ? -26.792 5.373   -7.191  1.00 70.42 ? 208 THR A CB  1 
ATOM   1442 O OG1 . THR A 1 208 ? -27.724 4.369   -6.777  1.00 81.12 ? 208 THR A OG1 1 
ATOM   1443 C CG2 . THR A 1 208 ? -26.935 6.599   -6.288  1.00 67.33 ? 208 THR A CG2 1 
ATOM   1444 N N   . VAL A 1 209 ? -25.881 7.703   -9.456  1.00 69.19 ? 209 VAL A N   1 
ATOM   1445 C CA  . VAL A 1 209 ? -24.745 8.496   -9.913  1.00 62.48 ? 209 VAL A CA  1 
ATOM   1446 C C   . VAL A 1 209 ? -24.025 9.022   -8.688  1.00 65.92 ? 209 VAL A C   1 
ATOM   1447 O O   . VAL A 1 209 ? -24.651 9.618   -7.801  1.00 64.08 ? 209 VAL A O   1 
ATOM   1448 C CB  . VAL A 1 209 ? -25.202 9.651   -10.822 1.00 64.46 ? 209 VAL A CB  1 
ATOM   1449 C CG1 . VAL A 1 209 ? -23.997 10.492  -11.296 1.00 62.56 ? 209 VAL A CG1 1 
ATOM   1450 C CG2 . VAL A 1 209 ? -25.960 9.091   -12.002 1.00 57.31 ? 209 VAL A CG2 1 
ATOM   1451 N N   . LEU A 1 210 ? -22.713 8.788   -8.625  1.00 63.23 ? 210 LEU A N   1 
ATOM   1452 C CA  . LEU A 1 210 ? -21.921 9.186   -7.464  1.00 65.23 ? 210 LEU A CA  1 
ATOM   1453 C C   . LEU A 1 210 ? -21.274 10.519  -7.781  1.00 57.03 ? 210 LEU A C   1 
ATOM   1454 O O   . LEU A 1 210 ? -20.158 10.589  -8.288  1.00 59.27 ? 210 LEU A O   1 
ATOM   1455 C CB  . LEU A 1 210 ? -20.898 8.123   -7.064  1.00 62.64 ? 210 LEU A CB  1 
ATOM   1456 C CG  . LEU A 1 210 ? -21.616 6.817   -6.780  1.00 65.05 ? 210 LEU A CG  1 
ATOM   1457 C CD1 . LEU A 1 210 ? -20.679 5.690   -6.371  1.00 67.90 ? 210 LEU A CD1 1 
ATOM   1458 C CD2 . LEU A 1 210 ? -22.676 7.039   -5.729  1.00 63.63 ? 210 LEU A CD2 1 
ATOM   1459 N N   . GLN A 1 211 ? -21.999 11.582  -7.468  1.00 62.00 ? 211 GLN A N   1 
ATOM   1460 C CA  . GLN A 1 211 ? -21.492 12.918  -7.692  1.00 61.63 ? 211 GLN A CA  1 
ATOM   1461 C C   . GLN A 1 211 ? -20.536 13.278  -6.568  1.00 55.89 ? 211 GLN A C   1 
ATOM   1462 O O   . GLN A 1 211 ? -20.908 13.270  -5.393  1.00 54.13 ? 211 GLN A O   1 
ATOM   1463 C CB  . GLN A 1 211 ? -22.647 13.903  -7.752  1.00 62.75 ? 211 GLN A CB  1 
ATOM   1464 C CG  . GLN A 1 211 ? -23.624 13.658  -8.868  1.00 62.43 ? 211 GLN A CG  1 
ATOM   1465 C CD  . GLN A 1 211 ? -24.568 14.827  -9.010  1.00 61.48 ? 211 GLN A CD  1 
ATOM   1466 O OE1 . GLN A 1 211 ? -24.150 15.915  -9.410  1.00 56.32 ? 211 GLN A OE1 1 
ATOM   1467 N NE2 . GLN A 1 211 ? -25.830 14.631  -8.629  1.00 58.16 ? 211 GLN A NE2 1 
ATOM   1468 N N   . LEU A 1 212 ? -19.311 13.597  -6.926  1.00 59.11 ? 212 LEU A N   1 
ATOM   1469 C CA  . LEU A 1 212 ? -18.390 14.183  -5.968  1.00 56.79 ? 212 LEU A CA  1 
ATOM   1470 C C   . LEU A 1 212 ? -18.603 15.690  -6.071  1.00 60.67 ? 212 LEU A C   1 
ATOM   1471 O O   . LEU A 1 212 ? -18.121 16.333  -7.003  1.00 55.19 ? 212 LEU A O   1 
ATOM   1472 C CB  . LEU A 1 212 ? -16.960 13.751  -6.269  1.00 54.71 ? 212 LEU A CB  1 
ATOM   1473 C CG  . LEU A 1 212 ? -16.790 12.265  -6.648  1.00 48.37 ? 212 LEU A CG  1 
ATOM   1474 C CD1 . LEU A 1 212 ? -15.340 11.934  -6.878  1.00 48.79 ? 212 LEU A CD1 1 
ATOM   1475 C CD2 . LEU A 1 212 ? -17.358 11.346  -5.587  1.00 49.38 ? 212 LEU A CD2 1 
ATOM   1476 N N   . LYS A 1 213 ? -19.359 16.251  -5.123  1.00 59.49 ? 213 LYS A N   1 
ATOM   1477 C CA  . LYS A 1 213 ? -19.712 17.668  -5.139  1.00 61.97 ? 213 LYS A CA  1 
ATOM   1478 C C   . LYS A 1 213 ? -18.707 18.509  -4.355  1.00 63.70 ? 213 LYS A C   1 
ATOM   1479 O O   . LYS A 1 213 ? -18.112 19.448  -4.897  1.00 68.32 ? 213 LYS A O   1 
ATOM   1480 C CB  . LYS A 1 213 ? -21.134 17.859  -4.583  1.00 60.56 ? 213 LYS A CB  1 
ATOM   1481 N N   . GLN A 1 214 ? -18.508 18.182  -3.082  1.00 65.22 ? 214 GLN A N   1 
ATOM   1482 C CA  . GLN A 1 214 ? -17.602 18.919  -2.212  1.00 61.98 ? 214 GLN A CA  1 
ATOM   1483 C C   . GLN A 1 214 ? -16.809 17.938  -1.351  1.00 58.43 ? 214 GLN A C   1 
ATOM   1484 O O   . GLN A 1 214 ? -17.314 16.865  -1.003  1.00 54.81 ? 214 GLN A O   1 
ATOM   1485 C CB  . GLN A 1 214 ? -18.364 19.901  -1.304  1.00 54.80 ? 214 GLN A CB  1 
ATOM   1486 C CG  . GLN A 1 214 ? -19.298 19.225  -0.295  1.00 56.73 ? 214 GLN A CG  1 
ATOM   1487 C CD  . GLN A 1 214 ? -20.643 18.823  -0.882  1.00 65.74 ? 214 GLN A CD  1 
ATOM   1488 O OE1 . GLN A 1 214 ? -21.023 19.273  -1.966  1.00 66.82 ? 214 GLN A OE1 1 
ATOM   1489 N NE2 . GLN A 1 214 ? -21.380 17.984  -0.155  1.00 65.44 ? 214 GLN A NE2 1 
ATOM   1490 N N   . PRO A 1 215 ? -15.567 18.275  -1.016  1.00 55.64 ? 215 PRO A N   1 
ATOM   1491 C CA  . PRO A 1 215 ? -14.800 17.423  -0.101  1.00 58.59 ? 215 PRO A CA  1 
ATOM   1492 C C   . PRO A 1 215 ? -15.273 17.556  1.334   1.00 54.01 ? 215 PRO A C   1 
ATOM   1493 O O   . PRO A 1 215 ? -15.821 18.580  1.746   1.00 53.86 ? 215 PRO A O   1 
ATOM   1494 C CB  . PRO A 1 215 ? -13.358 17.933  -0.259  1.00 52.03 ? 215 PRO A CB  1 
ATOM   1495 C CG  . PRO A 1 215 ? -13.505 19.336  -0.791  1.00 52.92 ? 215 PRO A CG  1 
ATOM   1496 C CD  . PRO A 1 215 ? -14.728 19.304  -1.655  1.00 52.95 ? 215 PRO A CD  1 
ATOM   1497 N N   . LEU A 1 216 ? -15.086 16.471  2.081   1.00 54.50 ? 216 LEU A N   1 
ATOM   1498 C CA  . LEU A 1 216 ? -15.163 16.467  3.543   1.00 57.70 ? 216 LEU A CA  1 
ATOM   1499 C C   . LEU A 1 216 ? -13.732 16.333  4.055   1.00 53.18 ? 216 LEU A C   1 
ATOM   1500 O O   . LEU A 1 216 ? -13.196 15.231  4.141   1.00 53.22 ? 216 LEU A O   1 
ATOM   1501 C CB  . LEU A 1 216 ? -16.043 15.339  4.064   1.00 54.49 ? 216 LEU A CB  1 
ATOM   1502 C CG  . LEU A 1 216 ? -16.255 15.356  5.582   1.00 56.56 ? 216 LEU A CG  1 
ATOM   1503 C CD1 . LEU A 1 216 ? -17.159 16.523  5.993   1.00 55.33 ? 216 LEU A CD1 1 
ATOM   1504 C CD2 . LEU A 1 216 ? -16.830 14.049  6.049   1.00 50.27 ? 216 LEU A CD2 1 
ATOM   1505 N N   . ASN A 1 217 ? -13.112 17.454  4.385   1.00 54.89 ? 217 ASN A N   1 
ATOM   1506 C CA  . ASN A 1 217 ? -11.699 17.433  4.703   1.00 55.79 ? 217 ASN A CA  1 
ATOM   1507 C C   . ASN A 1 217 ? -11.468 16.900  6.110   1.00 48.52 ? 217 ASN A C   1 
ATOM   1508 O O   . ASN A 1 217 ? -12.357 16.903  6.959   1.00 47.13 ? 217 ASN A O   1 
ATOM   1509 C CB  . ASN A 1 217 ? -11.094 18.827  4.544   1.00 55.32 ? 217 ASN A CB  1 
ATOM   1510 C CG  . ASN A 1 217 ? -11.222 19.348  3.129   1.00 58.75 ? 217 ASN A CG  1 
ATOM   1511 O OD1 . ASN A 1 217 ? -10.617 18.805  2.198   1.00 59.89 ? 217 ASN A OD1 1 
ATOM   1512 N ND2 . ASN A 1 217 ? -12.018 20.396  2.952   1.00 60.66 ? 217 ASN A ND2 1 
ATOM   1513 N N   . THR A 1 218 ? -10.262 16.384  6.335   1.00 50.24 ? 218 THR A N   1 
ATOM   1514 C CA  . THR A 1 218 ? -9.906  16.010  7.694   1.00 56.08 ? 218 THR A CA  1 
ATOM   1515 C C   . THR A 1 218 ? -9.895  17.272  8.542   1.00 56.33 ? 218 THR A C   1 
ATOM   1516 O O   . THR A 1 218 ? -9.734  18.379  8.030   1.00 56.91 ? 218 THR A O   1 
ATOM   1517 C CB  . THR A 1 218 ? -8.551  15.287  7.742   1.00 53.73 ? 218 THR A CB  1 
ATOM   1518 O OG1 . THR A 1 218 ? -7.581  16.008  6.975   1.00 56.07 ? 218 THR A OG1 1 
ATOM   1519 C CG2 . THR A 1 218 ? -8.675  13.864  7.206   1.00 41.70 ? 218 THR A CG2 1 
ATOM   1520 N N   . THR A 1 219 ? -10.140 17.117  9.836   1.00 62.72 ? 219 THR A N   1 
ATOM   1521 C CA  . THR A 1 219 ? -10.227 18.279  10.709  1.00 61.57 ? 219 THR A CA  1 
ATOM   1522 C C   . THR A 1 219 ? -8.936  18.556  11.478  1.00 66.93 ? 219 THR A C   1 
ATOM   1523 O O   . THR A 1 219 ? -8.911  19.495  12.286  1.00 70.32 ? 219 THR A O   1 
ATOM   1524 C CB  . THR A 1 219 ? -11.402 18.121  11.676  1.00 56.31 ? 219 THR A CB  1 
ATOM   1525 O OG1 . THR A 1 219 ? -11.125 17.092  12.624  1.00 51.79 ? 219 THR A OG1 1 
ATOM   1526 C CG2 . THR A 1 219 ? -12.659 17.744  10.907  1.00 51.91 ? 219 THR A CG2 1 
ATOM   1527 N N   . ARG A 1 220 ? -7.864  17.792  11.229  1.00 64.71 ? 220 ARG A N   1 
ATOM   1528 C CA  . ARG A 1 220 ? -6.561  17.992  11.891  1.00 68.18 ? 220 ARG A CA  1 
ATOM   1529 C C   . ARG A 1 220 ? -5.389  17.342  11.097  1.00 71.78 ? 220 ARG A C   1 
ATOM   1530 O O   . ARG A 1 220 ? -4.199  17.308  11.488  1.00 68.09 ? 220 ARG A O   1 
ATOM   1531 C CB  . ARG A 1 220 ? -6.608  17.441  13.327  1.00 64.70 ? 220 ARG A CB  1 
ATOM   1532 O OXT . ARG A 1 220 ? -5.613  16.804  10.006  1.00 70.32 ? 220 ARG A OXT 1 
ATOM   1533 N N   . PRO B 2 5   ? 17.822  -4.597  -11.227 1.00 80.52 ? 970 PRO L N   1 
ATOM   1534 C CA  . PRO B 2 5   ? 16.726  -5.177  -10.430 1.00 78.40 ? 970 PRO L CA  1 
ATOM   1535 C C   . PRO B 2 5   ? 17.070  -6.555  -9.835  1.00 77.25 ? 970 PRO L C   1 
ATOM   1536 O O   . PRO B 2 5   ? 16.229  -7.463  -9.834  1.00 74.87 ? 970 PRO L O   1 
ATOM   1537 C CB  . PRO B 2 5   ? 15.582  -5.285  -11.449 1.00 79.38 ? 970 PRO L CB  1 
ATOM   1538 C CG  . PRO B 2 5   ? 15.846  -4.150  -12.423 1.00 77.20 ? 970 PRO L CG  1 
ATOM   1539 C CD  . PRO B 2 5   ? 17.353  -4.027  -12.507 1.00 78.98 ? 970 PRO L CD  1 
ATOM   1540 N N   . ILE B 2 6   ? 18.290  -6.695  -9.311  1.00 76.40 ? 971 ILE L N   1 
ATOM   1541 C CA  . ILE B 2 6   ? 18.846  -8.017  -9.013  1.00 77.29 ? 971 ILE L CA  1 
ATOM   1542 C C   . ILE B 2 6   ? 18.551  -8.528  -7.590  1.00 71.15 ? 971 ILE L C   1 
ATOM   1543 O O   . ILE B 2 6   ? 18.743  -7.812  -6.600  1.00 65.65 ? 971 ILE L O   1 
ATOM   1544 C CB  . ILE B 2 6   ? 20.367  -8.021  -9.278  1.00 73.97 ? 971 ILE L CB  1 
HETATM 1545 N N   . PTR B 2 7   ? 18.089  -9.783  -7.523  1.00 70.16 ? 972 PTR L N   1 
HETATM 1546 C CA  . PTR B 2 7   ? 17.856  -10.513 -6.266  1.00 71.35 ? 972 PTR L CA  1 
HETATM 1547 C C   . PTR B 2 7   ? 19.097  -11.181 -5.667  1.00 70.99 ? 972 PTR L C   1 
HETATM 1548 O O   . PTR B 2 7   ? 20.217  -11.055 -6.169  1.00 71.11 ? 972 PTR L O   1 
HETATM 1549 C CB  . PTR B 2 7   ? 16.896  -11.695 -6.434  1.00 63.57 ? 972 PTR L CB  1 
HETATM 1550 C CG  . PTR B 2 7   ? 15.430  -11.399 -6.279  1.00 64.27 ? 972 PTR L CG  1 
HETATM 1551 C CD1 . PTR B 2 7   ? 14.687  -12.069 -5.332  1.00 58.83 ? 972 PTR L CD1 1 
HETATM 1552 C CD2 . PTR B 2 7   ? 14.773  -10.477 -7.099  1.00 71.33 ? 972 PTR L CD2 1 
HETATM 1553 C CE1 . PTR B 2 7   ? 13.332  -11.848 -5.190  1.00 59.26 ? 972 PTR L CE1 1 
HETATM 1554 C CE2 . PTR B 2 7   ? 13.403  -10.236 -6.952  1.00 74.00 ? 972 PTR L CE2 1 
HETATM 1555 C CZ  . PTR B 2 7   ? 12.682  -10.936 -5.987  1.00 65.34 ? 972 PTR L CZ  1 
HETATM 1556 O OH  . PTR B 2 7   ? 11.389  -10.793 -5.765  1.00 61.78 ? 972 PTR L OH  1 
HETATM 1557 P P   . PTR B 2 7   ? 10.329  -9.924  -6.624  1.00 63.48 ? 972 PTR L P   1 
HETATM 1558 O O1P . PTR B 2 7   ? 9.774   -10.768 -7.791  1.00 72.55 ? 972 PTR L O1P 1 
HETATM 1559 O O2P . PTR B 2 7   ? 9.212   -9.566  -5.744  1.00 63.18 ? 972 PTR L O2P 1 
HETATM 1560 O O3P . PTR B 2 7   ? 10.896  -8.600  -7.175  1.00 65.08 ? 972 PTR L O3P 1 
ATOM   1561 N N   . ALA B 2 8   ? 18.849  -11.943 -4.603  1.00 71.46 ? 973 ALA L N   1 
ATOM   1562 C CA  . ALA B 2 8   ? 19.896  -12.540 -3.780  1.00 66.76 ? 973 ALA L CA  1 
ATOM   1563 C C   . ALA B 2 8   ? 19.392  -13.792 -3.039  1.00 73.41 ? 973 ALA L C   1 
ATOM   1564 O O   . ALA B 2 8   ? 18.190  -14.116 -3.055  1.00 73.34 ? 973 ALA L O   1 
ATOM   1565 C CB  . ALA B 2 8   ? 20.419  -11.515 -2.780  1.00 53.14 ? 973 ALA L CB  1 
ATOM   1566 N N   . THR B 2 9   ? 20.334  -14.481 -2.391  1.00 75.64 ? 974 THR L N   1 
ATOM   1567 C CA  . THR B 2 9   ? 20.062  -15.646 -1.557  1.00 77.90 ? 974 THR L CA  1 
ATOM   1568 C C   . THR B 2 9   ? 21.055  -15.643 -0.398  1.00 74.00 ? 974 THR L C   1 
ATOM   1569 O O   . THR B 2 9   ? 22.196  -15.194 -0.546  1.00 72.34 ? 974 THR L O   1 
ATOM   1570 C CB  . THR B 2 9   ? 20.164  -16.951 -2.362  1.00 71.52 ? 974 THR L CB  1 
ATOM   1571 N N   . ILE B 2 10  ? 20.617  -16.132 0.760   1.00 72.14 ? 975 ILE L N   1 
ATOM   1572 C CA  . ILE B 2 10  ? 21.466  -16.085 1.950   1.00 80.33 ? 975 ILE L CA  1 
ATOM   1573 C C   . ILE B 2 10  ? 22.077  -17.457 2.231   1.00 84.35 ? 975 ILE L C   1 
ATOM   1574 O O   . ILE B 2 10  ? 23.285  -17.661 2.045   1.00 81.01 ? 975 ILE L O   1 
ATOM   1575 C CB  . ILE B 2 10  ? 20.679  -15.571 3.171   1.00 78.68 ? 975 ILE L CB  1 
ATOM   1576 N N   . ASP B 2 11  ? 21.243  -18.393 2.697   1.00 85.89 ? 976 ASP L N   1 
ATOM   1577 C CA  . ASP B 2 11  ? 21.637  -19.768 3.036   1.00 81.35 ? 976 ASP L CA  1 
ATOM   1578 C C   . ASP B 2 11  ? 22.821  -19.836 4.006   1.00 77.48 ? 976 ASP L C   1 
ATOM   1579 O O   . ASP B 2 11  ? 23.121  -20.895 4.548   1.00 67.54 ? 976 ASP L O   1 
ATOM   1580 C CB  . ASP B 2 11  ? 21.960  -20.556 1.765   1.00 84.42 ? 976 ASP L CB  1 
ATOM   1581 N N   . ILE C 2 6   ? -22.670 -2.557  1.899   1.00 72.58 ? 971 ILE N N   1 
ATOM   1582 C CA  . ILE C 2 6   ? -21.963 -3.183  0.778   1.00 72.58 ? 971 ILE N CA  1 
ATOM   1583 C C   . ILE C 2 6   ? -21.407 -2.143  -0.209  1.00 74.23 ? 971 ILE N C   1 
ATOM   1584 O O   . ILE C 2 6   ? -22.130 -1.282  -0.732  1.00 70.13 ? 971 ILE N O   1 
ATOM   1585 C CB  . ILE C 2 6   ? -22.869 -4.187  0.033   1.00 64.64 ? 971 ILE N CB  1 
HETATM 1586 N N   . PTR C 2 7   ? -20.102 -2.249  -0.444  1.00 66.29 ? 972 PTR N N   1 
HETATM 1587 C CA  . PTR C 2 7   ? -19.376 -1.470  -1.433  1.00 57.39 ? 972 PTR N CA  1 
HETATM 1588 C C   . PTR C 2 7   ? -20.045 -1.599  -2.798  1.00 61.11 ? 972 PTR N C   1 
HETATM 1589 O O   . PTR C 2 7   ? -20.683 -2.615  -3.072  1.00 64.35 ? 972 PTR N O   1 
HETATM 1590 C CB  . PTR C 2 7   ? -17.952 -2.052  -1.479  1.00 51.97 ? 972 PTR N CB  1 
HETATM 1591 C CG  . PTR C 2 7   ? -17.049 -1.612  -0.335  1.00 56.30 ? 972 PTR N CG  1 
HETATM 1592 C CD1 . PTR C 2 7   ? -15.699 -1.417  -0.536  1.00 48.85 ? 972 PTR N CD1 1 
HETATM 1593 C CD2 . PTR C 2 7   ? -17.556 -1.381  0.941   1.00 56.28 ? 972 PTR N CD2 1 
HETATM 1594 C CE1 . PTR C 2 7   ? -14.881 -1.024  0.491   1.00 48.53 ? 972 PTR N CE1 1 
HETATM 1595 C CE2 . PTR C 2 7   ? -16.739 -0.981  1.973   1.00 49.99 ? 972 PTR N CE2 1 
HETATM 1596 C CZ  . PTR C 2 7   ? -15.397 -0.805  1.737   1.00 48.51 ? 972 PTR N CZ  1 
HETATM 1597 O OH  . PTR C 2 7   ? -14.602 -0.400  2.686   1.00 54.43 ? 972 PTR N OH  1 
HETATM 1598 P P   . PTR C 2 7   ? -13.697 -1.376  3.600   1.00 46.50 ? 972 PTR N P   1 
HETATM 1599 O O1P . PTR C 2 7   ? -12.762 -2.140  2.744   1.00 40.54 ? 972 PTR N O1P 1 
HETATM 1600 O O2P . PTR C 2 7   ? -14.641 -2.307  4.365   1.00 50.41 ? 972 PTR N O2P 1 
HETATM 1601 O O3P . PTR C 2 7   ? -12.955 -0.419  4.543   1.00 45.13 ? 972 PTR N O3P 1 
ATOM   1602 N N   . ALA C 2 8   ? -19.875 -0.602  -3.662  1.00 55.32 ? 973 ALA N N   1 
ATOM   1603 C CA  . ALA C 2 8   ? -20.586 -0.574  -4.934  1.00 51.95 ? 973 ALA N CA  1 
ATOM   1604 C C   . ALA C 2 8   ? -19.663 -0.776  -6.121  1.00 58.27 ? 973 ALA N C   1 
ATOM   1605 O O   . ALA C 2 8   ? -18.490 -0.423  -6.074  1.00 59.50 ? 973 ALA N O   1 
ATOM   1606 C CB  . ALA C 2 8   ? -21.335 0.733   -5.075  1.00 52.46 ? 973 ALA N CB  1 
ATOM   1607 N N   . THR C 2 9   ? -20.210 -1.329  -7.198  1.00 65.33 ? 974 THR N N   1 
ATOM   1608 C CA  . THR C 2 9   ? -19.459 -1.653  -8.399  1.00 63.61 ? 974 THR N CA  1 
ATOM   1609 C C   . THR C 2 9   ? -19.752 -0.632  -9.493  1.00 65.65 ? 974 THR N C   1 
ATOM   1610 O O   . THR C 2 9   ? -20.766 0.061   -9.462  1.00 58.47 ? 974 THR N O   1 
ATOM   1611 C CB  . THR C 2 9   ? -19.811 -3.065  -8.882  1.00 71.45 ? 974 THR N CB  1 
ATOM   1612 O OG1 . THR C 2 9   ? -19.885 -3.958  -7.758  1.00 81.47 ? 974 THR N OG1 1 
ATOM   1613 C CG2 . THR C 2 9   ? -18.770 -3.585  -9.856  1.00 74.19 ? 974 THR N CG2 1 
ATOM   1614 N N   . ILE C 2 10  ? -18.841 -0.564  -10.471 1.00 73.89 ? 975 ILE N N   1 
ATOM   1615 C CA  . ILE C 2 10  ? -18.845 0.425   -11.546 1.00 67.99 ? 975 ILE N CA  1 
ATOM   1616 C C   . ILE C 2 10  ? -18.345 -0.185  -12.850 1.00 74.85 ? 975 ILE N C   1 
ATOM   1617 O O   . ILE C 2 10  ? -17.178 -0.586  -12.954 1.00 80.41 ? 975 ILE N O   1 
ATOM   1618 C CB  . ILE C 2 10  ? -17.958 1.613   -11.157 1.00 65.33 ? 975 ILE N CB  1 
ATOM   1619 C CG1 . ILE C 2 10  ? -18.673 2.451   -10.121 1.00 61.55 ? 975 ILE N CG1 1 
ATOM   1620 C CG2 . ILE C 2 10  ? -17.624 2.454   -12.393 1.00 64.87 ? 975 ILE N CG2 1 
ATOM   1621 C CD1 . ILE C 2 10  ? -17.756 3.277   -9.369  1.00 64.64 ? 975 ILE N CD1 1 
ATOM   1622 N N   . ASP C 2 11  ? -19.196 -0.227  -13.867 1.00 80.51 ? 976 ASP N N   1 
ATOM   1623 C CA  . ASP C 2 11  ? -18.781 -0.757  -15.156 1.00 84.25 ? 976 ASP N CA  1 
ATOM   1624 C C   . ASP C 2 11  ? -18.689 0.353   -16.204 1.00 87.67 ? 976 ASP N C   1 
ATOM   1625 O O   . ASP C 2 11  ? -19.287 1.429   -16.061 1.00 77.14 ? 976 ASP N O   1 
ATOM   1626 C CB  . ASP C 2 11  ? -19.739 -1.862  -15.620 1.00 76.91 ? 976 ASP N CB  1 
ATOM   1627 N N   . ASP C 2 12  ? -17.895 0.076   -17.246 1.00 90.70 ? 977 ASP N N   1 
ATOM   1628 C CA  . ASP C 2 12  ? -17.747 0.920   -18.441 1.00 86.39 ? 977 ASP N CA  1 
ATOM   1629 C C   . ASP C 2 12  ? -16.774 0.252   -19.413 1.00 85.34 ? 977 ASP N C   1 
ATOM   1630 O O   . ASP C 2 12  ? -15.552 0.372   -19.267 1.00 83.49 ? 977 ASP N O   1 
ATOM   1631 C CB  . ASP C 2 12  ? -17.247 2.326   -18.095 1.00 84.39 ? 977 ASP N CB  1 
HETATM 1632 O O   . HOH D 3 .   ? 21.923  -2.139  4.397   1.00 52.55 ? 301 HOH A O   1 
HETATM 1633 O O   . HOH D 3 .   ? -9.022  2.298   6.725   1.00 47.54 ? 302 HOH A O   1 
# 
